data_2KKY
#
_entry.id   2KKY
#
_entity_poly.entity_id   1
_entity_poly.type   'polypeptide(L)'
_entity_poly.pdbx_seq_one_letter_code
;SQESIQNKISQCKFSVCPERLQCPLEAIQCPITLEQPEKGIFVKNSDGSDVCTLFDAAAFSRLVGEGLPHPLTREPITAS
IIVKHEECIYDDTRGNFIIKGN
;
_entity_poly.pdbx_strand_id   A
#
# COMPACT_ATOMS: atom_id res chain seq x y z
N SER A 1 11.63 -3.65 12.31
CA SER A 1 12.67 -4.42 11.62
C SER A 1 12.52 -4.23 10.10
N GLN A 2 13.47 -3.49 9.50
CA GLN A 2 13.44 -3.11 8.06
C GLN A 2 13.43 -4.34 7.16
N GLU A 3 14.21 -5.37 7.54
CA GLU A 3 14.34 -6.62 6.76
C GLU A 3 13.00 -7.38 6.72
N SER A 4 12.23 -7.30 7.82
CA SER A 4 10.90 -7.95 7.93
C SER A 4 9.88 -7.23 7.03
N ILE A 5 10.09 -5.91 6.89
CA ILE A 5 9.29 -5.05 5.99
C ILE A 5 9.60 -5.40 4.53
N GLN A 6 10.90 -5.61 4.23
CA GLN A 6 11.38 -6.00 2.89
C GLN A 6 10.78 -7.36 2.47
N ASN A 7 10.82 -8.35 3.41
CA ASN A 7 10.20 -9.68 3.20
C ASN A 7 8.71 -9.53 2.95
N LYS A 8 8.06 -8.66 3.76
CA LYS A 8 6.63 -8.40 3.67
C LYS A 8 6.25 -7.94 2.27
N ILE A 9 6.89 -6.88 1.82
CA ILE A 9 6.57 -6.25 0.53
C ILE A 9 6.85 -7.21 -0.65
N SER A 10 7.79 -8.16 -0.45
CA SER A 10 8.16 -9.16 -1.46
C SER A 10 7.05 -10.22 -1.66
N GLN A 11 6.40 -10.69 -0.58
CA GLN A 11 5.40 -11.80 -0.64
C GLN A 11 3.94 -11.29 -0.52
N CYS A 12 3.73 -10.27 0.31
CA CYS A 12 2.41 -9.65 0.56
C CYS A 12 1.94 -8.77 -0.62
N LYS A 13 2.85 -8.49 -1.57
CA LYS A 13 2.49 -7.81 -2.83
C LYS A 13 1.52 -8.66 -3.68
N PHE A 14 1.00 -8.04 -4.75
CA PHE A 14 0.00 -8.65 -5.65
C PHE A 14 -0.07 -7.87 -6.96
N SER A 15 -0.65 -8.50 -7.98
CA SER A 15 -0.83 -7.90 -9.31
C SER A 15 -1.81 -6.71 -9.28
N VAL A 16 -1.26 -5.50 -9.14
CA VAL A 16 -2.04 -4.26 -9.15
C VAL A 16 -2.36 -3.83 -10.58
N CYS A 17 -3.50 -4.31 -11.06
CA CYS A 17 -3.98 -4.04 -12.40
C CYS A 17 -5.50 -3.79 -12.32
N PRO A 18 -6.06 -2.84 -13.15
CA PRO A 18 -7.51 -2.52 -13.12
C PRO A 18 -8.39 -3.73 -13.53
N GLU A 19 -7.79 -4.70 -14.26
CA GLU A 19 -8.43 -5.98 -14.61
C GLU A 19 -8.65 -6.86 -13.36
N ARG A 20 -7.69 -6.82 -12.41
CA ARG A 20 -7.70 -7.67 -11.20
C ARG A 20 -8.59 -7.03 -10.11
N LEU A 21 -8.26 -5.77 -9.78
CA LEU A 21 -8.85 -5.02 -8.66
C LEU A 21 -10.21 -4.37 -8.99
N GLN A 22 -10.52 -4.29 -10.31
CA GLN A 22 -11.82 -3.77 -10.84
C GLN A 22 -12.06 -2.29 -10.46
N CYS A 23 -10.97 -1.58 -10.15
CA CYS A 23 -10.99 -0.14 -9.83
C CYS A 23 -10.29 0.63 -10.95
N PRO A 24 -10.62 1.95 -11.17
CA PRO A 24 -9.88 2.81 -12.13
C PRO A 24 -8.38 2.91 -11.78
N LEU A 25 -7.56 3.30 -12.78
CA LEU A 25 -6.09 3.39 -12.66
C LEU A 25 -5.72 4.32 -11.49
N GLU A 26 -6.35 5.50 -11.48
CA GLU A 26 -6.18 6.53 -10.44
C GLU A 26 -6.42 5.98 -9.01
N ALA A 27 -7.44 5.12 -8.88
CA ALA A 27 -7.85 4.54 -7.58
C ALA A 27 -6.77 3.61 -7.01
N ILE A 28 -6.10 2.87 -7.91
CA ILE A 28 -5.08 1.86 -7.53
C ILE A 28 -3.66 2.40 -7.74
N GLN A 29 -3.57 3.70 -8.10
CA GLN A 29 -2.32 4.33 -8.54
C GLN A 29 -1.35 4.51 -7.37
N CYS A 30 -0.08 4.15 -7.60
CA CYS A 30 1.01 4.38 -6.65
C CYS A 30 1.26 5.89 -6.51
N PRO A 31 1.10 6.48 -5.28
CA PRO A 31 1.39 7.92 -5.04
C PRO A 31 2.87 8.26 -5.29
N ILE A 32 3.73 7.24 -5.12
CA ILE A 32 5.19 7.39 -5.22
C ILE A 32 5.61 7.57 -6.69
N THR A 33 5.16 6.64 -7.56
CA THR A 33 5.56 6.58 -8.98
C THR A 33 4.49 7.18 -9.92
N LEU A 34 3.40 7.72 -9.34
CA LEU A 34 2.24 8.37 -10.04
C LEU A 34 1.72 7.55 -11.26
N GLU A 35 1.83 6.23 -11.18
CA GLU A 35 1.47 5.32 -12.29
C GLU A 35 0.88 4.02 -11.71
N GLN A 36 0.43 3.11 -12.60
CA GLN A 36 -0.02 1.76 -12.22
C GLN A 36 1.18 1.00 -11.62
N PRO A 37 1.11 0.57 -10.33
CA PRO A 37 2.14 -0.30 -9.74
C PRO A 37 2.44 -1.55 -10.59
N GLU A 38 1.34 -2.21 -11.08
CA GLU A 38 1.38 -3.51 -11.82
C GLU A 38 1.63 -4.66 -10.82
N LYS A 39 2.59 -4.45 -9.92
CA LYS A 39 2.85 -5.27 -8.76
C LYS A 39 3.10 -4.31 -7.60
N GLY A 40 2.12 -4.20 -6.71
CA GLY A 40 2.21 -3.32 -5.54
C GLY A 40 1.61 -3.97 -4.32
N ILE A 41 1.41 -3.18 -3.25
CA ILE A 41 1.05 -3.74 -1.95
C ILE A 41 0.19 -2.75 -1.14
N PHE A 42 -0.85 -3.29 -0.46
CA PHE A 42 -1.72 -2.52 0.45
C PHE A 42 -0.98 -2.22 1.76
N VAL A 43 -0.68 -0.94 1.97
CA VAL A 43 -0.03 -0.43 3.18
C VAL A 43 -0.84 0.77 3.70
N LYS A 44 -1.04 0.84 5.02
CA LYS A 44 -1.72 1.96 5.68
C LYS A 44 -1.00 3.28 5.44
N ASN A 45 -1.80 4.36 5.36
CA ASN A 45 -1.28 5.72 5.48
C ASN A 45 -0.79 5.91 6.92
N SER A 46 -1.65 5.54 7.89
CA SER A 46 -1.37 5.63 9.32
C SER A 46 -1.94 4.37 10.01
N ASP A 47 -1.19 3.86 11.01
CA ASP A 47 -1.41 2.54 11.62
C ASP A 47 -2.76 2.47 12.38
N GLY A 48 -3.00 3.44 13.27
CA GLY A 48 -4.20 3.48 14.12
C GLY A 48 -5.41 4.13 13.44
N SER A 49 -5.52 3.92 12.12
CA SER A 49 -6.60 4.48 11.30
C SER A 49 -7.07 3.41 10.29
N ASP A 50 -8.21 3.66 9.61
CA ASP A 50 -8.74 2.75 8.57
C ASP A 50 -8.18 3.09 7.19
N VAL A 51 -7.56 4.27 7.08
CA VAL A 51 -7.08 4.80 5.79
C VAL A 51 -5.88 3.97 5.27
N CYS A 52 -6.17 3.13 4.28
CA CYS A 52 -5.18 2.30 3.58
C CYS A 52 -4.98 2.86 2.17
N THR A 53 -3.74 2.84 1.69
CA THR A 53 -3.38 3.34 0.37
C THR A 53 -2.54 2.28 -0.37
N LEU A 54 -2.73 2.19 -1.67
CA LEU A 54 -2.03 1.22 -2.50
C LEU A 54 -0.80 1.88 -3.14
N PHE A 55 0.38 1.28 -2.87
CA PHE A 55 1.67 1.76 -3.33
C PHE A 55 2.27 0.75 -4.31
N ASP A 56 3.33 1.15 -5.01
CA ASP A 56 4.14 0.24 -5.82
C ASP A 56 5.06 -0.56 -4.90
N ALA A 57 5.23 -1.86 -5.18
CA ALA A 57 5.99 -2.77 -4.33
C ALA A 57 7.48 -2.38 -4.31
N ALA A 58 8.06 -2.16 -5.50
CA ALA A 58 9.50 -1.86 -5.63
C ALA A 58 9.82 -0.47 -5.08
N ALA A 59 8.91 0.48 -5.31
CA ALA A 59 9.06 1.90 -4.95
C ALA A 59 8.95 2.12 -3.45
N PHE A 60 7.98 1.43 -2.82
CA PHE A 60 7.75 1.52 -1.38
C PHE A 60 8.87 0.78 -0.64
N SER A 61 9.28 -0.40 -1.16
CA SER A 61 10.34 -1.23 -0.56
C SER A 61 11.67 -0.47 -0.50
N ARG A 62 12.08 0.15 -1.63
CA ARG A 62 13.33 0.92 -1.70
C ARG A 62 13.26 2.16 -0.78
N LEU A 63 12.05 2.78 -0.69
CA LEU A 63 11.79 3.95 0.18
C LEU A 63 12.07 3.59 1.67
N VAL A 64 11.59 2.40 2.08
CA VAL A 64 11.85 1.84 3.42
C VAL A 64 13.36 1.59 3.61
N GLY A 65 13.98 1.07 2.53
CA GLY A 65 15.41 0.75 2.52
C GLY A 65 16.30 1.99 2.66
N GLU A 66 15.83 3.14 2.13
CA GLU A 66 16.53 4.43 2.25
C GLU A 66 16.42 4.99 3.68
N GLY A 67 15.50 4.42 4.48
CA GLY A 67 15.28 4.82 5.86
C GLY A 67 14.47 6.10 5.96
N LEU A 68 13.61 6.32 4.96
CA LEU A 68 12.79 7.53 4.85
C LEU A 68 11.50 7.36 5.67
N PRO A 69 10.85 8.49 6.11
CA PRO A 69 9.50 8.43 6.74
C PRO A 69 8.42 8.17 5.68
N HIS A 70 7.17 7.96 6.13
CA HIS A 70 6.05 7.62 5.27
C HIS A 70 5.83 8.70 4.18
N PRO A 71 5.67 8.30 2.87
CA PRO A 71 5.54 9.27 1.76
C PRO A 71 4.38 10.27 1.97
N LEU A 72 3.25 9.76 2.51
CA LEU A 72 2.01 10.55 2.63
C LEU A 72 1.98 11.39 3.92
N THR A 73 2.21 10.73 5.06
CA THR A 73 1.94 11.33 6.39
C THR A 73 3.23 11.55 7.22
N ARG A 74 4.36 11.01 6.71
CA ARG A 74 5.72 11.16 7.30
C ARG A 74 5.82 10.52 8.71
N GLU A 75 4.94 9.55 8.98
CA GLU A 75 4.99 8.70 10.18
C GLU A 75 6.06 7.59 10.02
N PRO A 76 6.50 6.90 11.12
CA PRO A 76 7.48 5.80 11.04
C PRO A 76 6.92 4.59 10.26
N ILE A 77 7.54 4.27 9.10
CA ILE A 77 7.18 3.07 8.33
C ILE A 77 7.61 1.80 9.09
N THR A 78 6.67 0.87 9.19
CA THR A 78 6.84 -0.39 9.89
C THR A 78 6.14 -1.52 9.11
N ALA A 79 6.30 -2.76 9.58
CA ALA A 79 5.57 -3.91 9.05
C ALA A 79 4.12 -3.91 9.60
N SER A 80 3.93 -3.24 10.76
CA SER A 80 2.63 -3.14 11.43
C SER A 80 1.60 -2.38 10.57
N ILE A 81 2.06 -1.41 9.74
CA ILE A 81 1.17 -0.67 8.80
C ILE A 81 0.87 -1.49 7.55
N ILE A 82 1.76 -2.44 7.20
CA ILE A 82 1.57 -3.32 6.04
C ILE A 82 0.46 -4.34 6.34
N VAL A 83 -0.61 -4.31 5.54
CA VAL A 83 -1.83 -5.10 5.77
C VAL A 83 -2.19 -5.96 4.53
N LYS A 84 -3.17 -6.86 4.72
CA LYS A 84 -3.58 -7.86 3.69
C LYS A 84 -4.40 -7.25 2.54
N HIS A 85 -4.70 -8.11 1.54
CA HIS A 85 -5.58 -7.77 0.42
C HIS A 85 -7.04 -7.57 0.89
N GLU A 86 -7.49 -8.48 1.79
CA GLU A 86 -8.86 -8.47 2.33
C GLU A 86 -9.14 -7.18 3.10
N GLU A 87 -8.14 -6.76 3.90
CA GLU A 87 -8.10 -5.47 4.61
C GLU A 87 -8.60 -4.33 3.71
N CYS A 88 -7.77 -3.93 2.75
CA CYS A 88 -7.96 -2.69 2.00
C CYS A 88 -8.83 -2.95 0.76
N ILE A 89 -10.06 -2.41 0.79
CA ILE A 89 -11.08 -2.62 -0.26
C ILE A 89 -11.53 -1.24 -0.78
N TYR A 90 -11.34 -0.99 -2.10
CA TYR A 90 -11.66 0.33 -2.70
C TYR A 90 -13.15 0.65 -2.55
N ASP A 91 -13.46 1.60 -1.68
CA ASP A 91 -14.80 2.17 -1.55
C ASP A 91 -14.80 3.50 -2.30
N ASP A 92 -15.59 3.56 -3.38
CA ASP A 92 -15.69 4.74 -4.25
C ASP A 92 -16.26 5.97 -3.51
N THR A 93 -17.21 5.73 -2.58
CA THR A 93 -17.87 6.80 -1.81
C THR A 93 -16.85 7.57 -0.93
N ARG A 94 -15.92 6.81 -0.30
CA ARG A 94 -14.84 7.40 0.51
C ARG A 94 -13.70 7.87 -0.41
N GLY A 95 -13.54 7.17 -1.55
CA GLY A 95 -12.45 7.38 -2.49
C GLY A 95 -11.13 6.80 -2.02
N ASN A 96 -11.21 5.78 -1.14
CA ASN A 96 -10.03 5.20 -0.46
C ASN A 96 -10.32 3.74 -0.09
N PHE A 97 -9.24 3.00 0.20
CA PHE A 97 -9.32 1.59 0.60
C PHE A 97 -9.67 1.49 2.11
N ILE A 98 -10.80 0.85 2.38
CA ILE A 98 -11.38 0.74 3.75
C ILE A 98 -11.05 -0.65 4.27
N ILE A 99 -11.10 -0.85 5.59
CA ILE A 99 -10.60 -2.08 6.23
C ILE A 99 -11.68 -3.16 6.40
N LYS A 100 -11.26 -4.41 6.15
CA LYS A 100 -12.04 -5.64 6.29
C LYS A 100 -11.06 -6.70 6.86
N GLY A 101 -10.99 -6.77 8.19
CA GLY A 101 -10.12 -7.72 8.89
C GLY A 101 -9.85 -7.28 10.32
N ASN A 102 -9.97 -5.96 10.57
CA ASN A 102 -9.84 -5.37 11.92
C ASN A 102 -11.18 -5.53 12.67
N SER A 1 12.45 -5.81 12.39
CA SER A 1 13.67 -5.23 11.77
C SER A 1 13.35 -4.61 10.40
N GLN A 2 14.36 -3.91 9.80
CA GLN A 2 14.23 -3.26 8.49
C GLN A 2 14.02 -4.30 7.37
N GLU A 3 14.80 -5.40 7.46
CA GLU A 3 14.77 -6.51 6.48
C GLU A 3 13.43 -7.26 6.55
N SER A 4 12.78 -7.21 7.73
CA SER A 4 11.48 -7.86 7.99
C SER A 4 10.40 -7.17 7.14
N ILE A 5 10.55 -5.83 7.03
CA ILE A 5 9.64 -4.97 6.25
C ILE A 5 9.83 -5.23 4.73
N GLN A 6 11.10 -5.32 4.29
CA GLN A 6 11.48 -5.58 2.89
C GLN A 6 10.92 -6.94 2.40
N ASN A 7 11.23 -8.01 3.14
CA ASN A 7 10.79 -9.39 2.83
C ASN A 7 9.26 -9.48 2.86
N LYS A 8 8.63 -8.70 3.76
CA LYS A 8 7.18 -8.56 3.82
C LYS A 8 6.65 -8.11 2.47
N ILE A 9 7.18 -6.98 1.99
CA ILE A 9 6.74 -6.34 0.73
C ILE A 9 6.91 -7.29 -0.48
N SER A 10 7.84 -8.26 -0.33
CA SER A 10 8.17 -9.22 -1.38
C SER A 10 7.04 -10.28 -1.53
N GLN A 11 6.44 -10.67 -0.40
CA GLN A 11 5.37 -11.73 -0.34
C GLN A 11 3.97 -11.15 -0.10
N CYS A 12 3.91 -9.91 0.40
CA CYS A 12 2.66 -9.21 0.79
C CYS A 12 2.08 -8.45 -0.40
N LYS A 13 2.92 -8.26 -1.43
CA LYS A 13 2.50 -7.69 -2.71
C LYS A 13 1.50 -8.60 -3.46
N PHE A 14 1.03 -8.08 -4.58
CA PHE A 14 0.11 -8.74 -5.50
C PHE A 14 0.19 -8.02 -6.84
N SER A 15 -0.25 -8.69 -7.91
CA SER A 15 -0.27 -8.12 -9.25
C SER A 15 -1.41 -7.06 -9.37
N VAL A 16 -1.00 -5.78 -9.23
CA VAL A 16 -1.89 -4.62 -9.33
C VAL A 16 -2.33 -4.37 -10.79
N CYS A 17 -3.51 -4.90 -11.11
CA CYS A 17 -4.18 -4.73 -12.39
C CYS A 17 -5.59 -4.17 -12.12
N PRO A 18 -6.08 -3.16 -12.93
CA PRO A 18 -7.37 -2.47 -12.68
C PRO A 18 -8.58 -3.42 -12.82
N GLU A 19 -8.44 -4.42 -13.71
CA GLU A 19 -9.44 -5.48 -13.95
C GLU A 19 -9.63 -6.39 -12.72
N ARG A 20 -8.50 -6.70 -12.05
CA ARG A 20 -8.47 -7.66 -10.91
C ARG A 20 -8.97 -7.01 -9.62
N LEU A 21 -8.67 -5.72 -9.47
CA LEU A 21 -9.08 -4.90 -8.31
C LEU A 21 -10.48 -4.27 -8.47
N GLN A 22 -11.04 -4.32 -9.71
CA GLN A 22 -12.37 -3.73 -10.04
C GLN A 22 -12.42 -2.23 -9.68
N CYS A 23 -11.29 -1.55 -9.86
CA CYS A 23 -11.11 -0.14 -9.50
C CYS A 23 -10.36 0.58 -10.63
N PRO A 24 -10.68 1.90 -10.94
CA PRO A 24 -10.00 2.68 -12.00
C PRO A 24 -8.47 2.80 -11.75
N LEU A 25 -7.73 3.22 -12.79
CA LEU A 25 -6.26 3.34 -12.72
C LEU A 25 -5.86 4.32 -11.61
N GLU A 26 -6.54 5.49 -11.54
CA GLU A 26 -6.33 6.51 -10.48
C GLU A 26 -6.46 5.91 -9.07
N ALA A 27 -7.44 5.00 -8.91
CA ALA A 27 -7.77 4.37 -7.62
C ALA A 27 -6.64 3.45 -7.13
N ILE A 28 -5.94 2.83 -8.09
CA ILE A 28 -4.87 1.85 -7.81
C ILE A 28 -3.48 2.48 -8.05
N GLN A 29 -3.45 3.76 -8.48
CA GLN A 29 -2.23 4.42 -8.95
C GLN A 29 -1.29 4.69 -7.75
N CYS A 30 -0.04 4.24 -7.87
CA CYS A 30 0.97 4.39 -6.82
C CYS A 30 1.29 5.89 -6.61
N PRO A 31 1.13 6.44 -5.36
CA PRO A 31 1.48 7.85 -5.03
C PRO A 31 2.97 8.18 -5.30
N ILE A 32 3.82 7.14 -5.30
CA ILE A 32 5.28 7.28 -5.43
C ILE A 32 5.68 7.34 -6.92
N THR A 33 5.29 6.31 -7.70
CA THR A 33 5.70 6.16 -9.11
C THR A 33 4.67 6.80 -10.08
N LEU A 34 3.61 7.44 -9.53
CA LEU A 34 2.52 8.14 -10.27
C LEU A 34 1.97 7.34 -11.48
N GLU A 35 1.99 6.01 -11.37
CA GLU A 35 1.63 5.09 -12.47
C GLU A 35 0.92 3.85 -11.92
N GLN A 36 0.45 2.96 -12.82
CA GLN A 36 -0.01 1.62 -12.43
C GLN A 36 1.18 0.83 -11.88
N PRO A 37 1.13 0.37 -10.60
CA PRO A 37 2.19 -0.48 -10.02
C PRO A 37 2.52 -1.73 -10.85
N GLU A 38 1.47 -2.48 -11.32
CA GLU A 38 1.59 -3.82 -11.95
C GLU A 38 1.84 -4.88 -10.85
N LYS A 39 2.78 -4.57 -9.96
CA LYS A 39 3.09 -5.32 -8.74
C LYS A 39 3.17 -4.28 -7.62
N GLY A 40 2.21 -4.32 -6.70
CA GLY A 40 2.18 -3.38 -5.59
C GLY A 40 1.62 -4.02 -4.34
N ILE A 41 1.49 -3.23 -3.27
CA ILE A 41 1.23 -3.75 -1.93
C ILE A 41 0.28 -2.79 -1.16
N PHE A 42 -0.74 -3.38 -0.52
CA PHE A 42 -1.64 -2.66 0.38
C PHE A 42 -0.91 -2.40 1.72
N VAL A 43 -0.65 -1.11 1.98
CA VAL A 43 -0.03 -0.64 3.23
C VAL A 43 -0.90 0.49 3.81
N LYS A 44 -1.07 0.49 5.14
CA LYS A 44 -1.78 1.53 5.89
C LYS A 44 -1.12 2.90 5.69
N ASN A 45 -1.95 3.95 5.64
CA ASN A 45 -1.49 5.33 5.82
C ASN A 45 -1.07 5.51 7.31
N SER A 46 -1.97 5.05 8.19
CA SER A 46 -1.75 5.00 9.64
C SER A 46 -2.38 3.71 10.18
N ASP A 47 -1.68 3.07 11.14
CA ASP A 47 -2.01 1.71 11.61
C ASP A 47 -3.35 1.68 12.36
N GLY A 48 -3.48 2.59 13.35
CA GLY A 48 -4.66 2.67 14.23
C GLY A 48 -5.81 3.50 13.67
N SER A 49 -5.95 3.49 12.33
CA SER A 49 -7.07 4.12 11.61
C SER A 49 -7.48 3.20 10.45
N ASP A 50 -8.69 3.41 9.91
CA ASP A 50 -9.28 2.57 8.84
C ASP A 50 -8.87 3.05 7.44
N VAL A 51 -7.73 3.77 7.35
CA VAL A 51 -7.24 4.34 6.09
C VAL A 51 -6.02 3.54 5.58
N CYS A 52 -6.22 2.87 4.43
CA CYS A 52 -5.16 2.15 3.71
C CYS A 52 -4.88 2.83 2.36
N THR A 53 -3.75 2.48 1.75
CA THR A 53 -3.32 3.01 0.45
C THR A 53 -2.52 1.93 -0.30
N LEU A 54 -2.70 1.87 -1.62
CA LEU A 54 -1.94 0.98 -2.49
C LEU A 54 -0.70 1.72 -3.02
N PHE A 55 0.46 1.12 -2.82
CA PHE A 55 1.74 1.64 -3.33
C PHE A 55 2.33 0.63 -4.31
N ASP A 56 3.34 1.07 -5.07
CA ASP A 56 4.15 0.17 -5.91
C ASP A 56 5.10 -0.59 -5.00
N ALA A 57 5.26 -1.89 -5.25
CA ALA A 57 6.03 -2.80 -4.38
C ALA A 57 7.51 -2.39 -4.31
N ALA A 58 8.11 -2.09 -5.47
CA ALA A 58 9.54 -1.76 -5.57
C ALA A 58 9.83 -0.34 -5.08
N ALA A 59 8.86 0.56 -5.31
CA ALA A 59 8.97 1.99 -4.97
C ALA A 59 8.87 2.22 -3.47
N PHE A 60 7.92 1.50 -2.84
CA PHE A 60 7.71 1.57 -1.40
C PHE A 60 8.86 0.87 -0.68
N SER A 61 9.31 -0.28 -1.24
CA SER A 61 10.41 -1.07 -0.67
C SER A 61 11.74 -0.28 -0.65
N ARG A 62 12.03 0.48 -1.74
CA ARG A 62 13.25 1.31 -1.79
C ARG A 62 13.14 2.47 -0.78
N LEU A 63 11.93 3.05 -0.67
CA LEU A 63 11.62 4.17 0.25
C LEU A 63 11.90 3.76 1.72
N VAL A 64 11.47 2.53 2.06
CA VAL A 64 11.74 1.89 3.37
C VAL A 64 13.26 1.62 3.53
N GLY A 65 13.89 1.17 2.43
CA GLY A 65 15.32 0.83 2.41
C GLY A 65 16.22 2.06 2.51
N GLU A 66 15.68 3.25 2.22
CA GLU A 66 16.36 4.54 2.46
C GLU A 66 16.25 4.93 3.95
N GLY A 67 15.17 4.45 4.60
CA GLY A 67 14.81 4.88 5.95
C GLY A 67 14.00 6.16 5.93
N LEU A 68 13.28 6.38 4.82
CA LEU A 68 12.44 7.56 4.60
C LEU A 68 11.06 7.38 5.28
N PRO A 69 10.44 8.47 5.84
CA PRO A 69 9.10 8.42 6.48
C PRO A 69 7.98 8.16 5.46
N HIS A 70 6.74 7.97 5.96
CA HIS A 70 5.57 7.63 5.13
C HIS A 70 5.34 8.69 4.03
N PRO A 71 5.26 8.29 2.71
CA PRO A 71 5.14 9.23 1.56
C PRO A 71 3.90 10.14 1.66
N LEU A 72 2.87 9.66 2.36
CA LEU A 72 1.65 10.44 2.61
C LEU A 72 1.77 11.30 3.89
N THR A 73 1.81 10.64 5.06
CA THR A 73 1.55 11.30 6.36
C THR A 73 2.82 11.43 7.25
N ARG A 74 3.97 10.93 6.75
CA ARG A 74 5.30 11.07 7.42
C ARG A 74 5.41 10.28 8.74
N GLU A 75 4.52 9.28 8.91
CA GLU A 75 4.56 8.36 10.06
C GLU A 75 5.68 7.30 9.87
N PRO A 76 6.15 6.64 10.99
CA PRO A 76 7.21 5.60 10.92
C PRO A 76 6.73 4.34 10.17
N ILE A 77 7.27 4.14 8.94
CA ILE A 77 6.98 2.94 8.15
C ILE A 77 7.58 1.71 8.84
N THR A 78 6.68 0.84 9.30
CA THR A 78 7.03 -0.36 10.04
C THR A 78 6.28 -1.56 9.42
N ALA A 79 6.66 -2.78 9.83
CA ALA A 79 5.99 -4.02 9.37
C ALA A 79 4.52 -4.05 9.84
N SER A 80 4.24 -3.39 10.98
CA SER A 80 2.89 -3.30 11.58
C SER A 80 1.85 -2.72 10.60
N ILE A 81 2.23 -1.66 9.83
CA ILE A 81 1.28 -0.98 8.91
C ILE A 81 1.07 -1.77 7.60
N ILE A 82 1.98 -2.70 7.29
CA ILE A 82 1.86 -3.57 6.11
C ILE A 82 0.71 -4.58 6.32
N VAL A 83 -0.35 -4.45 5.52
CA VAL A 83 -1.58 -5.26 5.67
C VAL A 83 -1.77 -6.22 4.48
N LYS A 84 -2.72 -7.17 4.67
CA LYS A 84 -3.09 -8.17 3.66
C LYS A 84 -3.98 -7.54 2.57
N HIS A 85 -4.36 -8.37 1.56
CA HIS A 85 -5.06 -7.93 0.36
C HIS A 85 -6.54 -7.56 0.62
N GLU A 86 -7.11 -8.17 1.66
CA GLU A 86 -8.55 -8.14 1.97
C GLU A 86 -8.94 -6.78 2.56
N GLU A 87 -8.27 -6.43 3.69
CA GLU A 87 -8.13 -5.09 4.28
C GLU A 87 -8.60 -3.94 3.37
N CYS A 88 -7.76 -3.57 2.42
CA CYS A 88 -7.90 -2.31 1.69
C CYS A 88 -8.82 -2.50 0.48
N ILE A 89 -10.01 -1.88 0.54
CA ILE A 89 -11.04 -1.99 -0.50
C ILE A 89 -11.41 -0.55 -0.96
N TYR A 90 -11.13 -0.24 -2.23
CA TYR A 90 -11.39 1.09 -2.79
C TYR A 90 -12.90 1.38 -2.77
N ASP A 91 -13.27 2.35 -1.93
CA ASP A 91 -14.62 2.88 -1.86
C ASP A 91 -14.60 4.23 -2.56
N ASP A 92 -15.36 4.34 -3.66
CA ASP A 92 -15.43 5.55 -4.51
C ASP A 92 -16.10 6.74 -3.76
N THR A 93 -17.07 6.44 -2.88
CA THR A 93 -17.78 7.47 -2.09
C THR A 93 -16.80 8.16 -1.10
N ARG A 94 -15.93 7.36 -0.44
CA ARG A 94 -14.89 7.87 0.48
C ARG A 94 -13.68 8.38 -0.32
N GLY A 95 -13.51 7.82 -1.53
CA GLY A 95 -12.43 8.18 -2.45
C GLY A 95 -11.08 7.53 -2.08
N ASN A 96 -11.11 6.42 -1.32
CA ASN A 96 -9.88 5.74 -0.86
C ASN A 96 -10.19 4.32 -0.32
N PHE A 97 -9.12 3.53 -0.08
CA PHE A 97 -9.19 2.17 0.46
C PHE A 97 -9.58 2.19 1.96
N ILE A 98 -10.65 1.45 2.28
CA ILE A 98 -11.22 1.32 3.63
C ILE A 98 -10.91 -0.11 4.13
N ILE A 99 -10.86 -0.32 5.46
CA ILE A 99 -10.37 -1.58 6.06
C ILE A 99 -11.46 -2.67 6.17
N LYS A 100 -11.03 -3.91 5.86
CA LYS A 100 -11.84 -5.12 5.83
C LYS A 100 -10.98 -6.27 6.38
N GLY A 101 -11.05 -6.47 7.71
CA GLY A 101 -10.36 -7.58 8.39
C GLY A 101 -11.28 -8.75 8.64
N ASN A 102 -12.60 -8.49 8.58
CA ASN A 102 -13.65 -9.50 8.79
C ASN A 102 -14.97 -8.95 8.20
N SER A 1 11.06 -4.35 12.29
CA SER A 1 12.43 -4.19 11.75
C SER A 1 12.36 -4.02 10.23
N GLN A 2 13.32 -3.24 9.67
CA GLN A 2 13.40 -2.92 8.22
C GLN A 2 13.43 -4.20 7.36
N GLU A 3 14.18 -5.22 7.83
CA GLU A 3 14.37 -6.51 7.14
C GLU A 3 13.02 -7.22 6.95
N SER A 4 12.21 -7.22 8.02
CA SER A 4 10.90 -7.91 8.05
C SER A 4 9.91 -7.23 7.09
N ILE A 5 10.09 -5.90 6.93
CA ILE A 5 9.29 -5.07 6.02
C ILE A 5 9.68 -5.40 4.55
N GLN A 6 10.99 -5.52 4.30
CA GLN A 6 11.55 -5.85 2.98
C GLN A 6 11.04 -7.21 2.48
N ASN A 7 11.04 -8.21 3.38
CA ASN A 7 10.50 -9.55 3.10
C ASN A 7 9.01 -9.43 2.77
N LYS A 8 8.29 -8.63 3.59
CA LYS A 8 6.85 -8.40 3.45
C LYS A 8 6.51 -7.91 2.05
N ILE A 9 7.17 -6.84 1.64
CA ILE A 9 6.88 -6.18 0.36
C ILE A 9 7.21 -7.12 -0.83
N SER A 10 8.15 -8.06 -0.59
CA SER A 10 8.56 -9.06 -1.60
C SER A 10 7.51 -10.19 -1.79
N GLN A 11 6.94 -10.70 -0.69
CA GLN A 11 5.99 -11.86 -0.70
C GLN A 11 4.51 -11.40 -0.77
N CYS A 12 4.19 -10.40 0.05
CA CYS A 12 2.83 -9.84 0.24
C CYS A 12 2.36 -8.94 -0.93
N LYS A 13 3.29 -8.63 -1.86
CA LYS A 13 2.95 -7.91 -3.10
C LYS A 13 2.00 -8.74 -4.01
N PHE A 14 1.54 -8.11 -5.10
CA PHE A 14 0.58 -8.73 -6.03
C PHE A 14 0.54 -7.95 -7.36
N SER A 15 -0.08 -8.55 -8.40
CA SER A 15 -0.29 -7.90 -9.70
C SER A 15 -1.35 -6.80 -9.60
N VAL A 16 -0.88 -5.55 -9.45
CA VAL A 16 -1.73 -4.36 -9.41
C VAL A 16 -2.15 -3.95 -10.83
N CYS A 17 -3.31 -4.45 -11.24
CA CYS A 17 -3.95 -4.09 -12.51
C CYS A 17 -5.45 -3.85 -12.25
N PRO A 18 -6.08 -2.82 -12.93
CA PRO A 18 -7.45 -2.34 -12.61
C PRO A 18 -8.53 -3.41 -12.85
N GLU A 19 -8.34 -4.17 -13.93
CA GLU A 19 -9.25 -5.25 -14.36
C GLU A 19 -9.18 -6.48 -13.42
N ARG A 20 -8.06 -6.62 -12.68
CA ARG A 20 -7.88 -7.68 -11.68
C ARG A 20 -8.52 -7.27 -10.34
N LEU A 21 -8.25 -6.03 -9.96
CA LEU A 21 -8.70 -5.44 -8.68
C LEU A 21 -10.12 -4.88 -8.69
N GLN A 22 -10.79 -4.84 -9.87
CA GLN A 22 -12.16 -4.30 -10.03
C GLN A 22 -12.25 -2.79 -9.67
N CYS A 23 -11.09 -2.12 -9.56
CA CYS A 23 -10.97 -0.72 -9.11
C CYS A 23 -10.29 0.12 -10.21
N PRO A 24 -10.70 1.41 -10.43
CA PRO A 24 -10.08 2.30 -11.45
C PRO A 24 -8.59 2.58 -11.14
N LEU A 25 -7.87 3.11 -12.15
CA LEU A 25 -6.41 3.32 -12.09
C LEU A 25 -6.02 4.24 -10.91
N GLU A 26 -6.68 5.41 -10.81
CA GLU A 26 -6.39 6.41 -9.76
C GLU A 26 -6.59 5.81 -8.34
N ALA A 27 -7.56 4.89 -8.21
CA ALA A 27 -7.90 4.23 -6.94
C ALA A 27 -6.74 3.33 -6.47
N ILE A 28 -6.07 2.69 -7.43
CA ILE A 28 -4.98 1.71 -7.18
C ILE A 28 -3.59 2.34 -7.46
N GLN A 29 -3.57 3.65 -7.78
CA GLN A 29 -2.39 4.35 -8.30
C GLN A 29 -1.32 4.49 -7.21
N CYS A 30 -0.07 4.09 -7.54
CA CYS A 30 1.07 4.28 -6.65
C CYS A 30 1.33 5.79 -6.50
N PRO A 31 1.17 6.36 -5.25
CA PRO A 31 1.39 7.81 -4.99
C PRO A 31 2.82 8.26 -5.31
N ILE A 32 3.77 7.32 -5.12
CA ILE A 32 5.20 7.56 -5.28
C ILE A 32 5.53 7.78 -6.78
N THR A 33 5.00 6.87 -7.63
CA THR A 33 5.29 6.88 -9.08
C THR A 33 4.16 7.56 -9.88
N LEU A 34 3.12 8.07 -9.16
CA LEU A 34 1.88 8.71 -9.72
C LEU A 34 1.30 7.96 -10.95
N GLU A 35 1.39 6.63 -10.92
CA GLU A 35 0.97 5.76 -12.04
C GLU A 35 0.70 4.34 -11.52
N GLN A 36 0.24 3.43 -12.42
CA GLN A 36 -0.07 2.03 -12.06
C GLN A 36 1.20 1.32 -11.56
N PRO A 37 1.18 0.72 -10.34
CA PRO A 37 2.28 -0.14 -9.86
C PRO A 37 2.62 -1.31 -10.84
N GLU A 38 1.57 -2.06 -11.27
CA GLU A 38 1.68 -3.36 -12.00
C GLU A 38 2.00 -4.50 -11.00
N LYS A 39 2.94 -4.22 -10.09
CA LYS A 39 3.29 -5.05 -8.94
C LYS A 39 3.46 -4.12 -7.74
N GLY A 40 2.54 -4.22 -6.77
CA GLY A 40 2.57 -3.38 -5.57
C GLY A 40 2.01 -4.09 -4.37
N ILE A 41 1.77 -3.35 -3.27
CA ILE A 41 1.39 -3.94 -1.97
C ILE A 41 0.48 -2.96 -1.19
N PHE A 42 -0.56 -3.51 -0.54
CA PHE A 42 -1.49 -2.74 0.33
C PHE A 42 -0.80 -2.38 1.65
N VAL A 43 -0.62 -1.07 1.87
CA VAL A 43 0.02 -0.53 3.07
C VAL A 43 -0.81 0.68 3.58
N LYS A 44 -1.08 0.71 4.88
CA LYS A 44 -1.78 1.83 5.56
C LYS A 44 -1.05 3.15 5.36
N ASN A 45 -1.83 4.19 5.10
CA ASN A 45 -1.35 5.56 5.15
C ASN A 45 -1.07 5.93 6.62
N SER A 46 -2.08 5.72 7.48
CA SER A 46 -1.99 6.04 8.92
C SER A 46 -2.47 4.82 9.73
N ASP A 47 -1.61 4.35 10.65
CA ASP A 47 -1.78 3.10 11.43
C ASP A 47 -3.11 3.07 12.20
N GLY A 48 -3.37 4.11 13.02
CA GLY A 48 -4.57 4.18 13.85
C GLY A 48 -5.78 4.81 13.15
N SER A 49 -5.94 4.51 11.85
CA SER A 49 -7.10 4.93 11.03
C SER A 49 -7.56 3.75 10.16
N ASP A 50 -8.50 3.99 9.21
CA ASP A 50 -8.96 2.95 8.23
C ASP A 50 -8.40 3.23 6.84
N VAL A 51 -7.52 4.25 6.73
CA VAL A 51 -7.02 4.73 5.44
C VAL A 51 -5.83 3.86 4.99
N CYS A 52 -6.12 2.96 4.06
CA CYS A 52 -5.12 2.14 3.36
C CYS A 52 -4.86 2.75 1.99
N THR A 53 -3.65 2.54 1.48
CA THR A 53 -3.23 3.07 0.19
C THR A 53 -2.37 2.03 -0.51
N LEU A 54 -2.55 1.90 -1.82
CA LEU A 54 -1.81 0.95 -2.63
C LEU A 54 -0.58 1.64 -3.25
N PHE A 55 0.60 1.08 -2.95
CA PHE A 55 1.89 1.60 -3.39
C PHE A 55 2.51 0.61 -4.37
N ASP A 56 3.53 1.06 -5.10
CA ASP A 56 4.34 0.17 -5.94
C ASP A 56 5.34 -0.59 -5.05
N ALA A 57 5.55 -1.88 -5.36
CA ALA A 57 6.38 -2.79 -4.56
C ALA A 57 7.86 -2.36 -4.59
N ALA A 58 8.36 -2.02 -5.78
CA ALA A 58 9.77 -1.64 -5.97
C ALA A 58 10.03 -0.24 -5.35
N ALA A 59 9.06 0.66 -5.52
CA ALA A 59 9.15 2.06 -5.06
C ALA A 59 9.14 2.14 -3.53
N PHE A 60 8.21 1.41 -2.92
CA PHE A 60 8.00 1.42 -1.46
C PHE A 60 9.14 0.65 -0.76
N SER A 61 9.60 -0.46 -1.37
CA SER A 61 10.68 -1.30 -0.78
C SER A 61 12.01 -0.53 -0.68
N ARG A 62 12.39 0.19 -1.76
CA ARG A 62 13.63 0.99 -1.76
C ARG A 62 13.52 2.11 -0.70
N LEU A 63 12.33 2.74 -0.62
CA LEU A 63 12.00 3.85 0.32
C LEU A 63 12.26 3.41 1.78
N VAL A 64 11.75 2.23 2.13
CA VAL A 64 11.96 1.61 3.45
C VAL A 64 13.45 1.31 3.68
N GLY A 65 14.10 0.79 2.63
CA GLY A 65 15.53 0.44 2.66
C GLY A 65 16.45 1.65 2.89
N GLU A 66 15.99 2.84 2.44
CA GLU A 66 16.68 4.12 2.69
C GLU A 66 16.54 4.53 4.18
N GLY A 67 15.44 4.09 4.79
CA GLY A 67 15.09 4.45 6.17
C GLY A 67 14.28 5.73 6.24
N LEU A 68 13.51 5.99 5.17
CA LEU A 68 12.68 7.20 5.02
C LEU A 68 11.33 7.02 5.75
N PRO A 69 10.68 8.15 6.21
CA PRO A 69 9.30 8.10 6.75
C PRO A 69 8.26 7.83 5.63
N HIS A 70 6.99 7.71 6.01
CA HIS A 70 5.90 7.40 5.07
C HIS A 70 5.78 8.50 3.97
N PRO A 71 5.67 8.11 2.65
CA PRO A 71 5.64 9.09 1.52
C PRO A 71 4.49 10.12 1.65
N LEU A 72 3.36 9.67 2.19
CA LEU A 72 2.15 10.50 2.32
C LEU A 72 2.18 11.33 3.61
N THR A 73 2.02 10.66 4.75
CA THR A 73 1.75 11.31 6.05
C THR A 73 2.99 11.32 6.99
N ARG A 74 4.10 10.71 6.52
CA ARG A 74 5.42 10.73 7.19
C ARG A 74 5.39 10.00 8.56
N GLU A 75 4.50 9.01 8.67
CA GLU A 75 4.44 8.07 9.81
C GLU A 75 5.62 7.06 9.75
N PRO A 76 6.01 6.44 10.91
CA PRO A 76 7.07 5.41 10.95
C PRO A 76 6.62 4.13 10.19
N ILE A 77 7.24 3.89 9.01
CA ILE A 77 6.95 2.69 8.20
C ILE A 77 7.38 1.43 8.94
N THR A 78 6.43 0.50 9.06
CA THR A 78 6.60 -0.75 9.82
C THR A 78 5.73 -1.85 9.19
N ALA A 79 5.92 -3.09 9.64
CA ALA A 79 5.09 -4.23 9.22
C ALA A 79 3.65 -4.11 9.76
N SER A 80 3.49 -3.33 10.84
CA SER A 80 2.19 -3.06 11.48
C SER A 80 1.24 -2.30 10.53
N ILE A 81 1.78 -1.33 9.75
CA ILE A 81 0.97 -0.58 8.77
C ILE A 81 0.73 -1.42 7.50
N ILE A 82 1.65 -2.35 7.19
CA ILE A 82 1.47 -3.25 6.03
C ILE A 82 0.29 -4.20 6.31
N VAL A 83 -0.75 -4.10 5.47
CA VAL A 83 -2.03 -4.84 5.63
C VAL A 83 -2.35 -5.68 4.39
N LYS A 84 -3.37 -6.55 4.53
CA LYS A 84 -3.77 -7.52 3.49
C LYS A 84 -4.76 -6.93 2.47
N HIS A 85 -5.08 -7.78 1.46
CA HIS A 85 -6.14 -7.53 0.47
C HIS A 85 -7.54 -7.46 1.14
N GLU A 86 -7.71 -8.30 2.18
CA GLU A 86 -8.97 -8.44 2.95
C GLU A 86 -9.28 -7.13 3.69
N GLU A 87 -8.21 -6.55 4.25
CA GLU A 87 -8.24 -5.25 4.91
C GLU A 87 -8.69 -4.16 3.91
N CYS A 88 -7.88 -3.87 2.89
CA CYS A 88 -8.04 -2.68 2.05
C CYS A 88 -9.05 -2.93 0.92
N ILE A 89 -10.20 -2.23 0.96
CA ILE A 89 -11.26 -2.32 -0.06
C ILE A 89 -11.55 -0.91 -0.61
N TYR A 90 -11.52 -0.72 -1.94
CA TYR A 90 -11.83 0.60 -2.52
C TYR A 90 -13.32 0.94 -2.31
N ASP A 91 -13.56 1.88 -1.38
CA ASP A 91 -14.90 2.44 -1.13
C ASP A 91 -15.02 3.67 -2.03
N ASP A 92 -15.98 3.63 -2.97
CA ASP A 92 -16.20 4.71 -3.96
C ASP A 92 -16.60 6.03 -3.29
N THR A 93 -17.40 5.91 -2.21
CA THR A 93 -17.96 7.07 -1.49
C THR A 93 -16.87 7.78 -0.63
N ARG A 94 -15.84 7.02 -0.21
CA ARG A 94 -14.65 7.60 0.45
C ARG A 94 -13.63 8.05 -0.61
N GLY A 95 -13.59 7.32 -1.73
CA GLY A 95 -12.59 7.50 -2.79
C GLY A 95 -11.23 6.92 -2.42
N ASN A 96 -11.22 5.88 -1.54
CA ASN A 96 -9.98 5.32 -0.95
C ASN A 96 -10.22 3.91 -0.38
N PHE A 97 -9.11 3.15 -0.17
CA PHE A 97 -9.15 1.80 0.46
C PHE A 97 -9.44 1.92 1.97
N ILE A 98 -10.50 1.23 2.42
CA ILE A 98 -10.97 1.23 3.82
C ILE A 98 -10.74 -0.16 4.41
N ILE A 99 -10.32 -0.22 5.68
CA ILE A 99 -9.92 -1.47 6.34
C ILE A 99 -11.12 -2.29 6.83
N LYS A 100 -11.05 -3.59 6.54
CA LYS A 100 -11.95 -4.63 7.02
C LYS A 100 -11.09 -5.72 7.66
N GLY A 101 -11.04 -5.70 9.01
CA GLY A 101 -10.21 -6.61 9.79
C GLY A 101 -10.98 -7.77 10.42
N ASN A 102 -12.17 -8.06 9.87
CA ASN A 102 -12.96 -9.23 10.25
C ASN A 102 -12.45 -10.44 9.41
N SER A 1 11.65 -4.83 12.87
CA SER A 1 12.68 -5.43 12.00
C SER A 1 12.56 -4.87 10.57
N GLN A 2 13.67 -4.32 10.03
CA GLN A 2 13.71 -3.75 8.66
C GLN A 2 13.48 -4.84 7.62
N GLU A 3 14.15 -5.99 7.84
CA GLU A 3 14.10 -7.15 6.95
C GLU A 3 12.67 -7.69 6.82
N SER A 4 11.87 -7.55 7.90
CA SER A 4 10.50 -8.07 7.94
C SER A 4 9.59 -7.21 7.05
N ILE A 5 9.86 -5.89 7.05
CA ILE A 5 9.11 -4.92 6.22
C ILE A 5 9.39 -5.20 4.73
N GLN A 6 10.70 -5.29 4.39
CA GLN A 6 11.17 -5.56 3.01
C GLN A 6 10.60 -6.89 2.47
N ASN A 7 10.70 -7.94 3.30
CA ASN A 7 10.18 -9.29 2.99
C ASN A 7 8.66 -9.27 2.79
N LYS A 8 7.96 -8.45 3.61
CA LYS A 8 6.50 -8.26 3.47
C LYS A 8 6.19 -7.71 2.08
N ILE A 9 6.90 -6.64 1.73
CA ILE A 9 6.73 -5.96 0.44
C ILE A 9 7.12 -6.88 -0.75
N SER A 10 7.87 -7.97 -0.44
CA SER A 10 8.36 -8.93 -1.45
C SER A 10 7.35 -10.06 -1.74
N GLN A 11 6.73 -10.63 -0.69
CA GLN A 11 5.84 -11.82 -0.83
C GLN A 11 4.36 -11.48 -0.57
N CYS A 12 4.11 -10.47 0.26
CA CYS A 12 2.74 -10.00 0.61
C CYS A 12 2.20 -9.03 -0.46
N LYS A 13 3.06 -8.65 -1.43
CA LYS A 13 2.65 -7.87 -2.62
C LYS A 13 1.67 -8.68 -3.52
N PHE A 14 1.19 -8.03 -4.57
CA PHE A 14 0.31 -8.65 -5.58
C PHE A 14 0.42 -7.87 -6.90
N SER A 15 -0.05 -8.50 -7.98
CA SER A 15 -0.08 -7.89 -9.31
C SER A 15 -1.22 -6.85 -9.41
N VAL A 16 -0.83 -5.56 -9.27
CA VAL A 16 -1.75 -4.42 -9.37
C VAL A 16 -2.04 -4.09 -10.86
N CYS A 17 -3.08 -4.74 -11.38
CA CYS A 17 -3.59 -4.48 -12.71
C CYS A 17 -5.09 -4.11 -12.59
N PRO A 18 -5.57 -3.07 -13.34
CA PRO A 18 -6.88 -2.43 -13.10
C PRO A 18 -8.09 -3.36 -13.36
N GLU A 19 -7.94 -4.34 -14.28
CA GLU A 19 -9.02 -5.28 -14.63
C GLU A 19 -9.06 -6.49 -13.66
N ARG A 20 -7.92 -6.76 -12.97
CA ARG A 20 -7.88 -7.77 -11.88
C ARG A 20 -8.69 -7.26 -10.68
N LEU A 21 -8.32 -6.05 -10.25
CA LEU A 21 -8.98 -5.34 -9.15
C LEU A 21 -10.37 -4.79 -9.53
N GLN A 22 -10.63 -4.67 -10.86
CA GLN A 22 -11.88 -4.12 -11.44
C GLN A 22 -12.13 -2.66 -10.98
N CYS A 23 -11.04 -1.97 -10.61
CA CYS A 23 -11.05 -0.58 -10.14
C CYS A 23 -10.40 0.32 -11.21
N PRO A 24 -10.84 1.62 -11.34
CA PRO A 24 -10.18 2.60 -12.24
C PRO A 24 -8.68 2.79 -11.87
N LEU A 25 -7.86 3.17 -12.86
CA LEU A 25 -6.39 3.28 -12.69
C LEU A 25 -6.03 4.27 -11.57
N GLU A 26 -6.72 5.43 -11.55
CA GLU A 26 -6.55 6.47 -10.50
C GLU A 26 -6.73 5.90 -9.07
N ALA A 27 -7.73 5.00 -8.91
CA ALA A 27 -8.09 4.40 -7.61
C ALA A 27 -6.93 3.55 -7.05
N ILE A 28 -6.18 2.91 -7.95
CA ILE A 28 -5.10 1.96 -7.60
C ILE A 28 -3.70 2.57 -7.84
N GLN A 29 -3.67 3.86 -8.25
CA GLN A 29 -2.45 4.52 -8.73
C GLN A 29 -1.49 4.77 -7.56
N CYS A 30 -0.23 4.30 -7.71
CA CYS A 30 0.80 4.45 -6.69
C CYS A 30 1.10 5.94 -6.43
N PRO A 31 0.85 6.46 -5.18
CA PRO A 31 1.08 7.89 -4.85
C PRO A 31 2.58 8.24 -4.70
N ILE A 32 3.45 7.26 -4.96
CA ILE A 32 4.91 7.45 -5.03
C ILE A 32 5.32 7.70 -6.50
N THR A 33 4.89 6.78 -7.40
CA THR A 33 5.36 6.73 -8.81
C THR A 33 4.33 7.29 -9.81
N LEU A 34 3.24 7.90 -9.29
CA LEU A 34 2.13 8.56 -10.08
C LEU A 34 1.63 7.72 -11.29
N GLU A 35 1.72 6.38 -11.18
CA GLU A 35 1.39 5.46 -12.29
C GLU A 35 0.80 4.15 -11.73
N GLN A 36 0.40 3.25 -12.65
CA GLN A 36 0.00 1.87 -12.31
C GLN A 36 1.21 1.16 -11.69
N PRO A 37 1.13 0.67 -10.43
CA PRO A 37 2.19 -0.14 -9.82
C PRO A 37 2.61 -1.35 -10.70
N GLU A 38 1.60 -2.10 -11.22
CA GLU A 38 1.76 -3.42 -11.90
C GLU A 38 2.01 -4.51 -10.85
N LYS A 39 2.91 -4.21 -9.91
CA LYS A 39 3.21 -5.00 -8.73
C LYS A 39 3.24 -4.00 -7.57
N GLY A 40 2.29 -4.10 -6.64
CA GLY A 40 2.22 -3.21 -5.49
C GLY A 40 1.73 -3.92 -4.26
N ILE A 41 1.54 -3.18 -3.18
CA ILE A 41 1.21 -3.78 -1.87
C ILE A 41 0.32 -2.82 -1.05
N PHE A 42 -0.72 -3.40 -0.40
CA PHE A 42 -1.65 -2.69 0.48
C PHE A 42 -0.99 -2.38 1.83
N VAL A 43 -0.70 -1.08 2.06
CA VAL A 43 -0.12 -0.58 3.29
C VAL A 43 -0.95 0.63 3.78
N LYS A 44 -1.14 0.75 5.10
CA LYS A 44 -1.82 1.90 5.74
C LYS A 44 -1.24 3.26 5.28
N ASN A 45 -2.13 4.24 5.10
CA ASN A 45 -1.75 5.66 5.03
C ASN A 45 -1.14 6.07 6.38
N SER A 46 -1.81 5.66 7.48
CA SER A 46 -1.38 5.92 8.85
C SER A 46 -1.79 4.72 9.74
N ASP A 47 -0.96 4.43 10.76
CA ASP A 47 -1.08 3.23 11.61
C ASP A 47 -2.43 3.20 12.37
N GLY A 48 -2.69 4.25 13.16
CA GLY A 48 -3.86 4.29 14.05
C GLY A 48 -5.10 4.88 13.39
N SER A 49 -5.29 4.56 12.10
CA SER A 49 -6.47 4.97 11.33
C SER A 49 -6.76 3.89 10.28
N ASP A 50 -8.05 3.57 10.05
CA ASP A 50 -8.49 2.49 9.13
C ASP A 50 -8.39 2.89 7.63
N VAL A 51 -7.59 3.91 7.33
CA VAL A 51 -7.31 4.34 5.96
C VAL A 51 -6.06 3.60 5.42
N CYS A 52 -6.30 2.80 4.38
CA CYS A 52 -5.27 2.06 3.65
C CYS A 52 -4.99 2.77 2.32
N THR A 53 -3.85 2.46 1.72
CA THR A 53 -3.43 3.01 0.42
C THR A 53 -2.63 1.96 -0.35
N LEU A 54 -2.83 1.91 -1.67
CA LEU A 54 -2.09 1.01 -2.54
C LEU A 54 -0.87 1.73 -3.13
N PHE A 55 0.30 1.17 -2.83
CA PHE A 55 1.60 1.69 -3.28
C PHE A 55 2.18 0.75 -4.32
N ASP A 56 3.28 1.17 -4.95
CA ASP A 56 4.10 0.28 -5.79
C ASP A 56 5.06 -0.50 -4.86
N ALA A 57 5.28 -1.78 -5.19
CA ALA A 57 6.08 -2.68 -4.36
C ALA A 57 7.57 -2.27 -4.38
N ALA A 58 8.12 -2.03 -5.58
CA ALA A 58 9.55 -1.70 -5.74
C ALA A 58 9.86 -0.29 -5.21
N ALA A 59 8.87 0.60 -5.32
CA ALA A 59 8.99 2.02 -4.91
C ALA A 59 8.90 2.16 -3.40
N PHE A 60 7.97 1.40 -2.78
CA PHE A 60 7.74 1.46 -1.34
C PHE A 60 8.90 0.73 -0.62
N SER A 61 9.35 -0.42 -1.19
CA SER A 61 10.44 -1.22 -0.59
C SER A 61 11.77 -0.44 -0.57
N ARG A 62 12.10 0.26 -1.69
CA ARG A 62 13.32 1.09 -1.72
C ARG A 62 13.20 2.22 -0.69
N LEU A 63 12.01 2.85 -0.63
CA LEU A 63 11.70 4.01 0.25
C LEU A 63 11.99 3.69 1.73
N VAL A 64 11.49 2.53 2.18
CA VAL A 64 11.77 2.01 3.54
C VAL A 64 13.28 1.82 3.73
N GLY A 65 13.90 1.18 2.72
CA GLY A 65 15.33 0.84 2.76
C GLY A 65 16.25 2.05 2.67
N GLU A 66 15.72 3.20 2.20
CA GLU A 66 16.46 4.49 2.18
C GLU A 66 16.62 5.01 3.63
N GLY A 67 15.66 4.61 4.49
CA GLY A 67 15.52 5.16 5.84
C GLY A 67 14.59 6.36 5.88
N LEU A 68 13.77 6.50 4.81
CA LEU A 68 12.79 7.58 4.67
C LEU A 68 11.50 7.21 5.40
N PRO A 69 10.76 8.21 5.99
CA PRO A 69 9.44 7.96 6.64
C PRO A 69 8.34 7.73 5.58
N HIS A 70 7.08 7.66 6.03
CA HIS A 70 5.95 7.35 5.14
C HIS A 70 5.76 8.44 4.05
N PRO A 71 5.54 8.07 2.74
CA PRO A 71 5.35 9.04 1.62
C PRO A 71 4.22 10.06 1.88
N LEU A 72 3.14 9.59 2.55
CA LEU A 72 1.92 10.38 2.74
C LEU A 72 1.95 11.18 4.05
N THR A 73 2.09 10.48 5.18
CA THR A 73 1.93 11.09 6.52
C THR A 73 3.28 11.35 7.21
N ARG A 74 4.34 10.71 6.69
CA ARG A 74 5.73 10.81 7.21
C ARG A 74 5.85 10.21 8.63
N GLU A 75 5.03 9.17 8.90
CA GLU A 75 5.15 8.31 10.09
C GLU A 75 6.24 7.23 9.89
N PRO A 76 6.78 6.63 11.00
CA PRO A 76 7.75 5.50 10.89
C PRO A 76 7.09 4.26 10.23
N ILE A 77 7.53 3.93 9.00
CA ILE A 77 7.06 2.74 8.26
C ILE A 77 7.47 1.48 9.02
N THR A 78 6.49 0.67 9.39
CA THR A 78 6.65 -0.57 10.16
C THR A 78 6.00 -1.73 9.39
N ALA A 79 6.33 -2.96 9.76
CA ALA A 79 5.70 -4.17 9.18
C ALA A 79 4.22 -4.27 9.62
N SER A 80 3.90 -3.63 10.76
CA SER A 80 2.55 -3.56 11.33
C SER A 80 1.56 -2.80 10.41
N ILE A 81 1.99 -1.66 9.80
CA ILE A 81 1.11 -0.85 8.91
C ILE A 81 0.82 -1.60 7.60
N ILE A 82 1.68 -2.56 7.25
CA ILE A 82 1.46 -3.43 6.09
C ILE A 82 0.32 -4.42 6.44
N VAL A 83 -0.80 -4.30 5.72
CA VAL A 83 -2.07 -4.99 6.04
C VAL A 83 -2.41 -6.04 4.96
N LYS A 84 -3.55 -6.76 5.11
CA LYS A 84 -4.00 -7.76 4.11
C LYS A 84 -4.76 -7.10 2.94
N HIS A 85 -4.98 -7.90 1.88
CA HIS A 85 -5.82 -7.54 0.72
C HIS A 85 -7.29 -7.49 1.16
N GLU A 86 -7.64 -8.44 2.05
CA GLU A 86 -8.98 -8.59 2.63
C GLU A 86 -9.36 -7.34 3.42
N GLU A 87 -8.35 -6.76 4.09
CA GLU A 87 -8.48 -5.49 4.80
C GLU A 87 -8.79 -4.33 3.83
N CYS A 88 -7.90 -4.05 2.87
CA CYS A 88 -7.98 -2.82 2.06
C CYS A 88 -8.95 -3.01 0.89
N ILE A 89 -10.10 -2.31 0.97
CA ILE A 89 -11.20 -2.44 0.02
C ILE A 89 -11.50 -1.05 -0.57
N TYR A 90 -11.47 -0.91 -1.91
CA TYR A 90 -11.80 0.36 -2.57
C TYR A 90 -13.28 0.73 -2.29
N ASP A 91 -13.45 1.79 -1.49
CA ASP A 91 -14.75 2.36 -1.16
C ASP A 91 -14.93 3.62 -2.01
N ASP A 92 -15.99 3.65 -2.83
CA ASP A 92 -16.29 4.78 -3.76
C ASP A 92 -16.66 6.07 -3.00
N THR A 93 -17.41 5.91 -1.90
CA THR A 93 -17.89 7.05 -1.08
C THR A 93 -16.70 7.79 -0.40
N ARG A 94 -15.63 7.02 -0.08
CA ARG A 94 -14.36 7.58 0.44
C ARG A 94 -13.43 7.96 -0.73
N GLY A 95 -13.52 7.21 -1.83
CA GLY A 95 -12.62 7.36 -2.98
C GLY A 95 -11.24 6.73 -2.73
N ASN A 96 -11.18 5.79 -1.77
CA ASN A 96 -9.91 5.25 -1.23
C ASN A 96 -10.13 3.87 -0.56
N PHE A 97 -9.02 3.09 -0.41
CA PHE A 97 -9.03 1.76 0.23
C PHE A 97 -9.20 1.90 1.76
N ILE A 98 -10.21 1.20 2.32
CA ILE A 98 -10.55 1.25 3.76
C ILE A 98 -10.37 -0.16 4.35
N ILE A 99 -10.05 -0.24 5.64
CA ILE A 99 -9.70 -1.50 6.31
C ILE A 99 -10.97 -2.29 6.73
N LYS A 100 -10.89 -3.61 6.54
CA LYS A 100 -11.94 -4.57 6.81
C LYS A 100 -11.24 -5.92 7.10
N GLY A 101 -10.71 -6.06 8.33
CA GLY A 101 -9.94 -7.24 8.75
C GLY A 101 -10.82 -8.33 9.33
N ASN A 102 -11.49 -7.99 10.45
CA ASN A 102 -12.38 -8.90 11.18
C ASN A 102 -13.33 -8.09 12.06
N SER A 1 11.60 -5.23 12.61
CA SER A 1 12.91 -5.22 11.93
C SER A 1 12.72 -4.78 10.46
N GLN A 2 13.79 -4.21 9.87
CA GLN A 2 13.79 -3.79 8.46
C GLN A 2 13.59 -5.00 7.54
N GLU A 3 14.21 -6.14 7.93
CA GLU A 3 14.16 -7.39 7.18
C GLU A 3 12.70 -7.90 7.07
N SER A 4 11.91 -7.70 8.15
CA SER A 4 10.52 -8.16 8.21
C SER A 4 9.66 -7.33 7.24
N ILE A 5 9.94 -6.01 7.20
CA ILE A 5 9.24 -5.06 6.33
C ILE A 5 9.51 -5.39 4.84
N GLN A 6 10.79 -5.60 4.52
CA GLN A 6 11.26 -5.94 3.17
C GLN A 6 10.66 -7.28 2.69
N ASN A 7 10.71 -8.31 3.58
CA ASN A 7 10.09 -9.65 3.32
C ASN A 7 8.59 -9.50 3.04
N LYS A 8 7.92 -8.62 3.83
CA LYS A 8 6.49 -8.34 3.70
C LYS A 8 6.20 -7.86 2.28
N ILE A 9 6.89 -6.79 1.88
CA ILE A 9 6.64 -6.13 0.60
C ILE A 9 7.01 -7.05 -0.60
N SER A 10 7.83 -8.08 -0.35
CA SER A 10 8.21 -9.09 -1.36
C SER A 10 7.05 -10.10 -1.65
N GLN A 11 6.36 -10.57 -0.60
CA GLN A 11 5.33 -11.66 -0.73
C GLN A 11 3.89 -11.17 -0.51
N CYS A 12 3.71 -10.25 0.46
CA CYS A 12 2.40 -9.59 0.74
C CYS A 12 1.95 -8.66 -0.41
N LYS A 13 2.87 -8.35 -1.35
CA LYS A 13 2.53 -7.65 -2.61
C LYS A 13 1.56 -8.50 -3.47
N PHE A 14 1.03 -7.86 -4.53
CA PHE A 14 0.09 -8.51 -5.45
C PHE A 14 0.13 -7.81 -6.81
N SER A 15 -0.34 -8.51 -7.85
CA SER A 15 -0.40 -7.98 -9.22
C SER A 15 -1.49 -6.88 -9.34
N VAL A 16 -1.07 -5.62 -9.20
CA VAL A 16 -1.95 -4.44 -9.31
C VAL A 16 -2.29 -4.15 -10.79
N CYS A 17 -3.39 -4.74 -11.24
CA CYS A 17 -3.92 -4.54 -12.58
C CYS A 17 -5.40 -4.12 -12.46
N PRO A 18 -5.86 -3.08 -13.24
CA PRO A 18 -7.26 -2.56 -13.16
C PRO A 18 -8.31 -3.59 -13.62
N GLU A 19 -7.86 -4.59 -14.41
CA GLU A 19 -8.70 -5.73 -14.83
C GLU A 19 -8.99 -6.66 -13.63
N ARG A 20 -7.97 -6.87 -12.78
CA ARG A 20 -8.04 -7.80 -11.63
C ARG A 20 -8.84 -7.17 -10.49
N LEU A 21 -8.42 -5.96 -10.10
CA LEU A 21 -9.04 -5.18 -9.01
C LEU A 21 -10.42 -4.64 -9.41
N GLN A 22 -10.68 -4.55 -10.73
CA GLN A 22 -11.96 -4.04 -11.31
C GLN A 22 -12.24 -2.58 -10.87
N CYS A 23 -11.17 -1.88 -10.46
CA CYS A 23 -11.21 -0.47 -10.03
C CYS A 23 -10.44 0.37 -11.06
N PRO A 24 -10.81 1.68 -11.28
CA PRO A 24 -10.10 2.58 -12.22
C PRO A 24 -8.61 2.74 -11.88
N LEU A 25 -7.80 3.13 -12.89
CA LEU A 25 -6.33 3.22 -12.78
C LEU A 25 -5.93 4.16 -11.63
N GLU A 26 -6.55 5.35 -11.61
CA GLU A 26 -6.27 6.39 -10.61
C GLU A 26 -6.59 5.91 -9.18
N ALA A 27 -7.63 5.07 -9.04
CA ALA A 27 -8.07 4.51 -7.75
C ALA A 27 -6.99 3.59 -7.16
N ILE A 28 -6.30 2.84 -8.04
CA ILE A 28 -5.28 1.83 -7.65
C ILE A 28 -3.86 2.36 -7.89
N GLN A 29 -3.77 3.64 -8.25
CA GLN A 29 -2.51 4.28 -8.70
C GLN A 29 -1.52 4.42 -7.53
N CYS A 30 -0.24 4.13 -7.80
CA CYS A 30 0.84 4.38 -6.85
C CYS A 30 1.07 5.89 -6.74
N PRO A 31 0.93 6.51 -5.53
CA PRO A 31 1.18 7.97 -5.34
C PRO A 31 2.67 8.34 -5.53
N ILE A 32 3.56 7.34 -5.34
CA ILE A 32 5.02 7.53 -5.42
C ILE A 32 5.44 7.71 -6.89
N THR A 33 4.96 6.81 -7.76
CA THR A 33 5.35 6.78 -9.19
C THR A 33 4.26 7.43 -10.09
N LEU A 34 3.19 7.96 -9.46
CA LEU A 34 1.97 8.55 -10.12
C LEU A 34 1.43 7.70 -11.30
N GLU A 35 1.64 6.37 -11.26
CA GLU A 35 1.24 5.46 -12.34
C GLU A 35 0.80 4.10 -11.76
N GLN A 36 0.32 3.19 -12.63
CA GLN A 36 -0.08 1.82 -12.24
C GLN A 36 1.13 1.10 -11.61
N PRO A 37 1.01 0.60 -10.34
CA PRO A 37 2.05 -0.25 -9.73
C PRO A 37 2.43 -1.49 -10.58
N GLU A 38 1.39 -2.24 -11.10
CA GLU A 38 1.54 -3.56 -11.77
C GLU A 38 1.80 -4.66 -10.71
N LYS A 39 2.75 -4.36 -9.82
CA LYS A 39 3.05 -5.08 -8.60
C LYS A 39 3.10 -4.03 -7.49
N GLY A 40 2.15 -4.09 -6.56
CA GLY A 40 2.12 -3.15 -5.44
C GLY A 40 1.63 -3.81 -4.19
N ILE A 41 1.46 -3.03 -3.13
CA ILE A 41 1.12 -3.55 -1.80
C ILE A 41 0.33 -2.51 -1.02
N PHE A 42 -0.68 -2.98 -0.27
CA PHE A 42 -1.48 -2.13 0.60
C PHE A 42 -0.77 -1.88 1.92
N VAL A 43 -0.57 -0.60 2.21
CA VAL A 43 0.05 -0.10 3.45
C VAL A 43 -0.78 1.09 3.96
N LYS A 44 -0.99 1.14 5.28
CA LYS A 44 -1.69 2.25 5.98
C LYS A 44 -1.04 3.61 5.69
N ASN A 45 -1.89 4.63 5.50
CA ASN A 45 -1.47 6.04 5.46
C ASN A 45 -0.95 6.40 6.85
N SER A 46 -1.75 6.04 7.88
CA SER A 46 -1.40 6.22 9.29
C SER A 46 -1.80 4.93 10.07
N ASP A 47 -0.92 4.53 11.00
CA ASP A 47 -1.01 3.25 11.75
C ASP A 47 -2.32 3.10 12.54
N GLY A 48 -2.70 4.17 13.26
CA GLY A 48 -3.85 4.14 14.17
C GLY A 48 -5.17 4.51 13.50
N SER A 49 -5.21 4.48 12.17
CA SER A 49 -6.42 4.83 11.38
C SER A 49 -6.64 3.78 10.28
N ASP A 50 -7.92 3.59 9.89
CA ASP A 50 -8.34 2.55 8.89
C ASP A 50 -7.99 2.94 7.45
N VAL A 51 -7.45 4.15 7.25
CA VAL A 51 -7.12 4.68 5.94
C VAL A 51 -5.93 3.90 5.31
N CYS A 52 -6.25 3.08 4.31
CA CYS A 52 -5.29 2.25 3.58
C CYS A 52 -4.96 2.88 2.21
N THR A 53 -3.71 2.70 1.74
CA THR A 53 -3.22 3.28 0.48
C THR A 53 -2.44 2.22 -0.30
N LEU A 54 -2.63 2.20 -1.63
CA LEU A 54 -1.93 1.28 -2.52
C LEU A 54 -0.67 1.97 -3.08
N PHE A 55 0.48 1.36 -2.81
CA PHE A 55 1.79 1.85 -3.26
C PHE A 55 2.37 0.85 -4.27
N ASP A 56 3.38 1.29 -5.03
CA ASP A 56 4.18 0.40 -5.88
C ASP A 56 5.12 -0.41 -4.97
N ALA A 57 5.18 -1.73 -5.19
CA ALA A 57 5.93 -2.66 -4.32
C ALA A 57 7.43 -2.34 -4.31
N ALA A 58 7.99 -2.05 -5.49
CA ALA A 58 9.42 -1.76 -5.64
C ALA A 58 9.76 -0.38 -5.06
N ALA A 59 8.90 0.60 -5.38
CA ALA A 59 9.10 2.02 -5.02
C ALA A 59 8.95 2.23 -3.50
N PHE A 60 8.03 1.48 -2.88
CA PHE A 60 7.79 1.56 -1.44
C PHE A 60 8.91 0.82 -0.67
N SER A 61 9.30 -0.38 -1.16
CA SER A 61 10.34 -1.21 -0.51
C SER A 61 11.70 -0.48 -0.47
N ARG A 62 12.07 0.18 -1.58
CA ARG A 62 13.32 0.95 -1.66
C ARG A 62 13.24 2.17 -0.72
N LEU A 63 12.05 2.80 -0.64
CA LEU A 63 11.78 3.96 0.25
C LEU A 63 12.11 3.59 1.72
N VAL A 64 11.61 2.41 2.14
CA VAL A 64 11.87 1.88 3.50
C VAL A 64 13.36 1.52 3.66
N GLY A 65 13.94 0.93 2.61
CA GLY A 65 15.36 0.52 2.59
C GLY A 65 16.32 1.70 2.67
N GLU A 66 15.88 2.88 2.19
CA GLU A 66 16.62 4.15 2.30
C GLU A 66 16.52 4.73 3.72
N GLY A 67 15.55 4.20 4.50
CA GLY A 67 15.31 4.65 5.88
C GLY A 67 14.46 5.90 5.94
N LEU A 68 13.75 6.16 4.83
CA LEU A 68 12.91 7.36 4.67
C LEU A 68 11.54 7.10 5.33
N PRO A 69 10.90 8.14 5.97
CA PRO A 69 9.59 7.99 6.64
C PRO A 69 8.45 7.83 5.62
N HIS A 70 7.22 7.69 6.12
CA HIS A 70 6.05 7.45 5.27
C HIS A 70 5.84 8.63 4.28
N PRO A 71 5.71 8.36 2.94
CA PRO A 71 5.59 9.43 1.90
C PRO A 71 4.42 10.40 2.18
N LEU A 72 3.34 9.86 2.78
CA LEU A 72 2.09 10.59 2.99
C LEU A 72 2.13 11.46 4.26
N THR A 73 2.43 10.87 5.43
CA THR A 73 2.27 11.56 6.74
C THR A 73 3.53 11.47 7.63
N ARG A 74 4.60 10.87 7.08
CA ARG A 74 5.97 10.89 7.67
C ARG A 74 6.06 10.14 9.01
N GLU A 75 5.18 9.13 9.17
CA GLU A 75 5.28 8.16 10.28
C GLU A 75 6.41 7.15 9.98
N PRO A 76 7.17 6.65 11.01
CA PRO A 76 8.23 5.65 10.80
C PRO A 76 7.63 4.32 10.26
N ILE A 77 7.94 4.01 8.98
CA ILE A 77 7.40 2.82 8.30
C ILE A 77 7.79 1.53 9.03
N THR A 78 6.78 0.69 9.26
CA THR A 78 6.87 -0.53 10.06
C THR A 78 6.09 -1.65 9.38
N ALA A 79 6.27 -2.88 9.87
CA ALA A 79 5.49 -4.05 9.45
C ALA A 79 4.04 -3.95 9.93
N SER A 80 3.83 -3.20 11.05
CA SER A 80 2.52 -2.99 11.69
C SER A 80 1.54 -2.21 10.79
N ILE A 81 2.06 -1.30 9.93
CA ILE A 81 1.21 -0.53 9.00
C ILE A 81 0.92 -1.31 7.71
N ILE A 82 1.81 -2.25 7.37
CA ILE A 82 1.63 -3.09 6.18
C ILE A 82 0.46 -4.07 6.42
N VAL A 83 -0.57 -3.95 5.57
CA VAL A 83 -1.81 -4.73 5.66
C VAL A 83 -1.96 -5.66 4.44
N LYS A 84 -2.93 -6.58 4.54
CA LYS A 84 -3.27 -7.53 3.47
C LYS A 84 -4.10 -6.84 2.37
N HIS A 85 -4.06 -7.42 1.16
CA HIS A 85 -4.94 -7.01 0.05
C HIS A 85 -6.41 -7.24 0.41
N GLU A 86 -6.66 -8.34 1.14
CA GLU A 86 -8.01 -8.76 1.55
C GLU A 86 -8.68 -7.68 2.42
N GLU A 87 -7.84 -7.00 3.24
CA GLU A 87 -8.26 -5.90 4.10
C GLU A 87 -8.76 -4.68 3.29
N CYS A 88 -7.92 -4.18 2.40
CA CYS A 88 -8.14 -2.87 1.78
C CYS A 88 -8.98 -3.05 0.50
N ILE A 89 -10.22 -2.54 0.53
CA ILE A 89 -11.20 -2.71 -0.56
C ILE A 89 -11.66 -1.32 -1.02
N TYR A 90 -11.69 -1.07 -2.34
CA TYR A 90 -12.00 0.26 -2.88
C TYR A 90 -13.48 0.61 -2.64
N ASP A 91 -13.71 1.54 -1.71
CA ASP A 91 -15.04 2.12 -1.47
C ASP A 91 -15.07 3.49 -2.16
N ASP A 92 -15.82 3.57 -3.27
CA ASP A 92 -15.90 4.77 -4.11
C ASP A 92 -16.57 5.95 -3.38
N THR A 93 -17.54 5.64 -2.49
CA THR A 93 -18.27 6.65 -1.69
C THR A 93 -17.30 7.34 -0.68
N ARG A 94 -16.36 6.55 -0.11
CA ARG A 94 -15.27 7.06 0.73
C ARG A 94 -14.19 7.71 -0.15
N GLY A 95 -14.05 7.18 -1.39
CA GLY A 95 -13.01 7.60 -2.33
C GLY A 95 -11.66 6.96 -2.03
N ASN A 96 -11.66 5.87 -1.24
CA ASN A 96 -10.40 5.21 -0.79
C ASN A 96 -10.69 3.78 -0.29
N PHE A 97 -9.60 2.99 -0.10
CA PHE A 97 -9.64 1.62 0.39
C PHE A 97 -9.90 1.56 1.91
N ILE A 98 -10.87 0.74 2.31
CA ILE A 98 -11.30 0.56 3.72
C ILE A 98 -10.94 -0.86 4.18
N ILE A 99 -10.56 -1.00 5.46
CA ILE A 99 -10.10 -2.28 6.04
C ILE A 99 -11.28 -3.27 6.24
N LYS A 100 -11.02 -4.55 5.93
CA LYS A 100 -12.00 -5.64 5.92
C LYS A 100 -11.22 -6.96 6.07
N GLY A 101 -11.10 -7.46 7.31
CA GLY A 101 -10.37 -8.69 7.59
C GLY A 101 -9.37 -8.52 8.72
N ASN A 102 -9.59 -9.24 9.83
CA ASN A 102 -8.69 -9.22 10.99
C ASN A 102 -7.48 -10.17 10.74
N SER A 1 14.04 -3.81 11.83
CA SER A 1 13.16 -2.85 11.16
C SER A 1 13.00 -3.23 9.68
N GLN A 2 13.99 -2.84 8.83
CA GLN A 2 13.90 -2.98 7.36
C GLN A 2 13.64 -4.43 6.93
N GLU A 3 14.37 -5.40 7.53
CA GLU A 3 14.35 -6.81 7.11
C GLU A 3 12.93 -7.38 7.00
N SER A 4 12.14 -7.22 8.08
CA SER A 4 10.79 -7.78 8.18
C SER A 4 9.84 -7.07 7.19
N ILE A 5 10.11 -5.77 6.94
CA ILE A 5 9.30 -4.92 6.04
C ILE A 5 9.55 -5.32 4.58
N GLN A 6 10.83 -5.46 4.19
CA GLN A 6 11.25 -5.83 2.82
C GLN A 6 10.69 -7.22 2.43
N ASN A 7 10.87 -8.18 3.37
CA ASN A 7 10.38 -9.56 3.22
C ASN A 7 8.86 -9.60 3.07
N LYS A 8 8.17 -8.72 3.85
CA LYS A 8 6.73 -8.49 3.71
C LYS A 8 6.40 -8.05 2.28
N ILE A 9 7.07 -7.00 1.83
CA ILE A 9 6.83 -6.39 0.49
C ILE A 9 7.14 -7.40 -0.65
N SER A 10 7.89 -8.47 -0.32
CA SER A 10 8.25 -9.52 -1.28
C SER A 10 7.09 -10.51 -1.49
N GLN A 11 6.47 -10.97 -0.39
CA GLN A 11 5.43 -12.03 -0.41
C GLN A 11 4.00 -11.49 -0.30
N CYS A 12 3.88 -10.30 0.29
CA CYS A 12 2.59 -9.62 0.56
C CYS A 12 2.19 -8.72 -0.63
N LYS A 13 3.14 -8.50 -1.57
CA LYS A 13 2.83 -7.82 -2.84
C LYS A 13 1.89 -8.67 -3.71
N PHE A 14 1.37 -8.05 -4.76
CA PHE A 14 0.42 -8.68 -5.68
C PHE A 14 0.44 -7.90 -7.01
N SER A 15 -0.10 -8.53 -8.06
CA SER A 15 -0.22 -7.92 -9.38
C SER A 15 -1.32 -6.83 -9.36
N VAL A 16 -0.89 -5.58 -9.19
CA VAL A 16 -1.78 -4.43 -9.19
C VAL A 16 -2.20 -4.09 -10.63
N CYS A 17 -3.40 -4.55 -10.97
CA CYS A 17 -3.97 -4.44 -12.32
C CYS A 17 -5.45 -3.99 -12.19
N PRO A 18 -5.90 -2.96 -12.98
CA PRO A 18 -7.19 -2.26 -12.74
C PRO A 18 -8.45 -3.14 -12.93
N GLU A 19 -8.44 -3.96 -13.99
CA GLU A 19 -9.57 -4.82 -14.36
C GLU A 19 -9.70 -6.04 -13.40
N ARG A 20 -8.55 -6.47 -12.83
CA ARG A 20 -8.51 -7.56 -11.83
C ARG A 20 -8.99 -7.04 -10.46
N LEU A 21 -8.57 -5.82 -10.11
CA LEU A 21 -8.96 -5.15 -8.85
C LEU A 21 -10.35 -4.48 -8.90
N GLN A 22 -11.01 -4.51 -10.08
CA GLN A 22 -12.35 -3.89 -10.29
C GLN A 22 -12.35 -2.36 -10.07
N CYS A 23 -11.15 -1.76 -9.97
CA CYS A 23 -10.97 -0.35 -9.57
C CYS A 23 -10.11 0.37 -10.63
N PRO A 24 -10.46 1.65 -11.00
CA PRO A 24 -9.74 2.42 -12.05
C PRO A 24 -8.26 2.67 -11.70
N LEU A 25 -7.50 3.18 -12.70
CA LEU A 25 -6.05 3.35 -12.60
C LEU A 25 -5.69 4.27 -11.43
N GLU A 26 -6.32 5.46 -11.37
CA GLU A 26 -6.12 6.46 -10.29
C GLU A 26 -6.40 5.89 -8.89
N ALA A 27 -7.41 5.00 -8.79
CA ALA A 27 -7.85 4.39 -7.52
C ALA A 27 -6.77 3.47 -6.93
N ILE A 28 -6.02 2.80 -7.83
CA ILE A 28 -4.98 1.81 -7.46
C ILE A 28 -3.58 2.40 -7.65
N GLN A 29 -3.51 3.69 -8.06
CA GLN A 29 -2.26 4.31 -8.54
C GLN A 29 -1.29 4.55 -7.38
N CYS A 30 -0.02 4.17 -7.58
CA CYS A 30 1.04 4.39 -6.60
C CYS A 30 1.32 5.89 -6.47
N PRO A 31 1.11 6.50 -5.25
CA PRO A 31 1.41 7.93 -5.00
C PRO A 31 2.89 8.29 -5.27
N ILE A 32 3.78 7.31 -5.01
CA ILE A 32 5.24 7.48 -5.11
C ILE A 32 5.64 7.68 -6.59
N THR A 33 5.22 6.73 -7.44
CA THR A 33 5.64 6.67 -8.85
C THR A 33 4.61 7.32 -9.80
N LEU A 34 3.51 7.88 -9.22
CA LEU A 34 2.35 8.51 -9.93
C LEU A 34 1.82 7.69 -11.13
N GLU A 35 1.97 6.36 -11.05
CA GLU A 35 1.58 5.43 -12.14
C GLU A 35 1.06 4.10 -11.55
N GLN A 36 0.56 3.21 -12.43
CA GLN A 36 0.11 1.86 -12.04
C GLN A 36 1.29 1.09 -11.42
N PRO A 37 1.16 0.60 -10.14
CA PRO A 37 2.18 -0.27 -9.54
C PRO A 37 2.55 -1.48 -10.42
N GLU A 38 1.52 -2.20 -10.98
CA GLU A 38 1.69 -3.47 -11.77
C GLU A 38 1.99 -4.63 -10.80
N LYS A 39 2.94 -4.40 -9.90
CA LYS A 39 3.25 -5.21 -8.74
C LYS A 39 3.40 -4.23 -7.58
N GLY A 40 2.41 -4.19 -6.69
CA GLY A 40 2.42 -3.30 -5.55
C GLY A 40 1.91 -3.98 -4.31
N ILE A 41 1.73 -3.22 -3.24
CA ILE A 41 1.38 -3.75 -1.92
C ILE A 41 0.48 -2.77 -1.15
N PHE A 42 -0.55 -3.33 -0.48
CA PHE A 42 -1.43 -2.56 0.39
C PHE A 42 -0.69 -2.23 1.70
N VAL A 43 -0.51 -0.93 1.93
CA VAL A 43 0.13 -0.40 3.14
C VAL A 43 -0.72 0.76 3.66
N LYS A 44 -1.02 0.75 4.96
CA LYS A 44 -1.77 1.81 5.64
C LYS A 44 -1.05 3.15 5.52
N ASN A 45 -1.81 4.19 5.17
CA ASN A 45 -1.35 5.57 5.27
C ASN A 45 -1.13 5.87 6.77
N SER A 46 -2.13 5.51 7.58
CA SER A 46 -2.05 5.57 9.05
C SER A 46 -2.85 4.37 9.60
N ASP A 47 -2.17 3.46 10.33
CA ASP A 47 -2.77 2.17 10.77
C ASP A 47 -3.80 2.37 11.89
N GLY A 48 -3.62 3.45 12.70
CA GLY A 48 -4.59 3.82 13.74
C GLY A 48 -5.95 4.23 13.17
N SER A 49 -5.96 4.64 11.89
CA SER A 49 -7.17 5.05 11.15
C SER A 49 -7.50 4.01 10.06
N ASP A 50 -8.74 4.05 9.54
CA ASP A 50 -9.20 3.13 8.47
C ASP A 50 -8.80 3.64 7.08
N VAL A 51 -7.50 3.97 6.93
CA VAL A 51 -6.95 4.51 5.69
C VAL A 51 -5.78 3.63 5.21
N CYS A 52 -6.07 2.83 4.17
CA CYS A 52 -5.08 2.01 3.48
C CYS A 52 -4.85 2.59 2.08
N THR A 53 -3.57 2.71 1.70
CA THR A 53 -3.19 3.22 0.38
C THR A 53 -2.41 2.14 -0.38
N LEU A 54 -2.61 2.08 -1.70
CA LEU A 54 -1.91 1.11 -2.55
C LEU A 54 -0.68 1.78 -3.19
N PHE A 55 0.49 1.20 -2.93
CA PHE A 55 1.79 1.71 -3.41
C PHE A 55 2.39 0.69 -4.39
N ASP A 56 3.50 1.09 -5.04
CA ASP A 56 4.33 0.19 -5.84
C ASP A 56 5.26 -0.59 -4.93
N ALA A 57 5.48 -1.87 -5.25
CA ALA A 57 6.27 -2.78 -4.41
C ALA A 57 7.75 -2.36 -4.39
N ALA A 58 8.31 -2.09 -5.58
CA ALA A 58 9.74 -1.76 -5.73
C ALA A 58 10.05 -0.35 -5.21
N ALA A 59 9.07 0.57 -5.36
CA ALA A 59 9.20 1.98 -4.98
C ALA A 59 9.10 2.16 -3.48
N PHE A 60 8.17 1.41 -2.86
CA PHE A 60 7.95 1.46 -1.41
C PHE A 60 9.09 0.74 -0.70
N SER A 61 9.55 -0.40 -1.25
CA SER A 61 10.64 -1.21 -0.66
C SER A 61 11.97 -0.45 -0.67
N ARG A 62 12.27 0.27 -1.77
CA ARG A 62 13.50 1.08 -1.86
C ARG A 62 13.42 2.30 -0.92
N LEU A 63 12.21 2.87 -0.77
CA LEU A 63 11.92 4.01 0.13
C LEU A 63 12.25 3.62 1.59
N VAL A 64 11.75 2.45 2.00
CA VAL A 64 12.02 1.86 3.33
C VAL A 64 13.52 1.54 3.47
N GLY A 65 14.10 1.01 2.39
CA GLY A 65 15.52 0.63 2.35
C GLY A 65 16.46 1.83 2.45
N GLU A 66 15.96 3.02 2.04
CA GLU A 66 16.67 4.30 2.19
C GLU A 66 16.57 4.83 3.64
N GLY A 67 15.56 4.35 4.38
CA GLY A 67 15.32 4.75 5.77
C GLY A 67 14.44 5.99 5.88
N LEU A 68 13.62 6.21 4.85
CA LEU A 68 12.75 7.39 4.74
C LEU A 68 11.40 7.12 5.48
N PRO A 69 10.71 8.19 5.99
CA PRO A 69 9.37 8.05 6.62
C PRO A 69 8.27 7.83 5.56
N HIS A 70 7.01 7.79 6.02
CA HIS A 70 5.86 7.53 5.14
C HIS A 70 5.74 8.63 4.06
N PRO A 71 5.62 8.26 2.75
CA PRO A 71 5.57 9.24 1.63
C PRO A 71 4.44 10.29 1.79
N LEU A 72 3.31 9.83 2.36
CA LEU A 72 2.10 10.64 2.48
C LEU A 72 2.09 11.45 3.80
N THR A 73 2.01 10.74 4.93
CA THR A 73 1.74 11.35 6.26
C THR A 73 3.01 11.46 7.14
N ARG A 74 4.16 10.94 6.63
CA ARG A 74 5.49 11.06 7.28
C ARG A 74 5.59 10.23 8.58
N GLU A 75 4.65 9.27 8.77
CA GLU A 75 4.67 8.34 9.92
C GLU A 75 5.81 7.30 9.79
N PRO A 76 6.26 6.67 10.92
CA PRO A 76 7.31 5.63 10.88
C PRO A 76 6.81 4.36 10.14
N ILE A 77 7.39 4.09 8.96
CA ILE A 77 7.07 2.88 8.18
C ILE A 77 7.58 1.63 8.91
N THR A 78 6.65 0.75 9.23
CA THR A 78 6.90 -0.52 9.91
C THR A 78 6.06 -1.62 9.27
N ALA A 79 6.31 -2.88 9.65
CA ALA A 79 5.52 -4.03 9.20
C ALA A 79 4.08 -3.99 9.75
N SER A 80 3.89 -3.24 10.86
CA SER A 80 2.57 -3.03 11.49
C SER A 80 1.57 -2.34 10.54
N ILE A 81 2.04 -1.32 9.78
CA ILE A 81 1.16 -0.60 8.81
C ILE A 81 0.94 -1.43 7.53
N ILE A 82 1.83 -2.39 7.24
CA ILE A 82 1.67 -3.26 6.05
C ILE A 82 0.46 -4.21 6.24
N VAL A 83 -0.50 -4.13 5.31
CA VAL A 83 -1.77 -4.88 5.38
C VAL A 83 -2.06 -5.67 4.08
N LYS A 84 -3.13 -6.49 4.10
CA LYS A 84 -3.49 -7.42 2.99
C LYS A 84 -4.69 -6.92 2.15
N HIS A 85 -5.13 -7.78 1.20
CA HIS A 85 -6.29 -7.53 0.32
C HIS A 85 -7.62 -7.63 1.09
N GLU A 86 -7.62 -8.41 2.19
CA GLU A 86 -8.79 -8.53 3.08
C GLU A 86 -9.03 -7.20 3.77
N GLU A 87 -7.94 -6.64 4.34
CA GLU A 87 -7.92 -5.30 4.94
C GLU A 87 -8.47 -4.25 3.96
N CYS A 88 -7.75 -4.00 2.87
CA CYS A 88 -8.00 -2.84 1.99
C CYS A 88 -8.99 -3.17 0.87
N ILE A 89 -10.17 -2.49 0.86
CA ILE A 89 -11.16 -2.60 -0.24
C ILE A 89 -11.56 -1.19 -0.73
N TYR A 90 -11.36 -0.91 -2.03
CA TYR A 90 -11.61 0.43 -2.59
C TYR A 90 -13.12 0.75 -2.59
N ASP A 91 -13.49 1.75 -1.78
CA ASP A 91 -14.83 2.32 -1.74
C ASP A 91 -14.80 3.71 -2.39
N ASP A 92 -15.62 3.90 -3.44
CA ASP A 92 -15.74 5.17 -4.19
C ASP A 92 -16.26 6.32 -3.33
N THR A 93 -17.31 6.05 -2.52
CA THR A 93 -17.97 7.07 -1.68
C THR A 93 -16.98 7.72 -0.69
N ARG A 94 -16.07 6.89 -0.14
CA ARG A 94 -15.01 7.35 0.79
C ARG A 94 -13.79 7.85 0.00
N GLY A 95 -13.58 7.25 -1.20
CA GLY A 95 -12.42 7.54 -2.05
C GLY A 95 -11.14 6.92 -1.51
N ASN A 96 -11.31 5.81 -0.76
CA ASN A 96 -10.24 5.19 0.05
C ASN A 96 -10.52 3.69 0.23
N PHE A 97 -9.45 2.92 0.49
CA PHE A 97 -9.53 1.50 0.85
C PHE A 97 -9.93 1.36 2.34
N ILE A 98 -11.05 0.65 2.59
CA ILE A 98 -11.69 0.53 3.92
C ILE A 98 -11.28 -0.80 4.53
N ILE A 99 -11.11 -0.85 5.87
CA ILE A 99 -10.48 -1.99 6.56
C ILE A 99 -11.49 -3.08 6.96
N LYS A 100 -11.19 -4.33 6.54
CA LYS A 100 -11.93 -5.54 6.90
C LYS A 100 -10.95 -6.54 7.54
N GLY A 101 -11.22 -6.85 8.82
CA GLY A 101 -10.35 -7.69 9.64
C GLY A 101 -10.81 -7.65 11.09
N ASN A 102 -11.37 -6.49 11.47
CA ASN A 102 -12.02 -6.26 12.77
C ASN A 102 -13.50 -6.75 12.72
N SER A 1 13.88 -2.65 11.78
CA SER A 1 12.55 -2.61 11.12
C SER A 1 12.65 -3.12 9.66
N GLN A 2 13.63 -2.56 8.92
CA GLN A 2 13.74 -2.71 7.45
C GLN A 2 13.70 -4.16 6.96
N GLU A 3 14.46 -5.07 7.60
CA GLU A 3 14.59 -6.48 7.14
C GLU A 3 13.21 -7.16 6.99
N SER A 4 12.37 -7.03 8.03
CA SER A 4 11.03 -7.66 8.08
C SER A 4 10.08 -7.02 7.05
N ILE A 5 10.27 -5.70 6.84
CA ILE A 5 9.44 -4.90 5.93
C ILE A 5 9.74 -5.27 4.46
N GLN A 6 11.04 -5.41 4.13
CA GLN A 6 11.52 -5.82 2.81
C GLN A 6 10.95 -7.19 2.40
N ASN A 7 11.03 -8.18 3.33
CA ASN A 7 10.46 -9.52 3.10
C ASN A 7 8.95 -9.44 2.90
N LYS A 8 8.31 -8.58 3.72
CA LYS A 8 6.86 -8.34 3.66
C LYS A 8 6.44 -7.91 2.25
N ILE A 9 7.05 -6.83 1.78
CA ILE A 9 6.69 -6.22 0.50
C ILE A 9 6.98 -7.18 -0.69
N SER A 10 7.89 -8.15 -0.45
CA SER A 10 8.23 -9.19 -1.44
C SER A 10 7.11 -10.25 -1.61
N GLN A 11 6.56 -10.75 -0.49
CA GLN A 11 5.62 -11.91 -0.49
C GLN A 11 4.14 -11.48 -0.28
N CYS A 12 3.94 -10.41 0.47
CA CYS A 12 2.62 -9.82 0.77
C CYS A 12 2.07 -8.99 -0.40
N LYS A 13 2.95 -8.64 -1.37
CA LYS A 13 2.55 -7.94 -2.61
C LYS A 13 1.56 -8.78 -3.44
N PHE A 14 1.01 -8.16 -4.48
CA PHE A 14 0.07 -8.79 -5.40
C PHE A 14 0.08 -8.04 -6.74
N SER A 15 -0.43 -8.71 -7.79
CA SER A 15 -0.53 -8.13 -9.13
C SER A 15 -1.59 -7.02 -9.20
N VAL A 16 -1.11 -5.77 -9.11
CA VAL A 16 -1.94 -4.57 -9.17
C VAL A 16 -2.20 -4.17 -10.63
N CYS A 17 -3.31 -4.66 -11.15
CA CYS A 17 -3.77 -4.38 -12.51
C CYS A 17 -5.25 -3.95 -12.44
N PRO A 18 -5.66 -2.85 -13.17
CA PRO A 18 -6.95 -2.15 -12.92
C PRO A 18 -8.20 -3.02 -13.21
N GLU A 19 -8.19 -3.72 -14.35
CA GLU A 19 -9.32 -4.58 -14.77
C GLU A 19 -9.39 -5.87 -13.92
N ARG A 20 -8.23 -6.35 -13.43
CA ARG A 20 -8.16 -7.51 -12.52
C ARG A 20 -8.82 -7.17 -11.17
N LEU A 21 -8.33 -6.07 -10.57
CA LEU A 21 -8.89 -5.49 -9.32
C LEU A 21 -10.31 -4.91 -9.53
N GLN A 22 -10.68 -4.68 -10.81
CA GLN A 22 -11.98 -4.09 -11.24
C GLN A 22 -12.15 -2.64 -10.73
N CYS A 23 -11.02 -2.02 -10.35
CA CYS A 23 -10.96 -0.63 -9.84
C CYS A 23 -10.21 0.23 -10.87
N PRO A 24 -10.62 1.53 -11.12
CA PRO A 24 -9.90 2.42 -12.10
C PRO A 24 -8.41 2.62 -11.74
N LEU A 25 -7.62 3.13 -12.71
CA LEU A 25 -6.17 3.31 -12.57
C LEU A 25 -5.85 4.23 -11.38
N GLU A 26 -6.53 5.39 -11.32
CA GLU A 26 -6.38 6.37 -10.21
C GLU A 26 -6.64 5.74 -8.83
N ALA A 27 -7.62 4.82 -8.80
CA ALA A 27 -8.03 4.10 -7.57
C ALA A 27 -6.86 3.30 -6.97
N ILE A 28 -6.11 2.65 -7.88
CA ILE A 28 -5.04 1.71 -7.52
C ILE A 28 -3.64 2.37 -7.66
N GLN A 29 -3.62 3.65 -8.04
CA GLN A 29 -2.39 4.34 -8.50
C GLN A 29 -1.42 4.54 -7.32
N CYS A 30 -0.16 4.13 -7.51
CA CYS A 30 0.89 4.33 -6.51
C CYS A 30 1.16 5.84 -6.33
N PRO A 31 1.03 6.40 -5.08
CA PRO A 31 1.27 7.85 -4.82
C PRO A 31 2.75 8.27 -4.97
N ILE A 32 3.65 7.26 -4.93
CA ILE A 32 5.10 7.47 -5.00
C ILE A 32 5.54 7.62 -6.47
N THR A 33 5.06 6.70 -7.34
CA THR A 33 5.45 6.64 -8.76
C THR A 33 4.38 7.23 -9.70
N LEU A 34 3.26 7.76 -9.12
CA LEU A 34 2.10 8.37 -9.83
C LEU A 34 1.63 7.54 -11.07
N GLU A 35 1.75 6.21 -10.98
CA GLU A 35 1.46 5.30 -12.11
C GLU A 35 0.90 3.97 -11.59
N GLN A 36 0.52 3.05 -12.51
CA GLN A 36 0.12 1.68 -12.18
C GLN A 36 1.30 0.93 -11.55
N PRO A 37 1.17 0.44 -10.29
CA PRO A 37 2.19 -0.43 -9.67
C PRO A 37 2.55 -1.66 -10.53
N GLU A 38 1.51 -2.35 -11.09
CA GLU A 38 1.61 -3.70 -11.77
C GLU A 38 1.76 -4.80 -10.70
N LYS A 39 2.70 -4.57 -9.80
CA LYS A 39 2.94 -5.33 -8.59
C LYS A 39 3.08 -4.30 -7.46
N GLY A 40 2.13 -4.31 -6.53
CA GLY A 40 2.16 -3.39 -5.40
C GLY A 40 1.62 -4.04 -4.16
N ILE A 41 1.40 -3.25 -3.11
CA ILE A 41 1.05 -3.78 -1.79
C ILE A 41 0.20 -2.77 -1.02
N PHE A 42 -0.83 -3.28 -0.34
CA PHE A 42 -1.68 -2.48 0.55
C PHE A 42 -0.94 -2.17 1.85
N VAL A 43 -0.65 -0.89 2.06
CA VAL A 43 -0.03 -0.39 3.30
C VAL A 43 -0.84 0.84 3.77
N LYS A 44 -1.08 0.92 5.07
CA LYS A 44 -1.80 2.02 5.72
C LYS A 44 -1.20 3.39 5.40
N ASN A 45 -2.10 4.35 5.09
CA ASN A 45 -1.78 5.78 5.04
C ASN A 45 -1.25 6.24 6.42
N SER A 46 -1.95 5.81 7.51
CA SER A 46 -1.54 6.09 8.90
C SER A 46 -1.81 4.84 9.79
N ASP A 47 -1.02 4.72 10.86
CA ASP A 47 -0.95 3.49 11.69
C ASP A 47 -2.29 3.16 12.38
N GLY A 48 -2.87 4.15 13.07
CA GLY A 48 -4.14 3.98 13.79
C GLY A 48 -5.36 4.18 12.90
N SER A 49 -5.25 5.15 11.98
CA SER A 49 -6.34 5.54 11.07
C SER A 49 -6.66 4.42 10.05
N ASP A 50 -7.96 4.12 9.86
CA ASP A 50 -8.45 2.97 9.05
C ASP A 50 -8.28 3.18 7.52
N VAL A 51 -7.67 4.31 7.13
CA VAL A 51 -7.38 4.62 5.74
C VAL A 51 -6.16 3.81 5.23
N CYS A 52 -6.45 2.89 4.30
CA CYS A 52 -5.44 2.09 3.60
C CYS A 52 -5.15 2.73 2.23
N THR A 53 -3.92 2.55 1.73
CA THR A 53 -3.49 3.10 0.44
C THR A 53 -2.68 2.05 -0.32
N LEU A 54 -2.91 1.96 -1.64
CA LEU A 54 -2.18 1.03 -2.50
C LEU A 54 -0.93 1.71 -3.09
N PHE A 55 0.22 1.09 -2.83
CA PHE A 55 1.54 1.58 -3.25
C PHE A 55 2.12 0.65 -4.33
N ASP A 56 3.23 1.10 -4.94
CA ASP A 56 4.07 0.25 -5.80
C ASP A 56 5.02 -0.55 -4.92
N ALA A 57 5.22 -1.83 -5.24
CA ALA A 57 6.03 -2.74 -4.43
C ALA A 57 7.51 -2.30 -4.43
N ALA A 58 8.04 -2.01 -5.62
CA ALA A 58 9.47 -1.66 -5.79
C ALA A 58 9.78 -0.27 -5.20
N ALA A 59 8.81 0.65 -5.33
CA ALA A 59 8.96 2.06 -4.93
C ALA A 59 8.90 2.24 -3.42
N PHE A 60 7.91 1.56 -2.80
CA PHE A 60 7.72 1.60 -1.35
C PHE A 60 8.86 0.86 -0.65
N SER A 61 9.30 -0.28 -1.24
CA SER A 61 10.38 -1.11 -0.67
C SER A 61 11.73 -0.35 -0.66
N ARG A 62 12.08 0.32 -1.78
CA ARG A 62 13.34 1.10 -1.87
C ARG A 62 13.28 2.35 -0.98
N LEU A 63 12.06 2.89 -0.77
CA LEU A 63 11.81 4.03 0.14
C LEU A 63 12.18 3.65 1.58
N VAL A 64 11.70 2.47 2.00
CA VAL A 64 12.00 1.90 3.33
C VAL A 64 13.51 1.59 3.46
N GLY A 65 14.08 1.05 2.38
CA GLY A 65 15.49 0.63 2.34
C GLY A 65 16.47 1.79 2.55
N GLU A 66 16.09 2.99 2.08
CA GLU A 66 16.82 4.24 2.36
C GLU A 66 16.83 4.56 3.87
N GLY A 67 15.69 4.29 4.52
CA GLY A 67 15.46 4.68 5.92
C GLY A 67 14.66 5.96 6.02
N LEU A 68 13.73 6.12 5.06
CA LEU A 68 12.85 7.30 4.97
C LEU A 68 11.53 7.03 5.72
N PRO A 69 10.87 8.09 6.30
CA PRO A 69 9.52 7.96 6.93
C PRO A 69 8.43 7.69 5.86
N HIS A 70 7.17 7.61 6.31
CA HIS A 70 6.03 7.31 5.41
C HIS A 70 5.84 8.42 4.35
N PRO A 71 5.69 8.08 3.03
CA PRO A 71 5.54 9.08 1.93
C PRO A 71 4.37 10.05 2.14
N LEU A 72 3.28 9.53 2.75
CA LEU A 72 2.02 10.27 2.90
C LEU A 72 1.98 11.11 4.20
N THR A 73 2.21 10.45 5.34
CA THR A 73 1.95 11.05 6.67
C THR A 73 3.26 11.28 7.46
N ARG A 74 4.37 10.69 6.97
CA ARG A 74 5.71 10.81 7.59
C ARG A 74 5.79 10.14 8.98
N GLU A 75 4.96 9.10 9.18
CA GLU A 75 5.03 8.21 10.36
C GLU A 75 6.11 7.12 10.16
N PRO A 76 6.54 6.43 11.26
CA PRO A 76 7.43 5.24 11.17
C PRO A 76 6.82 4.14 10.25
N ILE A 77 7.48 3.85 9.10
CA ILE A 77 7.11 2.69 8.28
C ILE A 77 7.50 1.42 9.03
N THR A 78 6.51 0.56 9.25
CA THR A 78 6.64 -0.66 10.06
C THR A 78 5.87 -1.81 9.36
N ALA A 79 6.09 -3.03 9.83
CA ALA A 79 5.35 -4.21 9.35
C ALA A 79 3.87 -4.14 9.80
N SER A 80 3.63 -3.41 10.92
CA SER A 80 2.30 -3.25 11.52
C SER A 80 1.33 -2.49 10.60
N ILE A 81 1.84 -1.48 9.87
CA ILE A 81 1.01 -0.70 8.90
C ILE A 81 0.79 -1.49 7.59
N ILE A 82 1.70 -2.43 7.28
CA ILE A 82 1.54 -3.31 6.11
C ILE A 82 0.40 -4.31 6.36
N VAL A 83 -0.68 -4.18 5.57
CA VAL A 83 -1.91 -4.97 5.75
C VAL A 83 -2.17 -5.86 4.51
N LYS A 84 -3.08 -6.84 4.66
CA LYS A 84 -3.38 -7.87 3.63
C LYS A 84 -4.06 -7.28 2.37
N HIS A 85 -4.23 -8.17 1.35
CA HIS A 85 -5.05 -7.89 0.16
C HIS A 85 -6.53 -7.66 0.54
N GLU A 86 -6.97 -8.39 1.56
CA GLU A 86 -8.37 -8.39 2.04
C GLU A 86 -8.66 -7.10 2.82
N GLU A 87 -7.68 -6.68 3.63
CA GLU A 87 -7.79 -5.52 4.55
C GLU A 87 -7.95 -4.16 3.85
N CYS A 88 -8.21 -4.09 2.55
CA CYS A 88 -8.30 -2.81 1.83
C CYS A 88 -9.26 -2.96 0.67
N ILE A 89 -10.40 -2.24 0.73
CA ILE A 89 -11.47 -2.33 -0.29
C ILE A 89 -11.82 -0.90 -0.75
N TYR A 90 -11.73 -0.66 -2.07
CA TYR A 90 -11.95 0.68 -2.65
C TYR A 90 -13.42 1.09 -2.48
N ASP A 91 -13.66 2.01 -1.55
CA ASP A 91 -14.98 2.53 -1.23
C ASP A 91 -15.27 3.69 -2.19
N ASP A 92 -16.40 3.61 -2.91
CA ASP A 92 -16.83 4.64 -3.87
C ASP A 92 -17.21 5.96 -3.16
N THR A 93 -17.81 5.86 -1.96
CA THR A 93 -18.28 7.03 -1.19
C THR A 93 -17.08 7.83 -0.61
N ARG A 94 -16.03 7.10 -0.19
CA ARG A 94 -14.80 7.71 0.40
C ARG A 94 -13.80 8.07 -0.72
N GLY A 95 -13.82 7.27 -1.80
CA GLY A 95 -12.88 7.43 -2.92
C GLY A 95 -11.50 6.87 -2.59
N ASN A 96 -11.46 5.79 -1.78
CA ASN A 96 -10.18 5.21 -1.26
C ASN A 96 -10.41 3.84 -0.58
N PHE A 97 -9.32 3.03 -0.47
CA PHE A 97 -9.33 1.70 0.17
C PHE A 97 -9.48 1.81 1.71
N ILE A 98 -10.47 1.08 2.26
CA ILE A 98 -10.80 1.10 3.71
C ILE A 98 -10.53 -0.30 4.30
N ILE A 99 -10.22 -0.38 5.62
CA ILE A 99 -9.91 -1.66 6.29
C ILE A 99 -11.10 -2.63 6.28
N LYS A 100 -10.86 -3.80 5.70
CA LYS A 100 -11.80 -4.93 5.65
C LYS A 100 -11.13 -6.12 6.36
N GLY A 101 -11.32 -6.17 7.68
CA GLY A 101 -10.86 -7.28 8.51
C GLY A 101 -11.98 -8.22 8.91
N ASN A 102 -13.20 -7.66 8.94
CA ASN A 102 -14.42 -8.38 9.32
C ASN A 102 -14.89 -9.25 8.13
N SER A 1 13.96 -3.96 12.10
CA SER A 1 12.97 -4.85 11.47
C SER A 1 12.89 -4.60 9.95
N GLN A 2 13.93 -3.93 9.39
CA GLN A 2 14.04 -3.59 7.96
C GLN A 2 13.81 -4.81 7.05
N GLU A 3 14.46 -5.94 7.42
CA GLU A 3 14.39 -7.19 6.62
C GLU A 3 12.97 -7.78 6.61
N SER A 4 12.24 -7.62 7.74
CA SER A 4 10.89 -8.16 7.90
C SER A 4 9.88 -7.32 7.10
N ILE A 5 10.12 -5.99 7.10
CA ILE A 5 9.35 -5.03 6.31
C ILE A 5 9.51 -5.34 4.81
N GLN A 6 10.77 -5.57 4.39
CA GLN A 6 11.15 -5.99 3.03
C GLN A 6 10.47 -7.31 2.64
N ASN A 7 10.47 -8.27 3.58
CA ASN A 7 9.81 -9.58 3.41
C ASN A 7 8.32 -9.41 3.15
N LYS A 8 7.69 -8.49 3.90
CA LYS A 8 6.25 -8.19 3.77
C LYS A 8 5.97 -7.60 2.39
N ILE A 9 6.78 -6.63 1.97
CA ILE A 9 6.61 -5.97 0.66
C ILE A 9 6.92 -6.96 -0.50
N SER A 10 7.57 -8.08 -0.16
CA SER A 10 7.98 -9.12 -1.12
C SER A 10 6.86 -10.17 -1.32
N GLN A 11 6.21 -10.60 -0.22
CA GLN A 11 5.17 -11.67 -0.23
C GLN A 11 3.73 -11.10 -0.23
N CYS A 12 3.52 -10.02 0.53
CA CYS A 12 2.18 -9.40 0.78
C CYS A 12 1.73 -8.55 -0.43
N LYS A 13 2.66 -8.29 -1.37
CA LYS A 13 2.35 -7.62 -2.65
C LYS A 13 1.36 -8.46 -3.52
N PHE A 14 0.91 -7.87 -4.64
CA PHE A 14 -0.07 -8.51 -5.54
C PHE A 14 -0.12 -7.78 -6.90
N SER A 15 -0.75 -8.44 -7.89
CA SER A 15 -0.93 -7.92 -9.26
C SER A 15 -1.89 -6.71 -9.30
N VAL A 16 -1.33 -5.50 -9.12
CA VAL A 16 -2.09 -4.26 -9.18
C VAL A 16 -2.31 -3.85 -10.64
N CYS A 17 -3.39 -4.37 -11.20
CA CYS A 17 -3.80 -4.09 -12.57
C CYS A 17 -5.29 -3.71 -12.55
N PRO A 18 -5.73 -2.72 -13.40
CA PRO A 18 -7.16 -2.33 -13.47
C PRO A 18 -8.05 -3.50 -13.93
N GLU A 19 -7.43 -4.44 -14.68
CA GLU A 19 -8.06 -5.69 -15.13
C GLU A 19 -8.38 -6.62 -13.94
N ARG A 20 -7.38 -6.77 -13.04
CA ARG A 20 -7.48 -7.69 -11.89
C ARG A 20 -8.48 -7.16 -10.85
N LEU A 21 -8.21 -5.93 -10.40
CA LEU A 21 -8.96 -5.28 -9.32
C LEU A 21 -10.32 -4.73 -9.77
N GLN A 22 -10.55 -4.65 -11.10
CA GLN A 22 -11.81 -4.12 -11.71
C GLN A 22 -12.05 -2.64 -11.35
N CYS A 23 -10.98 -1.97 -10.88
CA CYS A 23 -10.98 -0.57 -10.46
C CYS A 23 -10.07 0.23 -11.42
N PRO A 24 -10.42 1.50 -11.78
CA PRO A 24 -9.61 2.31 -12.73
C PRO A 24 -8.19 2.63 -12.20
N LEU A 25 -7.36 3.20 -13.08
CA LEU A 25 -5.92 3.45 -12.84
C LEU A 25 -5.71 4.35 -11.61
N GLU A 26 -6.40 5.51 -11.59
CA GLU A 26 -6.37 6.46 -10.46
C GLU A 26 -6.75 5.81 -9.11
N ALA A 27 -7.73 4.90 -9.17
CA ALA A 27 -8.28 4.20 -7.97
C ALA A 27 -7.22 3.33 -7.29
N ILE A 28 -6.28 2.81 -8.09
CA ILE A 28 -5.24 1.84 -7.64
C ILE A 28 -3.82 2.45 -7.73
N GLN A 29 -3.75 3.77 -8.00
CA GLN A 29 -2.51 4.45 -8.41
C GLN A 29 -1.60 4.69 -7.19
N CYS A 30 -0.31 4.34 -7.33
CA CYS A 30 0.73 4.54 -6.31
C CYS A 30 1.07 6.03 -6.14
N PRO A 31 0.81 6.66 -4.94
CA PRO A 31 1.16 8.09 -4.68
C PRO A 31 2.66 8.42 -4.82
N ILE A 32 3.51 7.38 -4.69
CA ILE A 32 4.97 7.52 -4.77
C ILE A 32 5.40 7.82 -6.21
N THR A 33 4.91 6.98 -7.12
CA THR A 33 5.32 6.98 -8.55
C THR A 33 4.24 7.63 -9.45
N LEU A 34 3.11 8.08 -8.83
CA LEU A 34 1.90 8.62 -9.50
C LEU A 34 1.52 7.86 -10.79
N GLU A 35 1.59 6.53 -10.73
CA GLU A 35 1.36 5.65 -11.89
C GLU A 35 0.89 4.25 -11.42
N GLN A 36 0.54 3.35 -12.37
CA GLN A 36 0.12 1.97 -12.07
C GLN A 36 1.28 1.19 -11.42
N PRO A 37 1.09 0.65 -10.19
CA PRO A 37 2.07 -0.27 -9.58
C PRO A 37 2.42 -1.49 -10.45
N GLU A 38 1.38 -2.16 -11.04
CA GLU A 38 1.49 -3.47 -11.76
C GLU A 38 1.65 -4.61 -10.73
N LYS A 39 2.60 -4.42 -9.83
CA LYS A 39 2.84 -5.25 -8.65
C LYS A 39 3.09 -4.28 -7.50
N GLY A 40 2.10 -4.14 -6.64
CA GLY A 40 2.18 -3.22 -5.50
C GLY A 40 1.60 -3.85 -4.26
N ILE A 41 1.48 -3.06 -3.20
CA ILE A 41 1.14 -3.59 -1.87
C ILE A 41 0.26 -2.61 -1.09
N PHE A 42 -0.73 -3.18 -0.38
CA PHE A 42 -1.58 -2.44 0.55
C PHE A 42 -0.81 -2.13 1.83
N VAL A 43 -0.60 -0.84 2.08
CA VAL A 43 -0.01 -0.34 3.31
C VAL A 43 -0.88 0.83 3.81
N LYS A 44 -1.19 0.83 5.11
CA LYS A 44 -1.90 1.94 5.78
C LYS A 44 -1.16 3.26 5.59
N ASN A 45 -1.91 4.38 5.53
CA ASN A 45 -1.32 5.71 5.65
C ASN A 45 -0.70 5.82 7.06
N SER A 46 -1.50 5.47 8.09
CA SER A 46 -1.03 5.32 9.47
C SER A 46 -1.75 4.14 10.13
N ASP A 47 -1.08 3.51 11.11
CA ASP A 47 -1.53 2.25 11.74
C ASP A 47 -2.86 2.41 12.47
N GLY A 48 -2.95 3.41 13.37
CA GLY A 48 -4.15 3.64 14.18
C GLY A 48 -5.19 4.51 13.48
N SER A 49 -5.46 4.21 12.20
CA SER A 49 -6.46 4.90 11.38
C SER A 49 -7.06 3.91 10.37
N ASP A 50 -8.37 4.04 10.08
CA ASP A 50 -9.11 3.15 9.13
C ASP A 50 -8.95 3.62 7.66
N VAL A 51 -7.76 4.13 7.32
CA VAL A 51 -7.42 4.56 5.95
C VAL A 51 -6.19 3.79 5.44
N CYS A 52 -6.40 2.99 4.38
CA CYS A 52 -5.35 2.26 3.69
C CYS A 52 -5.06 2.91 2.34
N THR A 53 -3.86 2.67 1.82
CA THR A 53 -3.38 3.24 0.56
C THR A 53 -2.60 2.18 -0.22
N LEU A 54 -2.81 2.16 -1.55
CA LEU A 54 -2.12 1.21 -2.43
C LEU A 54 -0.89 1.90 -3.06
N PHE A 55 0.27 1.31 -2.81
CA PHE A 55 1.56 1.81 -3.30
C PHE A 55 2.16 0.80 -4.29
N ASP A 56 3.29 1.19 -4.92
CA ASP A 56 4.10 0.29 -5.74
C ASP A 56 5.03 -0.51 -4.83
N ALA A 57 5.20 -1.81 -5.10
CA ALA A 57 5.99 -2.71 -4.25
C ALA A 57 7.48 -2.34 -4.31
N ALA A 58 8.01 -2.12 -5.52
CA ALA A 58 9.44 -1.83 -5.74
C ALA A 58 9.81 -0.45 -5.17
N ALA A 59 8.89 0.51 -5.34
CA ALA A 59 9.09 1.92 -4.96
C ALA A 59 8.94 2.13 -3.45
N PHE A 60 8.00 1.41 -2.82
CA PHE A 60 7.79 1.48 -1.37
C PHE A 60 8.94 0.75 -0.64
N SER A 61 9.35 -0.40 -1.19
CA SER A 61 10.46 -1.21 -0.65
C SER A 61 11.78 -0.42 -0.62
N ARG A 62 12.15 0.19 -1.77
CA ARG A 62 13.39 0.96 -1.89
C ARG A 62 13.36 2.19 -0.98
N LEU A 63 12.16 2.80 -0.82
CA LEU A 63 11.91 3.94 0.08
C LEU A 63 12.30 3.60 1.53
N VAL A 64 11.85 2.42 1.99
CA VAL A 64 12.19 1.88 3.32
C VAL A 64 13.71 1.59 3.40
N GLY A 65 14.26 1.10 2.28
CA GLY A 65 15.68 0.74 2.19
C GLY A 65 16.62 1.94 2.36
N GLU A 66 16.19 3.09 1.85
CA GLU A 66 16.92 4.37 2.01
C GLU A 66 16.78 4.90 3.46
N GLY A 67 15.77 4.40 4.17
CA GLY A 67 15.42 4.86 5.52
C GLY A 67 14.70 6.19 5.51
N LEU A 68 13.82 6.36 4.51
CA LEU A 68 13.00 7.58 4.36
C LEU A 68 11.67 7.42 5.14
N PRO A 69 11.11 8.54 5.71
CA PRO A 69 9.76 8.51 6.36
C PRO A 69 8.63 8.18 5.36
N HIS A 70 7.46 7.80 5.91
CA HIS A 70 6.28 7.36 5.11
C HIS A 70 5.93 8.40 4.03
N PRO A 71 5.74 7.98 2.72
CA PRO A 71 5.55 8.91 1.58
C PRO A 71 4.42 9.95 1.81
N LEU A 72 3.41 9.55 2.59
CA LEU A 72 2.26 10.42 2.91
C LEU A 72 2.46 11.13 4.26
N THR A 73 2.21 10.41 5.37
CA THR A 73 2.10 11.01 6.74
C THR A 73 3.48 11.24 7.41
N ARG A 74 4.54 10.66 6.81
CA ARG A 74 5.94 10.80 7.28
C ARG A 74 6.19 10.05 8.62
N GLU A 75 5.31 9.07 8.94
CA GLU A 75 5.47 8.19 10.11
C GLU A 75 6.61 7.16 9.89
N PRO A 76 7.16 6.56 10.99
CA PRO A 76 8.11 5.42 10.89
C PRO A 76 7.43 4.21 10.19
N ILE A 77 7.86 3.92 8.96
CA ILE A 77 7.37 2.76 8.20
C ILE A 77 7.70 1.46 8.96
N THR A 78 6.66 0.69 9.22
CA THR A 78 6.72 -0.50 10.08
C THR A 78 5.93 -1.63 9.40
N ALA A 79 6.19 -2.85 9.85
CA ALA A 79 5.43 -4.03 9.44
C ALA A 79 3.96 -3.94 9.91
N SER A 80 3.74 -3.13 10.97
CA SER A 80 2.43 -2.88 11.57
C SER A 80 1.48 -2.15 10.58
N ILE A 81 1.99 -1.12 9.85
CA ILE A 81 1.17 -0.39 8.84
C ILE A 81 0.98 -1.25 7.57
N ILE A 82 1.96 -2.12 7.27
CA ILE A 82 1.85 -3.05 6.13
C ILE A 82 0.73 -4.08 6.39
N VAL A 83 -0.30 -4.03 5.53
CA VAL A 83 -1.51 -4.87 5.68
C VAL A 83 -1.74 -5.77 4.45
N LYS A 84 -2.68 -6.72 4.60
CA LYS A 84 -3.01 -7.72 3.56
C LYS A 84 -4.05 -7.18 2.56
N HIS A 85 -4.45 -8.06 1.62
CA HIS A 85 -5.50 -7.78 0.63
C HIS A 85 -6.84 -7.49 1.29
N GLU A 86 -7.24 -8.37 2.23
CA GLU A 86 -8.57 -8.38 2.87
C GLU A 86 -8.90 -7.00 3.48
N GLU A 87 -7.91 -6.49 4.23
CA GLU A 87 -7.91 -5.17 4.88
C GLU A 87 -8.45 -4.08 3.98
N CYS A 88 -7.72 -3.78 2.92
CA CYS A 88 -7.96 -2.60 2.09
C CYS A 88 -8.93 -2.93 0.96
N ILE A 89 -10.16 -2.40 1.04
CA ILE A 89 -11.23 -2.65 0.05
C ILE A 89 -11.63 -1.29 -0.56
N TYR A 90 -11.51 -1.15 -1.89
CA TYR A 90 -11.79 0.14 -2.56
C TYR A 90 -13.28 0.49 -2.45
N ASP A 91 -13.56 1.61 -1.77
CA ASP A 91 -14.91 2.13 -1.56
C ASP A 91 -15.21 3.27 -2.54
N ASP A 92 -16.38 3.16 -3.22
CA ASP A 92 -16.87 4.13 -4.22
C ASP A 92 -17.26 5.47 -3.58
N THR A 93 -17.89 5.41 -2.40
CA THR A 93 -18.38 6.60 -1.68
C THR A 93 -17.20 7.46 -1.14
N ARG A 94 -16.13 6.77 -0.68
CA ARG A 94 -14.94 7.44 -0.11
C ARG A 94 -13.91 7.79 -1.21
N GLY A 95 -13.85 6.94 -2.25
CA GLY A 95 -12.79 7.03 -3.26
C GLY A 95 -11.44 6.58 -2.71
N ASN A 96 -11.47 5.60 -1.80
CA ASN A 96 -10.26 5.12 -1.06
C ASN A 96 -10.50 3.73 -0.45
N PHE A 97 -9.38 3.04 -0.14
CA PHE A 97 -9.37 1.70 0.47
C PHE A 97 -9.70 1.77 1.99
N ILE A 98 -10.78 1.09 2.38
CA ILE A 98 -11.34 1.09 3.75
C ILE A 98 -11.03 -0.27 4.41
N ILE A 99 -11.06 -0.37 5.75
CA ILE A 99 -10.49 -1.53 6.47
C ILE A 99 -11.53 -2.65 6.74
N LYS A 100 -11.07 -3.91 6.55
CA LYS A 100 -11.88 -5.13 6.58
C LYS A 100 -11.00 -6.31 7.04
N GLY A 101 -11.13 -6.74 8.30
CA GLY A 101 -10.33 -7.86 8.83
C GLY A 101 -10.72 -8.18 10.26
N ASN A 102 -10.67 -7.16 11.13
CA ASN A 102 -11.11 -7.24 12.52
C ASN A 102 -12.60 -6.80 12.60
N SER A 1 11.42 -3.70 12.49
CA SER A 1 12.48 -4.45 11.79
C SER A 1 12.39 -4.16 10.29
N GLN A 2 13.34 -3.33 9.77
CA GLN A 2 13.39 -2.96 8.33
C GLN A 2 13.47 -4.22 7.44
N GLU A 3 14.25 -5.20 7.91
CA GLU A 3 14.39 -6.53 7.28
C GLU A 3 13.00 -7.14 7.00
N SER A 4 12.16 -7.18 8.05
CA SER A 4 10.86 -7.86 8.02
C SER A 4 9.88 -7.12 7.11
N ILE A 5 9.99 -5.78 7.10
CA ILE A 5 9.20 -4.91 6.22
C ILE A 5 9.47 -5.30 4.76
N GLN A 6 10.77 -5.38 4.41
CA GLN A 6 11.25 -5.76 3.06
C GLN A 6 10.74 -7.16 2.67
N ASN A 7 10.82 -8.12 3.61
CA ASN A 7 10.32 -9.50 3.40
C ASN A 7 8.84 -9.48 3.01
N LYS A 8 8.01 -8.75 3.78
CA LYS A 8 6.56 -8.63 3.50
C LYS A 8 6.32 -7.96 2.14
N ILE A 9 7.06 -6.90 1.80
CA ILE A 9 6.86 -6.21 0.51
C ILE A 9 7.20 -7.16 -0.67
N SER A 10 8.05 -8.17 -0.41
CA SER A 10 8.44 -9.19 -1.40
C SER A 10 7.33 -10.24 -1.65
N GLN A 11 6.70 -10.71 -0.57
CA GLN A 11 5.71 -11.83 -0.62
C GLN A 11 4.26 -11.30 -0.63
N CYS A 12 3.97 -10.37 0.30
CA CYS A 12 2.64 -9.75 0.49
C CYS A 12 2.25 -8.79 -0.65
N LYS A 13 3.17 -8.54 -1.60
CA LYS A 13 2.83 -7.83 -2.85
C LYS A 13 1.84 -8.67 -3.69
N PHE A 14 1.37 -8.07 -4.79
CA PHE A 14 0.49 -8.75 -5.75
C PHE A 14 0.52 -8.01 -7.10
N SER A 15 0.01 -8.66 -8.14
CA SER A 15 -0.06 -8.10 -9.49
C SER A 15 -1.20 -7.07 -9.59
N VAL A 16 -0.84 -5.79 -9.31
CA VAL A 16 -1.77 -4.66 -9.31
C VAL A 16 -2.23 -4.30 -10.73
N CYS A 17 -3.35 -4.89 -11.11
CA CYS A 17 -4.01 -4.66 -12.40
C CYS A 17 -5.46 -4.17 -12.14
N PRO A 18 -5.95 -3.16 -12.92
CA PRO A 18 -7.16 -2.38 -12.57
C PRO A 18 -8.48 -3.16 -12.68
N GLU A 19 -8.60 -4.03 -13.70
CA GLU A 19 -9.83 -4.82 -13.95
C GLU A 19 -9.97 -5.98 -12.93
N ARG A 20 -8.82 -6.50 -12.45
CA ARG A 20 -8.78 -7.55 -11.41
C ARG A 20 -9.34 -6.98 -10.09
N LEU A 21 -8.74 -5.85 -9.68
CA LEU A 21 -9.17 -5.10 -8.49
C LEU A 21 -10.57 -4.47 -8.67
N GLN A 22 -11.00 -4.31 -9.95
CA GLN A 22 -12.30 -3.72 -10.34
C GLN A 22 -12.41 -2.25 -9.85
N CYS A 23 -11.25 -1.60 -9.75
CA CYS A 23 -11.13 -0.20 -9.31
C CYS A 23 -10.52 0.66 -10.45
N PRO A 24 -10.92 1.97 -10.57
CA PRO A 24 -10.28 2.91 -11.52
C PRO A 24 -8.76 3.08 -11.22
N LEU A 25 -8.00 3.49 -12.25
CA LEU A 25 -6.52 3.56 -12.21
C LEU A 25 -6.02 4.46 -11.06
N GLU A 26 -6.59 5.66 -10.95
CA GLU A 26 -6.21 6.64 -9.90
C GLU A 26 -6.48 6.09 -8.47
N ALA A 27 -7.50 5.24 -8.36
CA ALA A 27 -7.91 4.62 -7.07
C ALA A 27 -6.86 3.60 -6.57
N ILE A 28 -6.13 2.98 -7.51
CA ILE A 28 -5.09 1.98 -7.21
C ILE A 28 -3.68 2.56 -7.45
N GLN A 29 -3.62 3.86 -7.81
CA GLN A 29 -2.41 4.50 -8.34
C GLN A 29 -1.39 4.70 -7.21
N CYS A 30 -0.16 4.22 -7.43
CA CYS A 30 0.94 4.39 -6.48
C CYS A 30 1.27 5.89 -6.32
N PRO A 31 1.07 6.49 -5.09
CA PRO A 31 1.38 7.92 -4.82
C PRO A 31 2.85 8.29 -5.10
N ILE A 32 3.74 7.30 -4.91
CA ILE A 32 5.19 7.46 -5.08
C ILE A 32 5.56 7.65 -6.57
N THR A 33 4.99 6.80 -7.44
CA THR A 33 5.35 6.75 -8.88
C THR A 33 4.28 7.44 -9.77
N LEU A 34 3.26 8.06 -9.13
CA LEU A 34 2.10 8.74 -9.78
C LEU A 34 1.50 7.93 -10.98
N GLU A 35 1.61 6.60 -10.89
CA GLU A 35 1.15 5.69 -11.96
C GLU A 35 0.76 4.33 -11.38
N GLN A 36 0.25 3.42 -12.24
CA GLN A 36 -0.13 2.06 -11.84
C GLN A 36 1.10 1.29 -11.32
N PRO A 37 1.02 0.68 -10.11
CA PRO A 37 2.08 -0.22 -9.61
C PRO A 37 2.41 -1.38 -10.57
N GLU A 38 1.37 -2.17 -10.98
CA GLU A 38 1.50 -3.44 -11.73
C GLU A 38 1.95 -4.58 -10.79
N LYS A 39 2.90 -4.25 -9.92
CA LYS A 39 3.30 -5.05 -8.75
C LYS A 39 3.36 -4.07 -7.58
N GLY A 40 2.44 -4.22 -6.63
CA GLY A 40 2.42 -3.36 -5.45
C GLY A 40 1.83 -4.06 -4.25
N ILE A 41 1.71 -3.35 -3.15
CA ILE A 41 1.33 -3.92 -1.84
C ILE A 41 0.41 -2.95 -1.09
N PHE A 42 -0.62 -3.51 -0.44
CA PHE A 42 -1.53 -2.75 0.42
C PHE A 42 -0.85 -2.41 1.75
N VAL A 43 -0.61 -1.12 1.95
CA VAL A 43 0.01 -0.58 3.16
C VAL A 43 -0.82 0.65 3.61
N LYS A 44 -1.07 0.74 4.92
CA LYS A 44 -1.77 1.87 5.55
C LYS A 44 -1.12 3.21 5.21
N ASN A 45 -1.97 4.22 4.90
CA ASN A 45 -1.53 5.61 4.86
C ASN A 45 -1.10 6.01 6.28
N SER A 46 -1.97 5.75 7.27
CA SER A 46 -1.68 5.99 8.69
C SER A 46 -2.11 4.76 9.50
N ASP A 47 -1.35 4.44 10.56
CA ASP A 47 -1.55 3.24 11.39
C ASP A 47 -2.90 3.31 12.15
N GLY A 48 -3.13 4.44 12.83
CA GLY A 48 -4.30 4.61 13.70
C GLY A 48 -5.63 4.71 12.95
N SER A 49 -5.66 5.50 11.88
CA SER A 49 -6.88 5.69 11.06
C SER A 49 -7.02 4.53 10.05
N ASP A 50 -8.27 4.12 9.75
CA ASP A 50 -8.57 2.95 8.87
C ASP A 50 -8.52 3.32 7.36
N VAL A 51 -7.40 3.93 6.95
CA VAL A 51 -7.15 4.32 5.56
C VAL A 51 -5.98 3.49 5.00
N CYS A 52 -6.32 2.57 4.09
CA CYS A 52 -5.32 1.77 3.35
C CYS A 52 -4.96 2.51 2.06
N THR A 53 -3.75 2.25 1.57
CA THR A 53 -3.24 2.87 0.34
C THR A 53 -2.40 1.84 -0.43
N LEU A 54 -2.60 1.79 -1.74
CA LEU A 54 -1.90 0.87 -2.61
C LEU A 54 -0.69 1.58 -3.23
N PHE A 55 0.49 1.08 -2.88
CA PHE A 55 1.78 1.60 -3.33
C PHE A 55 2.38 0.63 -4.35
N ASP A 56 3.44 1.07 -5.02
CA ASP A 56 4.26 0.20 -5.87
C ASP A 56 5.25 -0.57 -4.98
N ALA A 57 5.43 -1.86 -5.27
CA ALA A 57 6.29 -2.76 -4.46
C ALA A 57 7.76 -2.32 -4.50
N ALA A 58 8.25 -1.98 -5.70
CA ALA A 58 9.66 -1.59 -5.91
C ALA A 58 9.97 -0.23 -5.29
N ALA A 59 9.05 0.72 -5.50
CA ALA A 59 9.19 2.12 -5.08
C ALA A 59 9.06 2.26 -3.55
N PHE A 60 8.12 1.50 -2.96
CA PHE A 60 7.88 1.52 -1.51
C PHE A 60 8.99 0.76 -0.78
N SER A 61 9.44 -0.38 -1.35
CA SER A 61 10.51 -1.21 -0.75
C SER A 61 11.84 -0.45 -0.69
N ARG A 62 12.21 0.21 -1.80
CA ARG A 62 13.46 1.00 -1.85
C ARG A 62 13.38 2.16 -0.84
N LEU A 63 12.20 2.81 -0.74
CA LEU A 63 11.92 3.91 0.21
C LEU A 63 12.21 3.48 1.66
N VAL A 64 11.71 2.28 2.03
CA VAL A 64 11.96 1.66 3.34
C VAL A 64 13.45 1.34 3.52
N GLY A 65 14.07 0.85 2.44
CA GLY A 65 15.49 0.49 2.41
C GLY A 65 16.42 1.70 2.55
N GLU A 66 15.87 2.90 2.27
CA GLU A 66 16.59 4.18 2.47
C GLU A 66 16.40 4.69 3.91
N GLY A 67 15.36 4.19 4.57
CA GLY A 67 15.01 4.59 5.94
C GLY A 67 14.31 5.94 5.97
N LEU A 68 13.45 6.17 4.97
CA LEU A 68 12.69 7.41 4.82
C LEU A 68 11.27 7.25 5.41
N PRO A 69 10.69 8.32 6.06
CA PRO A 69 9.32 8.28 6.63
C PRO A 69 8.23 8.05 5.55
N HIS A 70 6.99 7.83 6.00
CA HIS A 70 5.87 7.48 5.13
C HIS A 70 5.56 8.64 4.15
N PRO A 71 5.44 8.38 2.81
CA PRO A 71 5.28 9.46 1.78
C PRO A 71 4.07 10.39 2.03
N LEU A 72 3.02 9.85 2.69
CA LEU A 72 1.74 10.55 2.85
C LEU A 72 1.58 11.20 4.25
N THR A 73 1.94 10.50 5.31
CA THR A 73 1.70 10.97 6.72
C THR A 73 3.02 11.24 7.49
N ARG A 74 4.15 10.76 6.92
CA ARG A 74 5.51 10.97 7.48
C ARG A 74 5.73 10.20 8.80
N GLU A 75 4.93 9.13 8.98
CA GLU A 75 5.07 8.18 10.12
C GLU A 75 6.25 7.20 9.89
N PRO A 76 6.81 6.59 10.98
CA PRO A 76 7.82 5.52 10.86
C PRO A 76 7.21 4.25 10.22
N ILE A 77 7.56 3.99 8.94
CA ILE A 77 7.13 2.80 8.21
C ILE A 77 7.55 1.52 8.96
N THR A 78 6.56 0.67 9.22
CA THR A 78 6.71 -0.56 9.99
C THR A 78 5.94 -1.70 9.31
N ALA A 79 6.12 -2.92 9.81
CA ALA A 79 5.40 -4.11 9.32
C ALA A 79 3.93 -4.08 9.80
N SER A 80 3.67 -3.31 10.89
CA SER A 80 2.33 -3.10 11.44
C SER A 80 1.37 -2.44 10.43
N ILE A 81 1.88 -1.45 9.65
CA ILE A 81 1.08 -0.76 8.63
C ILE A 81 0.91 -1.62 7.36
N ILE A 82 1.79 -2.61 7.15
CA ILE A 82 1.66 -3.58 6.05
C ILE A 82 0.45 -4.51 6.34
N VAL A 83 -0.59 -4.42 5.48
CA VAL A 83 -1.84 -5.19 5.62
C VAL A 83 -2.05 -6.11 4.39
N LYS A 84 -3.01 -7.05 4.51
CA LYS A 84 -3.29 -8.06 3.46
C LYS A 84 -4.23 -7.52 2.34
N HIS A 85 -4.63 -8.41 1.42
CA HIS A 85 -5.41 -8.05 0.23
C HIS A 85 -6.86 -7.64 0.58
N GLU A 86 -7.57 -8.54 1.29
CA GLU A 86 -8.98 -8.33 1.69
C GLU A 86 -9.12 -7.25 2.77
N GLU A 87 -8.00 -7.03 3.47
CA GLU A 87 -7.81 -5.99 4.48
C GLU A 87 -7.95 -4.59 3.90
N CYS A 88 -7.88 -4.44 2.57
CA CYS A 88 -8.16 -3.18 1.89
C CYS A 88 -9.27 -3.40 0.85
N ILE A 89 -10.39 -2.67 1.00
CA ILE A 89 -11.56 -2.77 0.11
C ILE A 89 -11.84 -1.38 -0.46
N TYR A 90 -11.87 -1.27 -1.80
CA TYR A 90 -12.09 0.02 -2.47
C TYR A 90 -13.51 0.52 -2.21
N ASP A 91 -13.59 1.68 -1.54
CA ASP A 91 -14.85 2.39 -1.34
C ASP A 91 -14.89 3.57 -2.32
N ASP A 92 -15.89 3.55 -3.20
CA ASP A 92 -16.12 4.59 -4.22
C ASP A 92 -16.42 5.96 -3.59
N THR A 93 -17.17 5.96 -2.48
CA THR A 93 -17.59 7.20 -1.80
C THR A 93 -16.38 7.93 -1.15
N ARG A 94 -15.36 7.16 -0.75
CA ARG A 94 -14.08 7.68 -0.24
C ARG A 94 -13.11 7.95 -1.42
N GLY A 95 -13.19 7.11 -2.46
CA GLY A 95 -12.25 7.13 -3.58
C GLY A 95 -10.93 6.45 -3.25
N ASN A 96 -10.94 5.52 -2.26
CA ASN A 96 -9.71 4.84 -1.76
C ASN A 96 -10.08 3.58 -0.94
N PHE A 97 -9.06 2.73 -0.69
CA PHE A 97 -9.20 1.46 0.05
C PHE A 97 -9.33 1.69 1.57
N ILE A 98 -10.34 1.03 2.18
CA ILE A 98 -10.67 1.11 3.61
C ILE A 98 -10.44 -0.27 4.25
N ILE A 99 -10.24 -0.33 5.58
CA ILE A 99 -9.82 -1.58 6.25
C ILE A 99 -10.99 -2.55 6.50
N LYS A 100 -10.76 -3.83 6.17
CA LYS A 100 -11.66 -4.95 6.43
C LYS A 100 -10.79 -6.14 6.89
N GLY A 101 -10.66 -6.32 8.20
CA GLY A 101 -9.83 -7.40 8.76
C GLY A 101 -10.01 -7.59 10.25
N ASN A 102 -11.16 -7.12 10.76
CA ASN A 102 -11.54 -7.17 12.19
C ASN A 102 -10.52 -6.40 13.08
N SER A 1 12.19 -6.38 12.50
CA SER A 1 13.41 -5.77 11.94
C SER A 1 13.10 -5.05 10.60
N GLN A 2 14.09 -4.28 10.10
CA GLN A 2 13.99 -3.55 8.82
C GLN A 2 13.82 -4.52 7.65
N GLU A 3 14.60 -5.61 7.69
CA GLU A 3 14.58 -6.66 6.66
C GLU A 3 13.24 -7.42 6.67
N SER A 4 12.57 -7.44 7.83
CA SER A 4 11.29 -8.14 8.02
C SER A 4 10.17 -7.36 7.29
N ILE A 5 10.29 -6.02 7.34
CA ILE A 5 9.42 -5.07 6.62
C ILE A 5 9.61 -5.25 5.09
N GLN A 6 10.87 -5.42 4.67
CA GLN A 6 11.25 -5.65 3.25
C GLN A 6 10.72 -7.00 2.72
N ASN A 7 10.82 -8.06 3.58
CA ASN A 7 10.28 -9.39 3.26
C ASN A 7 8.76 -9.32 3.10
N LYS A 8 8.12 -8.47 3.93
CA LYS A 8 6.68 -8.22 3.86
C LYS A 8 6.31 -7.74 2.48
N ILE A 9 6.97 -6.66 2.05
CA ILE A 9 6.68 -6.02 0.75
C ILE A 9 6.96 -6.97 -0.42
N SER A 10 7.87 -7.94 -0.19
CA SER A 10 8.27 -8.96 -1.18
C SER A 10 7.15 -10.01 -1.42
N GLN A 11 6.50 -10.49 -0.34
CA GLN A 11 5.48 -11.59 -0.42
C GLN A 11 4.03 -11.04 -0.36
N CYS A 12 3.81 -10.06 0.51
CA CYS A 12 2.48 -9.42 0.76
C CYS A 12 2.02 -8.54 -0.42
N LYS A 13 2.92 -8.31 -1.41
CA LYS A 13 2.57 -7.64 -2.67
C LYS A 13 1.60 -8.51 -3.52
N PHE A 14 1.18 -7.95 -4.66
CA PHE A 14 0.26 -8.62 -5.60
C PHE A 14 0.29 -7.91 -6.97
N SER A 15 -0.29 -8.57 -7.99
CA SER A 15 -0.42 -8.00 -9.34
C SER A 15 -1.52 -6.91 -9.35
N VAL A 16 -1.07 -5.65 -9.19
CA VAL A 16 -1.94 -4.47 -9.22
C VAL A 16 -2.36 -4.17 -10.68
N CYS A 17 -3.51 -4.72 -11.06
CA CYS A 17 -4.09 -4.53 -12.38
C CYS A 17 -5.59 -4.17 -12.20
N PRO A 18 -6.09 -3.07 -12.87
CA PRO A 18 -7.50 -2.59 -12.73
C PRO A 18 -8.52 -3.64 -13.22
N GLU A 19 -8.07 -4.49 -14.17
CA GLU A 19 -8.86 -5.60 -14.74
C GLU A 19 -9.28 -6.62 -13.66
N ARG A 20 -8.43 -6.78 -12.64
CA ARG A 20 -8.63 -7.74 -11.53
C ARG A 20 -9.32 -7.06 -10.35
N LEU A 21 -8.75 -5.92 -9.94
CA LEU A 21 -9.19 -5.15 -8.75
C LEU A 21 -10.57 -4.49 -8.92
N GLN A 22 -11.06 -4.41 -10.19
CA GLN A 22 -12.39 -3.83 -10.53
C GLN A 22 -12.47 -2.34 -10.14
N CYS A 23 -11.31 -1.67 -10.16
CA CYS A 23 -11.15 -0.26 -9.80
C CYS A 23 -10.49 0.51 -10.96
N PRO A 24 -10.73 1.86 -11.11
CA PRO A 24 -10.00 2.69 -12.10
C PRO A 24 -8.51 2.86 -11.73
N LEU A 25 -7.73 3.37 -12.69
CA LEU A 25 -6.27 3.53 -12.54
C LEU A 25 -5.92 4.44 -11.35
N GLU A 26 -6.55 5.64 -11.30
CA GLU A 26 -6.38 6.62 -10.20
C GLU A 26 -6.61 5.99 -8.81
N ALA A 27 -7.61 5.09 -8.73
CA ALA A 27 -8.02 4.44 -7.48
C ALA A 27 -6.89 3.58 -6.91
N ILE A 28 -6.18 2.88 -7.80
CA ILE A 28 -5.12 1.91 -7.43
C ILE A 28 -3.72 2.50 -7.66
N GLN A 29 -3.68 3.80 -8.01
CA GLN A 29 -2.45 4.47 -8.48
C GLN A 29 -1.47 4.67 -7.32
N CYS A 30 -0.20 4.29 -7.52
CA CYS A 30 0.87 4.50 -6.55
C CYS A 30 1.16 6.01 -6.41
N PRO A 31 0.92 6.65 -5.21
CA PRO A 31 1.22 8.09 -4.96
C PRO A 31 2.72 8.44 -5.15
N ILE A 32 3.58 7.42 -5.04
CA ILE A 32 5.05 7.57 -5.16
C ILE A 32 5.44 7.78 -6.64
N THR A 33 4.93 6.90 -7.50
CA THR A 33 5.32 6.82 -8.93
C THR A 33 4.23 7.41 -9.87
N LEU A 34 3.16 7.99 -9.26
CA LEU A 34 1.96 8.58 -9.96
C LEU A 34 1.43 7.73 -11.16
N GLU A 35 1.62 6.40 -11.08
CA GLU A 35 1.26 5.47 -12.17
C GLU A 35 0.72 4.15 -11.58
N GLN A 36 0.27 3.23 -12.46
CA GLN A 36 -0.15 1.87 -12.05
C GLN A 36 1.05 1.12 -11.47
N PRO A 37 0.99 0.64 -10.19
CA PRO A 37 2.03 -0.23 -9.63
C PRO A 37 2.35 -1.46 -10.51
N GLU A 38 1.30 -2.20 -10.99
CA GLU A 38 1.44 -3.49 -11.73
C GLU A 38 1.78 -4.63 -10.76
N LYS A 39 2.76 -4.36 -9.91
CA LYS A 39 3.14 -5.17 -8.76
C LYS A 39 3.33 -4.21 -7.59
N GLY A 40 2.33 -4.14 -6.72
CA GLY A 40 2.35 -3.24 -5.57
C GLY A 40 1.79 -3.89 -4.33
N ILE A 41 1.64 -3.11 -3.27
CA ILE A 41 1.28 -3.63 -1.95
C ILE A 41 0.38 -2.61 -1.20
N PHE A 42 -0.66 -3.14 -0.54
CA PHE A 42 -1.52 -2.37 0.34
C PHE A 42 -0.80 -2.06 1.66
N VAL A 43 -0.55 -0.77 1.90
CA VAL A 43 0.01 -0.27 3.17
C VAL A 43 -0.84 0.91 3.66
N LYS A 44 -1.11 0.92 4.97
CA LYS A 44 -1.87 1.97 5.67
C LYS A 44 -1.16 3.34 5.57
N ASN A 45 -1.97 4.40 5.66
CA ASN A 45 -1.47 5.76 5.93
C ASN A 45 -0.87 5.78 7.36
N SER A 46 -1.69 5.28 8.29
CA SER A 46 -1.37 5.20 9.71
C SER A 46 -2.13 4.01 10.33
N ASP A 47 -1.65 3.52 11.48
CA ASP A 47 -2.14 2.28 12.10
C ASP A 47 -3.56 2.45 12.67
N GLY A 48 -3.70 3.41 13.60
CA GLY A 48 -4.95 3.67 14.31
C GLY A 48 -6.10 4.07 13.39
N SER A 49 -5.78 4.90 12.40
CA SER A 49 -6.74 5.32 11.36
C SER A 49 -7.01 4.14 10.40
N ASP A 50 -8.29 3.91 10.06
CA ASP A 50 -8.72 2.74 9.25
C ASP A 50 -8.64 3.04 7.73
N VAL A 51 -7.60 3.79 7.33
CA VAL A 51 -7.40 4.24 5.95
C VAL A 51 -6.15 3.57 5.35
N CYS A 52 -6.35 2.82 4.27
CA CYS A 52 -5.30 2.10 3.55
C CYS A 52 -5.07 2.75 2.18
N THR A 53 -3.86 2.54 1.63
CA THR A 53 -3.46 3.10 0.34
C THR A 53 -2.59 2.08 -0.41
N LEU A 54 -2.73 2.03 -1.74
CA LEU A 54 -1.98 1.11 -2.58
C LEU A 54 -0.77 1.83 -3.20
N PHE A 55 0.42 1.26 -2.94
CA PHE A 55 1.70 1.78 -3.44
C PHE A 55 2.32 0.77 -4.41
N ASP A 56 3.41 1.17 -5.06
CA ASP A 56 4.24 0.27 -5.88
C ASP A 56 5.17 -0.50 -4.94
N ALA A 57 5.36 -1.81 -5.20
CA ALA A 57 6.13 -2.69 -4.31
C ALA A 57 7.61 -2.32 -4.29
N ALA A 58 8.19 -2.05 -5.47
CA ALA A 58 9.63 -1.77 -5.62
C ALA A 58 9.96 -0.35 -5.11
N ALA A 59 9.07 0.60 -5.41
CA ALA A 59 9.23 2.02 -5.04
C ALA A 59 9.06 2.22 -3.53
N PHE A 60 8.12 1.46 -2.94
CA PHE A 60 7.86 1.52 -1.49
C PHE A 60 8.95 0.77 -0.72
N SER A 61 9.40 -0.38 -1.25
CA SER A 61 10.43 -1.21 -0.60
C SER A 61 11.77 -0.46 -0.52
N ARG A 62 12.19 0.18 -1.63
CA ARG A 62 13.42 0.98 -1.65
C ARG A 62 13.30 2.18 -0.70
N LEU A 63 12.09 2.77 -0.62
CA LEU A 63 11.78 3.92 0.26
C LEU A 63 12.06 3.57 1.73
N VAL A 64 11.53 2.41 2.17
CA VAL A 64 11.76 1.88 3.54
C VAL A 64 13.25 1.58 3.74
N GLY A 65 13.83 0.83 2.78
CA GLY A 65 15.21 0.34 2.88
C GLY A 65 16.25 1.45 3.01
N GLU A 66 16.01 2.58 2.31
CA GLU A 66 16.85 3.80 2.40
C GLU A 66 16.71 4.47 3.79
N GLY A 67 15.57 4.22 4.44
CA GLY A 67 15.29 4.74 5.79
C GLY A 67 14.41 5.98 5.75
N LEU A 68 13.68 6.16 4.64
CA LEU A 68 12.88 7.36 4.37
C LEU A 68 11.46 7.23 4.97
N PRO A 69 10.84 8.38 5.44
CA PRO A 69 9.50 8.36 6.10
C PRO A 69 8.36 8.11 5.10
N HIS A 70 7.16 7.83 5.63
CA HIS A 70 5.97 7.41 4.85
C HIS A 70 5.62 8.46 3.75
N PRO A 71 5.43 8.03 2.46
CA PRO A 71 5.20 8.96 1.30
C PRO A 71 3.92 9.81 1.45
N LEU A 72 2.99 9.40 2.33
CA LEU A 72 1.78 10.19 2.65
C LEU A 72 2.01 11.06 3.90
N THR A 73 2.08 10.42 5.07
CA THR A 73 1.97 11.08 6.40
C THR A 73 3.34 11.31 7.09
N ARG A 74 4.41 10.70 6.53
CA ARG A 74 5.80 10.81 7.03
C ARG A 74 6.02 10.03 8.35
N GLU A 75 5.15 9.04 8.63
CA GLU A 75 5.32 8.13 9.80
C GLU A 75 6.48 7.13 9.57
N PRO A 76 7.10 6.59 10.67
CA PRO A 76 8.12 5.52 10.56
C PRO A 76 7.47 4.21 10.02
N ILE A 77 7.73 3.90 8.75
CA ILE A 77 7.15 2.73 8.05
C ILE A 77 7.52 1.42 8.76
N THR A 78 6.50 0.64 9.08
CA THR A 78 6.61 -0.55 9.92
C THR A 78 5.72 -1.68 9.35
N ALA A 79 6.01 -2.92 9.78
CA ALA A 79 5.19 -4.10 9.49
C ALA A 79 3.75 -3.92 10.01
N SER A 80 3.62 -3.12 11.08
CA SER A 80 2.34 -2.81 11.74
C SER A 80 1.35 -2.11 10.77
N ILE A 81 1.86 -1.19 9.92
CA ILE A 81 1.02 -0.49 8.93
C ILE A 81 0.94 -1.27 7.60
N ILE A 82 1.87 -2.21 7.35
CA ILE A 82 1.77 -3.09 6.16
C ILE A 82 0.62 -4.09 6.34
N VAL A 83 -0.35 -4.06 5.41
CA VAL A 83 -1.56 -4.91 5.49
C VAL A 83 -1.66 -5.85 4.27
N LYS A 84 -2.59 -6.82 4.39
CA LYS A 84 -2.83 -7.89 3.39
C LYS A 84 -3.70 -7.38 2.22
N HIS A 85 -4.14 -8.33 1.35
CA HIS A 85 -4.92 -8.03 0.14
C HIS A 85 -6.41 -7.76 0.45
N GLU A 86 -6.95 -8.51 1.43
CA GLU A 86 -8.38 -8.48 1.81
C GLU A 86 -8.72 -7.21 2.59
N GLU A 87 -7.76 -6.78 3.42
CA GLU A 87 -7.89 -5.62 4.33
C GLU A 87 -8.38 -4.38 3.57
N CYS A 88 -7.64 -3.98 2.53
CA CYS A 88 -7.86 -2.73 1.82
C CYS A 88 -8.79 -2.96 0.61
N ILE A 89 -9.94 -2.27 0.61
CA ILE A 89 -10.98 -2.41 -0.42
C ILE A 89 -11.37 -1.01 -0.93
N TYR A 90 -11.23 -0.79 -2.26
CA TYR A 90 -11.59 0.50 -2.87
C TYR A 90 -13.09 0.76 -2.72
N ASP A 91 -13.42 1.80 -1.96
CA ASP A 91 -14.77 2.33 -1.82
C ASP A 91 -14.85 3.67 -2.57
N ASP A 92 -15.85 3.79 -3.47
CA ASP A 92 -16.09 5.01 -4.30
C ASP A 92 -16.50 6.22 -3.45
N THR A 93 -17.40 6.00 -2.48
CA THR A 93 -17.96 7.06 -1.64
C THR A 93 -16.85 7.74 -0.80
N ARG A 94 -15.88 6.92 -0.34
CA ARG A 94 -14.71 7.40 0.39
C ARG A 94 -13.62 7.87 -0.61
N GLY A 95 -13.62 7.19 -1.77
CA GLY A 95 -12.66 7.45 -2.85
C GLY A 95 -11.31 6.78 -2.63
N ASN A 96 -11.24 5.79 -1.71
CA ASN A 96 -9.96 5.16 -1.31
C ASN A 96 -10.21 3.78 -0.64
N PHE A 97 -9.11 3.03 -0.41
CA PHE A 97 -9.14 1.69 0.22
C PHE A 97 -9.43 1.79 1.73
N ILE A 98 -10.46 1.06 2.16
CA ILE A 98 -10.94 1.03 3.56
C ILE A 98 -10.68 -0.38 4.13
N ILE A 99 -10.66 -0.51 5.47
CA ILE A 99 -10.24 -1.75 6.15
C ILE A 99 -11.38 -2.78 6.28
N LYS A 100 -11.01 -4.05 6.04
CA LYS A 100 -11.88 -5.23 6.02
C LYS A 100 -10.97 -6.45 6.33
N GLY A 101 -10.64 -6.60 7.61
CA GLY A 101 -9.80 -7.71 8.09
C GLY A 101 -10.62 -8.84 8.64
N ASN A 102 -11.22 -8.60 9.82
CA ASN A 102 -12.10 -9.56 10.51
C ASN A 102 -13.14 -8.76 11.32
N SER A 1 13.14 -3.26 12.40
CA SER A 1 11.85 -3.10 11.69
C SER A 1 12.05 -3.34 10.18
N GLN A 2 13.06 -2.66 9.61
CA GLN A 2 13.27 -2.56 8.15
C GLN A 2 13.31 -3.94 7.47
N GLU A 3 14.08 -4.88 8.04
CA GLU A 3 14.28 -6.23 7.43
C GLU A 3 12.93 -6.96 7.25
N SER A 4 12.08 -6.90 8.30
CA SER A 4 10.76 -7.55 8.32
C SER A 4 9.86 -6.95 7.22
N ILE A 5 9.99 -5.62 7.06
CA ILE A 5 9.22 -4.83 6.09
C ILE A 5 9.64 -5.20 4.65
N GLN A 6 10.96 -5.36 4.44
CA GLN A 6 11.55 -5.70 3.14
C GLN A 6 11.05 -7.06 2.65
N ASN A 7 11.14 -8.09 3.53
CA ASN A 7 10.63 -9.45 3.23
C ASN A 7 9.13 -9.40 2.92
N LYS A 8 8.40 -8.60 3.73
CA LYS A 8 6.95 -8.42 3.58
C LYS A 8 6.63 -7.97 2.15
N ILE A 9 7.18 -6.82 1.78
CA ILE A 9 6.85 -6.18 0.48
C ILE A 9 7.27 -7.08 -0.71
N SER A 10 8.28 -7.94 -0.51
CA SER A 10 8.78 -8.87 -1.54
C SER A 10 7.79 -10.01 -1.85
N GLN A 11 7.12 -10.56 -0.82
CA GLN A 11 6.18 -11.73 -0.98
C GLN A 11 4.70 -11.28 -0.88
N CYS A 12 4.40 -10.41 0.09
CA CYS A 12 3.06 -9.84 0.37
C CYS A 12 2.58 -8.83 -0.71
N LYS A 13 3.45 -8.53 -1.69
CA LYS A 13 3.04 -7.80 -2.91
C LYS A 13 2.05 -8.66 -3.75
N PHE A 14 1.52 -8.05 -4.81
CA PHE A 14 0.56 -8.70 -5.71
C PHE A 14 0.49 -7.93 -7.04
N SER A 15 -0.11 -8.57 -8.05
CA SER A 15 -0.33 -7.97 -9.36
C SER A 15 -1.39 -6.86 -9.30
N VAL A 16 -0.93 -5.60 -9.22
CA VAL A 16 -1.79 -4.43 -9.27
C VAL A 16 -2.18 -4.13 -10.73
N CYS A 17 -3.28 -4.74 -11.12
CA CYS A 17 -3.88 -4.58 -12.44
C CYS A 17 -5.35 -4.15 -12.24
N PRO A 18 -5.80 -3.02 -12.84
CA PRO A 18 -7.16 -2.44 -12.60
C PRO A 18 -8.29 -3.39 -13.08
N GLU A 19 -7.97 -4.20 -14.10
CA GLU A 19 -8.83 -5.27 -14.61
C GLU A 19 -9.02 -6.39 -13.57
N ARG A 20 -7.91 -6.80 -12.92
CA ARG A 20 -7.93 -7.88 -11.89
C ARG A 20 -8.66 -7.39 -10.62
N LEU A 21 -8.19 -6.24 -10.10
CA LEU A 21 -8.69 -5.63 -8.87
C LEU A 21 -10.12 -5.06 -9.02
N GLN A 22 -10.54 -4.82 -10.27
CA GLN A 22 -11.85 -4.17 -10.61
C GLN A 22 -11.97 -2.75 -9.99
N CYS A 23 -10.81 -2.12 -9.76
CA CYS A 23 -10.70 -0.74 -9.23
C CYS A 23 -10.09 0.16 -10.33
N PRO A 24 -10.54 1.45 -10.47
CA PRO A 24 -9.97 2.40 -11.47
C PRO A 24 -8.46 2.66 -11.25
N LEU A 25 -7.79 3.13 -12.31
CA LEU A 25 -6.33 3.38 -12.30
C LEU A 25 -6.00 4.41 -11.21
N GLU A 26 -6.79 5.52 -11.20
CA GLU A 26 -6.74 6.57 -10.16
C GLU A 26 -6.65 5.99 -8.72
N ALA A 27 -7.57 5.05 -8.43
CA ALA A 27 -7.72 4.44 -7.09
C ALA A 27 -6.48 3.64 -6.68
N ILE A 28 -5.89 2.94 -7.66
CA ILE A 28 -4.76 2.01 -7.41
C ILE A 28 -3.41 2.68 -7.70
N GLN A 29 -3.44 3.96 -8.13
CA GLN A 29 -2.26 4.66 -8.66
C GLN A 29 -1.25 4.88 -7.52
N CYS A 30 -0.04 4.35 -7.70
CA CYS A 30 1.04 4.44 -6.71
C CYS A 30 1.42 5.91 -6.49
N PRO A 31 1.25 6.45 -5.24
CA PRO A 31 1.59 7.87 -4.90
C PRO A 31 3.06 8.24 -5.22
N ILE A 32 3.93 7.23 -5.15
CA ILE A 32 5.38 7.40 -5.30
C ILE A 32 5.75 7.51 -6.80
N THR A 33 5.18 6.64 -7.64
CA THR A 33 5.51 6.58 -9.09
C THR A 33 4.43 7.23 -9.98
N LEU A 34 3.38 7.83 -9.35
CA LEU A 34 2.20 8.46 -10.01
C LEU A 34 1.65 7.65 -11.21
N GLU A 35 1.66 6.31 -11.12
CA GLU A 35 1.27 5.43 -12.24
C GLU A 35 0.72 4.09 -11.71
N GLN A 36 0.27 3.21 -12.64
CA GLN A 36 -0.13 1.84 -12.30
C GLN A 36 1.09 1.09 -11.75
N PRO A 37 1.06 0.62 -10.47
CA PRO A 37 2.15 -0.21 -9.90
C PRO A 37 2.51 -1.43 -10.77
N GLU A 38 1.46 -2.15 -11.28
CA GLU A 38 1.60 -3.46 -11.99
C GLU A 38 1.85 -4.58 -10.96
N LYS A 39 2.82 -4.33 -10.08
CA LYS A 39 3.15 -5.12 -8.89
C LYS A 39 3.27 -4.12 -7.75
N GLY A 40 2.35 -4.18 -6.77
CA GLY A 40 2.39 -3.31 -5.60
C GLY A 40 1.84 -4.00 -4.38
N ILE A 41 1.60 -3.22 -3.31
CA ILE A 41 1.25 -3.79 -2.01
C ILE A 41 0.34 -2.81 -1.22
N PHE A 42 -0.69 -3.37 -0.57
CA PHE A 42 -1.60 -2.61 0.30
C PHE A 42 -0.90 -2.26 1.62
N VAL A 43 -0.67 -0.96 1.83
CA VAL A 43 -0.06 -0.43 3.05
C VAL A 43 -0.90 0.75 3.54
N LYS A 44 -1.16 0.79 4.85
CA LYS A 44 -1.88 1.87 5.53
C LYS A 44 -1.14 3.20 5.37
N ASN A 45 -1.91 4.27 5.19
CA ASN A 45 -1.38 5.63 5.28
C ASN A 45 -0.92 5.86 6.74
N SER A 46 -1.83 5.57 7.67
CA SER A 46 -1.56 5.62 9.11
C SER A 46 -2.19 4.41 9.80
N ASP A 47 -1.50 3.89 10.81
CA ASP A 47 -1.90 2.68 11.54
C ASP A 47 -3.23 2.90 12.31
N GLY A 48 -3.30 4.02 13.06
CA GLY A 48 -4.44 4.31 13.95
C GLY A 48 -5.58 5.04 13.28
N SER A 49 -5.82 4.72 12.00
CA SER A 49 -6.97 5.21 11.22
C SER A 49 -7.37 4.12 10.20
N ASP A 50 -8.61 4.13 9.71
CA ASP A 50 -9.11 3.16 8.71
C ASP A 50 -8.78 3.62 7.28
N VAL A 51 -7.53 4.10 7.08
CA VAL A 51 -7.06 4.61 5.80
C VAL A 51 -5.89 3.77 5.27
N CYS A 52 -6.16 3.03 4.19
CA CYS A 52 -5.16 2.27 3.44
C CYS A 52 -4.96 2.91 2.06
N THR A 53 -3.77 2.68 1.50
CA THR A 53 -3.39 3.22 0.19
C THR A 53 -2.54 2.16 -0.54
N LEU A 54 -2.73 2.06 -1.86
CA LEU A 54 -2.00 1.09 -2.69
C LEU A 54 -0.78 1.76 -3.30
N PHE A 55 0.40 1.17 -3.03
CA PHE A 55 1.71 1.67 -3.48
C PHE A 55 2.31 0.69 -4.48
N ASP A 56 3.44 1.08 -5.10
CA ASP A 56 4.25 0.17 -5.93
C ASP A 56 5.17 -0.66 -5.03
N ALA A 57 5.39 -1.92 -5.40
CA ALA A 57 6.15 -2.88 -4.59
C ALA A 57 7.64 -2.47 -4.52
N ALA A 58 8.22 -2.18 -5.69
CA ALA A 58 9.65 -1.88 -5.81
C ALA A 58 9.96 -0.47 -5.26
N ALA A 59 9.01 0.46 -5.44
CA ALA A 59 9.15 1.87 -5.06
C ALA A 59 9.02 2.05 -3.54
N PHE A 60 8.06 1.34 -2.95
CA PHE A 60 7.81 1.42 -1.51
C PHE A 60 8.89 0.64 -0.74
N SER A 61 9.30 -0.54 -1.28
CA SER A 61 10.38 -1.35 -0.67
C SER A 61 11.70 -0.58 -0.66
N ARG A 62 12.04 0.13 -1.76
CA ARG A 62 13.28 0.91 -1.82
C ARG A 62 13.20 2.10 -0.86
N LEU A 63 12.01 2.72 -0.72
CA LEU A 63 11.76 3.89 0.16
C LEU A 63 12.08 3.54 1.63
N VAL A 64 11.62 2.35 2.03
CA VAL A 64 11.92 1.78 3.36
C VAL A 64 13.43 1.52 3.49
N GLY A 65 14.02 0.94 2.42
CA GLY A 65 15.44 0.61 2.36
C GLY A 65 16.35 1.84 2.31
N GLU A 66 15.79 3.01 1.90
CA GLU A 66 16.50 4.31 1.95
C GLU A 66 16.74 4.72 3.41
N GLY A 67 15.81 4.27 4.28
CA GLY A 67 15.78 4.66 5.68
C GLY A 67 14.96 5.92 5.87
N LEU A 68 13.83 6.00 5.14
CA LEU A 68 12.94 7.17 5.14
C LEU A 68 11.55 6.81 5.71
N PRO A 69 10.83 7.80 6.36
CA PRO A 69 9.44 7.60 6.83
C PRO A 69 8.42 7.60 5.68
N HIS A 70 7.14 7.41 6.05
CA HIS A 70 6.02 7.19 5.12
C HIS A 70 5.89 8.35 4.11
N PRO A 71 5.73 8.08 2.76
CA PRO A 71 5.63 9.14 1.73
C PRO A 71 4.51 10.15 2.05
N LEU A 72 3.34 9.64 2.45
CA LEU A 72 2.12 10.44 2.60
C LEU A 72 2.12 11.26 3.91
N THR A 73 2.06 10.55 5.05
CA THR A 73 1.84 11.19 6.37
C THR A 73 3.13 11.33 7.20
N ARG A 74 4.24 10.72 6.71
CA ARG A 74 5.59 10.78 7.35
C ARG A 74 5.66 10.03 8.70
N GLU A 75 4.80 9.01 8.85
CA GLU A 75 4.82 8.08 10.01
C GLU A 75 5.91 7.00 9.83
N PRO A 76 6.42 6.40 10.97
CA PRO A 76 7.40 5.29 10.90
C PRO A 76 6.80 4.06 10.19
N ILE A 77 7.26 3.79 8.95
CA ILE A 77 6.88 2.59 8.19
C ILE A 77 7.26 1.33 8.99
N THR A 78 6.28 0.47 9.19
CA THR A 78 6.42 -0.74 10.01
C THR A 78 5.67 -1.91 9.35
N ALA A 79 5.93 -3.13 9.84
CA ALA A 79 5.24 -4.35 9.39
C ALA A 79 3.73 -4.27 9.73
N SER A 80 3.41 -3.54 10.80
CA SER A 80 2.02 -3.36 11.30
C SER A 80 1.14 -2.63 10.25
N ILE A 81 1.66 -1.55 9.61
CA ILE A 81 0.87 -0.79 8.61
C ILE A 81 0.74 -1.57 7.30
N ILE A 82 1.65 -2.50 7.04
CA ILE A 82 1.52 -3.42 5.89
C ILE A 82 0.35 -4.38 6.14
N VAL A 83 -0.71 -4.24 5.33
CA VAL A 83 -1.98 -4.97 5.52
C VAL A 83 -2.31 -5.86 4.31
N LYS A 84 -3.28 -6.76 4.52
CA LYS A 84 -3.70 -7.78 3.54
C LYS A 84 -4.61 -7.19 2.44
N HIS A 85 -5.00 -8.06 1.47
CA HIS A 85 -5.86 -7.68 0.34
C HIS A 85 -7.28 -7.33 0.82
N GLU A 86 -7.82 -8.22 1.68
CA GLU A 86 -9.18 -8.10 2.23
C GLU A 86 -9.35 -6.82 3.06
N GLU A 87 -8.29 -6.49 3.82
CA GLU A 87 -8.19 -5.26 4.63
C GLU A 87 -8.54 -4.01 3.80
N CYS A 88 -7.80 -3.74 2.74
CA CYS A 88 -7.98 -2.53 1.94
C CYS A 88 -9.01 -2.77 0.82
N ILE A 89 -10.20 -2.15 0.95
CA ILE A 89 -11.27 -2.26 -0.06
C ILE A 89 -11.63 -0.84 -0.53
N TYR A 90 -11.43 -0.57 -1.84
CA TYR A 90 -11.70 0.76 -2.41
C TYR A 90 -13.19 1.07 -2.31
N ASP A 91 -13.54 1.97 -1.39
CA ASP A 91 -14.90 2.45 -1.21
C ASP A 91 -15.07 3.69 -2.10
N ASP A 92 -16.08 3.64 -2.99
CA ASP A 92 -16.36 4.71 -3.97
C ASP A 92 -16.90 5.99 -3.31
N THR A 93 -17.63 5.85 -2.18
CA THR A 93 -18.21 6.98 -1.46
C THR A 93 -17.11 7.76 -0.70
N ARG A 94 -16.15 7.02 -0.11
CA ARG A 94 -15.03 7.60 0.67
C ARG A 94 -13.88 8.02 -0.28
N GLY A 95 -13.78 7.30 -1.42
CA GLY A 95 -12.71 7.50 -2.39
C GLY A 95 -11.36 7.02 -1.88
N ASN A 96 -11.38 5.94 -1.08
CA ASN A 96 -10.17 5.40 -0.42
C ASN A 96 -10.42 3.96 0.05
N PHE A 97 -9.33 3.20 0.27
CA PHE A 97 -9.37 1.82 0.77
C PHE A 97 -9.68 1.80 2.30
N ILE A 98 -10.78 1.13 2.67
CA ILE A 98 -11.31 1.09 4.06
C ILE A 98 -11.11 -0.33 4.62
N ILE A 99 -10.96 -0.47 5.95
CA ILE A 99 -10.51 -1.73 6.58
C ILE A 99 -11.66 -2.74 6.74
N LYS A 100 -11.54 -3.86 6.00
CA LYS A 100 -12.46 -4.99 6.04
C LYS A 100 -11.69 -6.17 6.66
N GLY A 101 -11.79 -6.30 7.99
CA GLY A 101 -11.10 -7.33 8.76
C GLY A 101 -10.80 -6.86 10.17
N ASN A 102 -11.76 -6.13 10.73
CA ASN A 102 -11.66 -5.48 12.05
C ASN A 102 -13.09 -5.39 12.64
N SER A 1 13.95 -3.75 12.19
CA SER A 1 12.55 -3.86 11.73
C SER A 1 12.48 -4.04 10.21
N GLN A 2 13.39 -3.35 9.49
CA GLN A 2 13.33 -3.19 8.02
C GLN A 2 13.39 -4.50 7.24
N GLU A 3 14.13 -5.51 7.73
CA GLU A 3 14.22 -6.82 7.05
C GLU A 3 12.83 -7.50 7.02
N SER A 4 12.06 -7.37 8.11
CA SER A 4 10.70 -7.93 8.21
C SER A 4 9.75 -7.20 7.25
N ILE A 5 9.96 -5.87 7.15
CA ILE A 5 9.15 -4.99 6.29
C ILE A 5 9.37 -5.35 4.81
N GLN A 6 10.67 -5.48 4.42
CA GLN A 6 11.07 -5.86 3.05
C GLN A 6 10.54 -7.26 2.68
N ASN A 7 10.58 -8.21 3.65
CA ASN A 7 10.00 -9.56 3.46
C ASN A 7 8.51 -9.45 3.13
N LYS A 8 7.78 -8.59 3.88
CA LYS A 8 6.35 -8.38 3.66
C LYS A 8 6.11 -7.87 2.25
N ILE A 9 6.87 -6.84 1.87
CA ILE A 9 6.70 -6.19 0.56
C ILE A 9 7.08 -7.16 -0.59
N SER A 10 7.88 -8.19 -0.27
CA SER A 10 8.32 -9.22 -1.25
C SER A 10 7.19 -10.24 -1.55
N GLN A 11 6.50 -10.71 -0.49
CA GLN A 11 5.44 -11.76 -0.60
C GLN A 11 4.01 -11.16 -0.64
N CYS A 12 3.74 -10.20 0.24
CA CYS A 12 2.43 -9.51 0.35
C CYS A 12 2.15 -8.58 -0.85
N LYS A 13 3.16 -8.34 -1.72
CA LYS A 13 2.93 -7.67 -3.01
C LYS A 13 2.02 -8.52 -3.92
N PHE A 14 1.51 -7.90 -4.98
CA PHE A 14 0.54 -8.53 -5.88
C PHE A 14 0.43 -7.73 -7.18
N SER A 15 -0.13 -8.37 -8.21
CA SER A 15 -0.34 -7.77 -9.53
C SER A 15 -1.42 -6.67 -9.47
N VAL A 16 -0.95 -5.40 -9.41
CA VAL A 16 -1.80 -4.22 -9.42
C VAL A 16 -2.15 -3.83 -10.85
N CYS A 17 -3.33 -4.26 -11.27
CA CYS A 17 -3.92 -3.92 -12.57
C CYS A 17 -5.44 -3.76 -12.38
N PRO A 18 -6.11 -2.81 -13.10
CA PRO A 18 -7.56 -2.52 -12.91
C PRO A 18 -8.45 -3.70 -13.33
N GLU A 19 -7.90 -4.54 -14.22
CA GLU A 19 -8.51 -5.80 -14.70
C GLU A 19 -8.61 -6.84 -13.56
N ARG A 20 -7.67 -6.77 -12.59
CA ARG A 20 -7.58 -7.74 -11.47
C ARG A 20 -8.37 -7.23 -10.26
N LEU A 21 -7.98 -6.03 -9.82
CA LEU A 21 -8.48 -5.39 -8.59
C LEU A 21 -9.91 -4.82 -8.75
N GLN A 22 -10.40 -4.73 -10.02
CA GLN A 22 -11.77 -4.25 -10.36
C GLN A 22 -12.00 -2.77 -9.97
N CYS A 23 -10.91 -2.08 -9.58
CA CYS A 23 -10.94 -0.69 -9.12
C CYS A 23 -10.27 0.22 -10.17
N PRO A 24 -10.72 1.51 -10.33
CA PRO A 24 -10.16 2.45 -11.35
C PRO A 24 -8.66 2.71 -11.13
N LEU A 25 -7.97 3.18 -12.20
CA LEU A 25 -6.51 3.36 -12.21
C LEU A 25 -6.06 4.30 -11.09
N GLU A 26 -6.71 5.48 -10.98
CA GLU A 26 -6.40 6.49 -9.95
C GLU A 26 -6.54 5.93 -8.52
N ALA A 27 -7.52 5.03 -8.32
CA ALA A 27 -7.76 4.39 -7.01
C ALA A 27 -6.57 3.49 -6.64
N ILE A 28 -6.06 2.76 -7.63
CA ILE A 28 -4.98 1.77 -7.42
C ILE A 28 -3.60 2.39 -7.72
N GLN A 29 -3.57 3.71 -8.02
CA GLN A 29 -2.38 4.40 -8.52
C GLN A 29 -1.38 4.61 -7.38
N CYS A 30 -0.10 4.30 -7.65
CA CYS A 30 1.00 4.51 -6.69
C CYS A 30 1.20 6.03 -6.45
N PRO A 31 1.06 6.52 -5.18
CA PRO A 31 1.28 7.95 -4.84
C PRO A 31 2.78 8.36 -4.89
N ILE A 32 3.65 7.38 -5.13
CA ILE A 32 5.10 7.60 -5.26
C ILE A 32 5.49 7.83 -6.73
N THR A 33 4.97 6.96 -7.62
CA THR A 33 5.36 6.95 -9.05
C THR A 33 4.24 7.49 -10.00
N LEU A 34 3.12 7.97 -9.39
CA LEU A 34 1.92 8.55 -10.10
C LEU A 34 1.40 7.71 -11.30
N GLU A 35 1.66 6.39 -11.26
CA GLU A 35 1.34 5.48 -12.36
C GLU A 35 0.74 4.18 -11.79
N GLN A 36 0.32 3.26 -12.69
CA GLN A 36 -0.11 1.91 -12.29
C GLN A 36 1.11 1.15 -11.73
N PRO A 37 1.10 0.74 -10.42
CA PRO A 37 2.17 -0.06 -9.81
C PRO A 37 2.58 -1.29 -10.64
N GLU A 38 1.57 -2.03 -11.19
CA GLU A 38 1.75 -3.31 -11.92
C GLU A 38 1.99 -4.47 -10.93
N LYS A 39 2.92 -4.22 -10.01
CA LYS A 39 3.21 -5.04 -8.84
C LYS A 39 3.34 -4.07 -7.66
N GLY A 40 2.33 -4.06 -6.78
CA GLY A 40 2.35 -3.21 -5.60
C GLY A 40 1.78 -3.89 -4.38
N ILE A 41 1.61 -3.13 -3.30
CA ILE A 41 1.26 -3.69 -1.99
C ILE A 41 0.37 -2.71 -1.21
N PHE A 42 -0.68 -3.26 -0.58
CA PHE A 42 -1.57 -2.49 0.30
C PHE A 42 -0.86 -2.22 1.64
N VAL A 43 -0.60 -0.95 1.92
CA VAL A 43 -0.01 -0.46 3.17
C VAL A 43 -0.86 0.73 3.68
N LYS A 44 -1.02 0.82 5.01
CA LYS A 44 -1.74 1.93 5.67
C LYS A 44 -1.28 3.32 5.19
N ASN A 45 -2.26 4.18 4.92
CA ASN A 45 -2.07 5.63 4.72
C ASN A 45 -1.51 6.25 6.01
N SER A 46 -2.05 5.76 7.14
CA SER A 46 -1.64 6.17 8.48
C SER A 46 -1.92 5.03 9.47
N ASP A 47 -1.02 4.87 10.45
CA ASP A 47 -1.03 3.76 11.44
C ASP A 47 -2.35 3.76 12.25
N GLY A 48 -2.65 4.90 12.89
CA GLY A 48 -3.83 5.05 13.75
C GLY A 48 -5.06 5.52 12.99
N SER A 49 -5.39 4.83 11.90
CA SER A 49 -6.60 5.09 11.09
C SER A 49 -7.14 3.80 10.47
N ASP A 50 -8.23 3.92 9.69
CA ASP A 50 -8.87 2.78 8.98
C ASP A 50 -8.73 2.93 7.47
N VAL A 51 -7.88 3.89 7.03
CA VAL A 51 -7.62 4.15 5.62
C VAL A 51 -6.32 3.45 5.16
N CYS A 52 -6.48 2.59 4.17
CA CYS A 52 -5.38 1.90 3.47
C CYS A 52 -5.13 2.60 2.12
N THR A 53 -3.91 2.42 1.58
CA THR A 53 -3.51 3.00 0.29
C THR A 53 -2.61 2.00 -0.46
N LEU A 54 -2.76 1.96 -1.79
CA LEU A 54 -1.98 1.07 -2.64
C LEU A 54 -0.75 1.80 -3.19
N PHE A 55 0.41 1.21 -2.94
CA PHE A 55 1.72 1.73 -3.37
C PHE A 55 2.29 0.82 -4.44
N ASP A 56 3.38 1.28 -5.09
CA ASP A 56 4.23 0.41 -5.91
C ASP A 56 5.17 -0.36 -4.98
N ALA A 57 5.29 -1.68 -5.21
CA ALA A 57 6.06 -2.58 -4.34
C ALA A 57 7.54 -2.19 -4.32
N ALA A 58 8.12 -1.95 -5.51
CA ALA A 58 9.54 -1.67 -5.66
C ALA A 58 9.91 -0.26 -5.16
N ALA A 59 8.95 0.67 -5.28
CA ALA A 59 9.13 2.09 -4.91
C ALA A 59 9.05 2.26 -3.39
N PHE A 60 8.06 1.59 -2.78
CA PHE A 60 7.86 1.63 -1.33
C PHE A 60 8.97 0.83 -0.64
N SER A 61 9.35 -0.33 -1.20
CA SER A 61 10.39 -1.21 -0.64
C SER A 61 11.74 -0.51 -0.56
N ARG A 62 12.17 0.12 -1.67
CA ARG A 62 13.47 0.84 -1.72
C ARG A 62 13.44 2.03 -0.74
N LEU A 63 12.26 2.69 -0.61
CA LEU A 63 12.03 3.82 0.31
C LEU A 63 12.29 3.41 1.77
N VAL A 64 11.75 2.22 2.13
CA VAL A 64 11.94 1.60 3.45
C VAL A 64 13.44 1.29 3.69
N GLY A 65 14.07 0.71 2.65
CA GLY A 65 15.47 0.28 2.71
C GLY A 65 16.44 1.46 2.86
N GLU A 66 16.04 2.65 2.35
CA GLU A 66 16.81 3.90 2.50
C GLU A 66 16.67 4.47 3.93
N GLY A 67 15.65 4.01 4.66
CA GLY A 67 15.38 4.51 6.01
C GLY A 67 14.56 5.78 6.00
N LEU A 68 13.80 5.96 4.92
CA LEU A 68 12.92 7.11 4.73
C LEU A 68 11.56 6.86 5.43
N PRO A 69 10.94 7.92 6.05
CA PRO A 69 9.58 7.82 6.63
C PRO A 69 8.49 7.80 5.54
N HIS A 70 7.25 7.53 5.96
CA HIS A 70 6.12 7.23 5.06
C HIS A 70 5.87 8.35 4.01
N PRO A 71 5.75 8.00 2.68
CA PRO A 71 5.61 8.98 1.57
C PRO A 71 4.38 9.91 1.69
N LEU A 72 3.31 9.43 2.35
CA LEU A 72 2.05 10.18 2.49
C LEU A 72 2.12 11.26 3.60
N THR A 73 2.20 10.84 4.87
CA THR A 73 2.12 11.79 6.03
C THR A 73 3.28 11.57 7.02
N ARG A 74 4.33 10.84 6.58
CA ARG A 74 5.61 10.70 7.31
C ARG A 74 5.46 9.85 8.59
N GLU A 75 4.53 8.87 8.51
CA GLU A 75 4.31 7.86 9.56
C GLU A 75 5.55 6.97 9.77
N PRO A 76 5.65 6.29 10.96
CA PRO A 76 6.67 5.27 11.19
C PRO A 76 6.41 4.01 10.32
N ILE A 77 7.20 3.85 9.23
CA ILE A 77 7.12 2.65 8.39
C ILE A 77 7.57 1.43 9.19
N THR A 78 6.61 0.55 9.46
CA THR A 78 6.82 -0.68 10.22
C THR A 78 6.10 -1.83 9.51
N ALA A 79 6.34 -3.06 9.97
CA ALA A 79 5.65 -4.26 9.47
C ALA A 79 4.15 -4.22 9.82
N SER A 80 3.83 -3.51 10.93
CA SER A 80 2.45 -3.37 11.43
C SER A 80 1.53 -2.60 10.45
N ILE A 81 2.02 -1.47 9.88
CA ILE A 81 1.21 -0.65 8.94
C ILE A 81 0.90 -1.41 7.64
N ILE A 82 1.76 -2.38 7.28
CA ILE A 82 1.54 -3.23 6.11
C ILE A 82 0.34 -4.16 6.36
N VAL A 83 -0.70 -4.02 5.53
CA VAL A 83 -1.96 -4.78 5.67
C VAL A 83 -2.09 -5.80 4.53
N LYS A 84 -3.02 -6.75 4.68
CA LYS A 84 -3.28 -7.82 3.69
C LYS A 84 -4.04 -7.30 2.46
N HIS A 85 -4.23 -8.19 1.46
CA HIS A 85 -5.01 -7.87 0.25
C HIS A 85 -6.49 -7.68 0.59
N GLU A 86 -6.97 -8.53 1.52
CA GLU A 86 -8.33 -8.44 2.07
C GLU A 86 -8.57 -7.07 2.70
N GLU A 87 -7.57 -6.61 3.48
CA GLU A 87 -7.68 -5.43 4.36
C GLU A 87 -7.79 -4.09 3.64
N CYS A 88 -8.06 -4.04 2.34
CA CYS A 88 -8.14 -2.77 1.61
C CYS A 88 -9.15 -2.92 0.49
N ILE A 89 -10.31 -2.26 0.65
CA ILE A 89 -11.45 -2.38 -0.27
C ILE A 89 -11.83 -0.98 -0.75
N TYR A 90 -11.77 -0.75 -2.08
CA TYR A 90 -12.08 0.56 -2.66
C TYR A 90 -13.57 0.87 -2.46
N ASP A 91 -13.83 1.82 -1.57
CA ASP A 91 -15.16 2.35 -1.30
C ASP A 91 -15.30 3.67 -2.07
N ASP A 92 -16.29 3.73 -2.98
CA ASP A 92 -16.57 4.93 -3.82
C ASP A 92 -16.92 6.17 -2.98
N THR A 93 -17.69 5.95 -1.88
CA THR A 93 -18.16 7.05 -1.01
C THR A 93 -16.97 7.74 -0.31
N ARG A 94 -16.00 6.94 0.16
CA ARG A 94 -14.80 7.45 0.84
C ARG A 94 -13.73 7.85 -0.19
N GLY A 95 -13.80 7.22 -1.38
CA GLY A 95 -12.90 7.50 -2.49
C GLY A 95 -11.51 6.91 -2.29
N ASN A 96 -11.44 5.78 -1.54
CA ASN A 96 -10.14 5.17 -1.13
C ASN A 96 -10.40 3.77 -0.54
N PHE A 97 -9.30 2.99 -0.37
CA PHE A 97 -9.35 1.66 0.27
C PHE A 97 -9.58 1.77 1.79
N ILE A 98 -10.56 1.01 2.29
CA ILE A 98 -10.92 0.96 3.73
C ILE A 98 -10.57 -0.43 4.27
N ILE A 99 -10.26 -0.55 5.57
CA ILE A 99 -9.78 -1.83 6.15
C ILE A 99 -10.90 -2.87 6.25
N LYS A 100 -10.69 -4.00 5.55
CA LYS A 100 -11.51 -5.23 5.67
C LYS A 100 -10.62 -6.28 6.38
N GLY A 101 -10.61 -6.23 7.71
CA GLY A 101 -9.75 -7.10 8.50
C GLY A 101 -10.24 -7.27 9.93
N ASN A 102 -11.14 -8.25 10.12
CA ASN A 102 -11.66 -8.63 11.44
C ASN A 102 -11.12 -10.03 11.81
N SER A 1 14.64 -3.72 11.54
CA SER A 1 13.24 -3.86 11.11
C SER A 1 13.15 -4.12 9.60
N GLN A 2 14.05 -3.47 8.82
CA GLN A 2 14.02 -3.45 7.36
C GLN A 2 13.90 -4.86 6.73
N GLU A 3 14.65 -5.85 7.24
CA GLU A 3 14.65 -7.22 6.64
C GLU A 3 13.23 -7.83 6.63
N SER A 4 12.50 -7.63 7.74
CA SER A 4 11.13 -8.15 7.90
C SER A 4 10.17 -7.40 6.96
N ILE A 5 10.41 -6.09 6.83
CA ILE A 5 9.57 -5.19 6.01
C ILE A 5 9.75 -5.50 4.51
N GLN A 6 11.01 -5.68 4.07
CA GLN A 6 11.36 -5.99 2.67
C GLN A 6 10.82 -7.37 2.28
N ASN A 7 10.97 -8.35 3.19
CA ASN A 7 10.41 -9.71 3.03
C ASN A 7 8.89 -9.65 2.84
N LYS A 8 8.24 -8.78 3.64
CA LYS A 8 6.79 -8.55 3.56
C LYS A 8 6.42 -8.04 2.16
N ILE A 9 7.08 -6.98 1.74
CA ILE A 9 6.80 -6.33 0.45
C ILE A 9 7.17 -7.27 -0.75
N SER A 10 8.01 -8.27 -0.49
CA SER A 10 8.40 -9.26 -1.49
C SER A 10 7.28 -10.30 -1.77
N GLN A 11 6.61 -10.79 -0.70
CA GLN A 11 5.59 -11.88 -0.82
C GLN A 11 4.13 -11.37 -0.65
N CYS A 12 3.91 -10.43 0.29
CA CYS A 12 2.59 -9.78 0.55
C CYS A 12 2.14 -8.90 -0.64
N LYS A 13 3.07 -8.54 -1.55
CA LYS A 13 2.75 -7.80 -2.78
C LYS A 13 1.87 -8.65 -3.72
N PHE A 14 1.37 -8.00 -4.77
CA PHE A 14 0.45 -8.61 -5.75
C PHE A 14 0.48 -7.83 -7.06
N SER A 15 -0.05 -8.45 -8.11
CA SER A 15 -0.19 -7.83 -9.42
C SER A 15 -1.31 -6.76 -9.39
N VAL A 16 -0.89 -5.48 -9.31
CA VAL A 16 -1.81 -4.34 -9.34
C VAL A 16 -2.24 -4.05 -10.79
N CYS A 17 -3.34 -4.71 -11.17
CA CYS A 17 -3.96 -4.58 -12.49
C CYS A 17 -5.44 -4.18 -12.27
N PRO A 18 -5.97 -3.14 -13.01
CA PRO A 18 -7.36 -2.62 -12.82
C PRO A 18 -8.43 -3.68 -13.18
N GLU A 19 -8.09 -4.52 -14.18
CA GLU A 19 -8.93 -5.63 -14.67
C GLU A 19 -9.17 -6.70 -13.57
N ARG A 20 -8.21 -6.80 -12.63
CA ARG A 20 -8.23 -7.80 -11.55
C ARG A 20 -8.90 -7.21 -10.29
N LEU A 21 -8.40 -6.03 -9.88
CA LEU A 21 -8.85 -5.33 -8.67
C LEU A 21 -10.25 -4.71 -8.81
N GLN A 22 -10.80 -4.71 -10.05
CA GLN A 22 -12.16 -4.20 -10.37
C GLN A 22 -12.31 -2.71 -9.98
N CYS A 23 -11.19 -1.98 -10.04
CA CYS A 23 -11.11 -0.56 -9.66
C CYS A 23 -10.34 0.21 -10.75
N PRO A 24 -10.73 1.49 -11.07
CA PRO A 24 -10.02 2.34 -12.07
C PRO A 24 -8.53 2.59 -11.74
N LEU A 25 -7.80 3.17 -12.71
CA LEU A 25 -6.34 3.35 -12.64
C LEU A 25 -5.93 4.23 -11.42
N GLU A 26 -6.52 5.43 -11.33
CA GLU A 26 -6.22 6.39 -10.24
C GLU A 26 -6.59 5.84 -8.86
N ALA A 27 -7.60 4.95 -8.85
CA ALA A 27 -8.08 4.26 -7.64
C ALA A 27 -6.96 3.41 -7.01
N ILE A 28 -6.21 2.72 -7.88
CA ILE A 28 -5.16 1.77 -7.49
C ILE A 28 -3.76 2.36 -7.69
N GLN A 29 -3.71 3.68 -7.98
CA GLN A 29 -2.48 4.36 -8.42
C GLN A 29 -1.50 4.54 -7.25
N CYS A 30 -0.22 4.26 -7.51
CA CYS A 30 0.86 4.51 -6.55
C CYS A 30 1.11 6.02 -6.41
N PRO A 31 0.96 6.61 -5.18
CA PRO A 31 1.25 8.04 -4.91
C PRO A 31 2.71 8.42 -5.19
N ILE A 32 3.60 7.42 -5.07
CA ILE A 32 5.05 7.61 -5.24
C ILE A 32 5.40 7.79 -6.73
N THR A 33 4.91 6.87 -7.57
CA THR A 33 5.26 6.81 -9.00
C THR A 33 4.19 7.47 -9.91
N LEU A 34 3.11 8.00 -9.27
CA LEU A 34 1.91 8.62 -9.93
C LEU A 34 1.39 7.82 -11.15
N GLU A 35 1.53 6.49 -11.08
CA GLU A 35 1.16 5.60 -12.20
C GLU A 35 0.65 4.26 -11.65
N GLN A 36 0.18 3.38 -12.55
CA GLN A 36 -0.20 1.99 -12.23
C GLN A 36 1.02 1.23 -11.68
N PRO A 37 0.99 0.75 -10.40
CA PRO A 37 2.06 -0.08 -9.84
C PRO A 37 2.44 -1.29 -10.71
N GLU A 38 1.41 -2.06 -11.19
CA GLU A 38 1.58 -3.36 -11.91
C GLU A 38 1.97 -4.47 -10.91
N LYS A 39 2.88 -4.15 -9.99
CA LYS A 39 3.25 -4.95 -8.83
C LYS A 39 3.33 -3.98 -7.65
N GLY A 40 2.32 -4.01 -6.79
CA GLY A 40 2.27 -3.15 -5.61
C GLY A 40 1.82 -3.89 -4.39
N ILE A 41 1.59 -3.17 -3.29
CA ILE A 41 1.26 -3.77 -1.99
C ILE A 41 0.36 -2.82 -1.18
N PHE A 42 -0.65 -3.41 -0.50
CA PHE A 42 -1.56 -2.68 0.39
C PHE A 42 -0.84 -2.35 1.71
N VAL A 43 -0.70 -1.04 1.98
CA VAL A 43 -0.08 -0.52 3.20
C VAL A 43 -0.98 0.58 3.78
N LYS A 44 -1.10 0.61 5.12
CA LYS A 44 -1.77 1.69 5.86
C LYS A 44 -1.25 3.07 5.44
N ASN A 45 -2.18 3.95 5.06
CA ASN A 45 -1.91 5.39 4.90
C ASN A 45 -1.51 5.94 6.26
N SER A 46 -2.29 5.56 7.29
CA SER A 46 -1.99 5.91 8.69
C SER A 46 -2.31 4.69 9.57
N ASP A 47 -1.37 4.36 10.48
CA ASP A 47 -1.44 3.15 11.33
C ASP A 47 -2.60 3.24 12.35
N GLY A 48 -2.84 4.45 12.88
CA GLY A 48 -3.86 4.69 13.90
C GLY A 48 -5.15 5.27 13.32
N SER A 49 -5.38 5.02 12.02
CA SER A 49 -6.58 5.45 11.30
C SER A 49 -7.00 4.33 10.34
N ASP A 50 -8.31 4.22 10.03
CA ASP A 50 -8.85 3.14 9.17
C ASP A 50 -8.72 3.48 7.66
N VAL A 51 -7.68 4.26 7.32
CA VAL A 51 -7.38 4.66 5.94
C VAL A 51 -6.16 3.87 5.41
N CYS A 52 -6.36 3.14 4.31
CA CYS A 52 -5.29 2.43 3.60
C CYS A 52 -5.04 3.09 2.23
N THR A 53 -3.87 2.80 1.65
CA THR A 53 -3.48 3.29 0.33
C THR A 53 -2.61 2.24 -0.36
N LEU A 54 -2.77 2.13 -1.68
CA LEU A 54 -2.02 1.16 -2.50
C LEU A 54 -0.79 1.86 -3.10
N PHE A 55 0.38 1.28 -2.84
CA PHE A 55 1.68 1.80 -3.31
C PHE A 55 2.28 0.83 -4.33
N ASP A 56 3.32 1.29 -5.03
CA ASP A 56 4.18 0.40 -5.83
C ASP A 56 5.10 -0.37 -4.89
N ALA A 57 5.24 -1.67 -5.14
CA ALA A 57 6.00 -2.57 -4.26
C ALA A 57 7.48 -2.18 -4.20
N ALA A 58 8.07 -1.96 -5.37
CA ALA A 58 9.51 -1.68 -5.49
C ALA A 58 9.84 -0.25 -5.03
N ALA A 59 8.88 0.67 -5.22
CA ALA A 59 9.03 2.08 -4.83
C ALA A 59 8.92 2.27 -3.32
N PHE A 60 7.99 1.53 -2.71
CA PHE A 60 7.80 1.56 -1.25
C PHE A 60 8.93 0.79 -0.55
N SER A 61 9.39 -0.32 -1.19
CA SER A 61 10.47 -1.17 -0.65
C SER A 61 11.81 -0.43 -0.62
N ARG A 62 12.14 0.29 -1.71
CA ARG A 62 13.38 1.08 -1.78
C ARG A 62 13.33 2.24 -0.77
N LEU A 63 12.13 2.84 -0.61
CA LEU A 63 11.85 3.93 0.35
C LEU A 63 12.19 3.48 1.79
N VAL A 64 11.73 2.27 2.14
CA VAL A 64 12.04 1.63 3.44
C VAL A 64 13.53 1.27 3.54
N GLY A 65 14.09 0.79 2.41
CA GLY A 65 15.49 0.35 2.36
C GLY A 65 16.46 1.51 2.56
N GLU A 66 15.99 2.74 2.29
CA GLU A 66 16.74 3.98 2.61
C GLU A 66 16.50 4.37 4.09
N GLY A 67 15.33 4.02 4.63
CA GLY A 67 14.96 4.32 6.02
C GLY A 67 14.20 5.63 6.14
N LEU A 68 13.32 5.89 5.16
CA LEU A 68 12.58 7.16 5.06
C LEU A 68 11.18 7.02 5.73
N PRO A 69 10.63 8.13 6.35
CA PRO A 69 9.27 8.12 6.93
C PRO A 69 8.19 8.04 5.85
N HIS A 70 6.94 7.72 6.27
CA HIS A 70 5.83 7.40 5.36
C HIS A 70 5.58 8.54 4.33
N PRO A 71 5.54 8.21 2.99
CA PRO A 71 5.42 9.23 1.90
C PRO A 71 4.20 10.18 2.07
N LEU A 72 3.11 9.64 2.64
CA LEU A 72 1.85 10.38 2.80
C LEU A 72 1.86 11.24 4.09
N THR A 73 1.97 10.58 5.25
CA THR A 73 1.70 11.21 6.58
C THR A 73 2.95 11.27 7.47
N ARG A 74 4.06 10.65 7.02
CA ARG A 74 5.38 10.68 7.71
C ARG A 74 5.36 9.89 9.05
N GLU A 75 4.51 8.86 9.12
CA GLU A 75 4.50 7.90 10.24
C GLU A 75 5.72 6.96 10.18
N PRO A 76 6.14 6.37 11.35
CA PRO A 76 7.23 5.35 11.39
C PRO A 76 6.84 4.07 10.60
N ILE A 77 7.46 3.90 9.41
CA ILE A 77 7.23 2.70 8.57
C ILE A 77 7.81 1.44 9.23
N THR A 78 6.94 0.44 9.40
CA THR A 78 7.30 -0.86 9.97
C THR A 78 6.32 -1.93 9.46
N ALA A 79 6.53 -3.17 9.91
CA ALA A 79 5.67 -4.32 9.55
C ALA A 79 4.23 -4.15 10.07
N SER A 80 4.05 -3.28 11.09
CA SER A 80 2.74 -2.97 11.69
C SER A 80 1.79 -2.25 10.69
N ILE A 81 2.35 -1.43 9.78
CA ILE A 81 1.53 -0.67 8.80
C ILE A 81 1.25 -1.49 7.53
N ILE A 82 2.14 -2.44 7.19
CA ILE A 82 1.95 -3.31 6.01
C ILE A 82 0.78 -4.28 6.27
N VAL A 83 -0.30 -4.12 5.51
CA VAL A 83 -1.55 -4.86 5.73
C VAL A 83 -1.86 -5.79 4.54
N LYS A 84 -2.82 -6.71 4.77
CA LYS A 84 -3.22 -7.73 3.78
C LYS A 84 -4.25 -7.19 2.78
N HIS A 85 -4.76 -8.12 1.94
CA HIS A 85 -5.66 -7.79 0.82
C HIS A 85 -7.11 -7.61 1.28
N GLU A 86 -7.44 -8.23 2.43
CA GLU A 86 -8.78 -8.15 3.04
C GLU A 86 -9.02 -6.71 3.50
N GLU A 87 -8.08 -6.24 4.38
CA GLU A 87 -7.94 -4.86 4.84
C GLU A 87 -8.39 -3.83 3.80
N CYS A 88 -7.57 -3.57 2.79
CA CYS A 88 -7.73 -2.41 1.90
C CYS A 88 -8.65 -2.75 0.73
N ILE A 89 -9.84 -2.16 0.75
CA ILE A 89 -10.86 -2.33 -0.30
C ILE A 89 -11.32 -0.95 -0.78
N TYR A 90 -11.05 -0.62 -2.06
CA TYR A 90 -11.38 0.70 -2.63
C TYR A 90 -12.90 0.88 -2.67
N ASP A 91 -13.40 1.77 -1.81
CA ASP A 91 -14.79 2.21 -1.83
C ASP A 91 -14.90 3.45 -2.73
N ASP A 92 -15.87 3.40 -3.66
CA ASP A 92 -16.14 4.50 -4.63
C ASP A 92 -16.62 5.77 -3.91
N THR A 93 -17.56 5.60 -2.96
CA THR A 93 -18.22 6.73 -2.28
C THR A 93 -17.20 7.56 -1.46
N ARG A 94 -16.27 6.84 -0.82
CA ARG A 94 -15.17 7.45 -0.06
C ARG A 94 -14.03 7.90 -0.99
N GLY A 95 -13.87 7.20 -2.11
CA GLY A 95 -12.77 7.44 -3.05
C GLY A 95 -11.41 7.04 -2.48
N ASN A 96 -11.40 5.97 -1.68
CA ASN A 96 -10.17 5.49 -0.99
C ASN A 96 -10.37 4.06 -0.47
N PHE A 97 -9.24 3.36 -0.19
CA PHE A 97 -9.24 2.01 0.39
C PHE A 97 -9.62 2.06 1.89
N ILE A 98 -10.67 1.33 2.23
CA ILE A 98 -11.21 1.24 3.60
C ILE A 98 -10.64 -0.01 4.24
N ILE A 99 -10.73 -0.14 5.57
CA ILE A 99 -10.19 -1.30 6.30
C ILE A 99 -11.28 -2.37 6.52
N LYS A 100 -10.86 -3.63 6.37
CA LYS A 100 -11.69 -4.82 6.54
C LYS A 100 -10.82 -5.95 7.11
N GLY A 101 -10.84 -6.10 8.43
CA GLY A 101 -10.01 -7.06 9.14
C GLY A 101 -10.19 -6.89 10.63
N ASN A 102 -11.07 -7.74 11.21
CA ASN A 102 -11.50 -7.70 12.62
C ASN A 102 -12.37 -6.44 12.86
N SER A 1 12.69 -5.10 13.25
CA SER A 1 13.76 -5.25 12.25
C SER A 1 13.28 -4.75 10.86
N GLN A 2 14.24 -4.24 10.06
CA GLN A 2 13.97 -3.66 8.72
C GLN A 2 13.59 -4.77 7.73
N GLU A 3 14.17 -5.97 7.93
CA GLU A 3 13.96 -7.15 7.08
C GLU A 3 12.49 -7.65 7.13
N SER A 4 11.82 -7.41 8.28
CA SER A 4 10.43 -7.86 8.50
C SER A 4 9.50 -7.09 7.56
N ILE A 5 9.83 -5.80 7.38
CA ILE A 5 9.07 -4.88 6.52
C ILE A 5 9.33 -5.21 5.04
N GLN A 6 10.62 -5.42 4.70
CA GLN A 6 11.08 -5.78 3.34
C GLN A 6 10.44 -7.08 2.83
N ASN A 7 10.45 -8.14 3.68
CA ASN A 7 9.83 -9.43 3.35
C ASN A 7 8.34 -9.32 3.24
N LYS A 8 7.73 -8.43 4.06
CA LYS A 8 6.31 -8.13 3.97
C LYS A 8 5.96 -7.63 2.58
N ILE A 9 6.74 -6.66 2.11
CA ILE A 9 6.52 -6.06 0.78
C ILE A 9 6.78 -7.10 -0.34
N SER A 10 7.61 -8.11 -0.04
CA SER A 10 7.96 -9.18 -0.99
C SER A 10 6.79 -10.18 -1.21
N GLN A 11 6.10 -10.57 -0.12
CA GLN A 11 5.01 -11.59 -0.18
C GLN A 11 3.60 -10.95 -0.22
N CYS A 12 3.43 -9.86 0.54
CA CYS A 12 2.13 -9.15 0.70
C CYS A 12 1.84 -8.20 -0.47
N LYS A 13 2.80 -8.05 -1.40
CA LYS A 13 2.53 -7.41 -2.72
C LYS A 13 1.59 -8.27 -3.57
N PHE A 14 1.19 -7.74 -4.73
CA PHE A 14 0.34 -8.44 -5.70
C PHE A 14 0.40 -7.74 -7.06
N SER A 15 -0.12 -8.41 -8.09
CA SER A 15 -0.20 -7.85 -9.44
C SER A 15 -1.33 -6.80 -9.52
N VAL A 16 -0.94 -5.52 -9.44
CA VAL A 16 -1.85 -4.38 -9.48
C VAL A 16 -2.24 -4.05 -10.95
N CYS A 17 -3.32 -4.70 -11.40
CA CYS A 17 -3.96 -4.43 -12.68
C CYS A 17 -5.40 -3.92 -12.41
N PRO A 18 -5.86 -2.80 -13.06
CA PRO A 18 -7.20 -2.21 -12.82
C PRO A 18 -8.36 -3.12 -13.27
N GLU A 19 -8.06 -4.09 -14.18
CA GLU A 19 -9.05 -5.10 -14.61
C GLU A 19 -9.35 -6.08 -13.46
N ARG A 20 -8.32 -6.43 -12.67
CA ARG A 20 -8.41 -7.43 -11.59
C ARG A 20 -9.14 -6.84 -10.38
N LEU A 21 -8.68 -5.64 -9.97
CA LEU A 21 -9.28 -4.90 -8.84
C LEU A 21 -10.63 -4.27 -9.22
N GLN A 22 -10.89 -4.14 -10.55
CA GLN A 22 -12.13 -3.56 -11.12
C GLN A 22 -12.35 -2.10 -10.66
N CYS A 23 -11.23 -1.41 -10.42
CA CYS A 23 -11.20 0.02 -10.01
C CYS A 23 -10.46 0.82 -11.10
N PRO A 24 -10.69 2.17 -11.22
CA PRO A 24 -9.93 3.01 -12.17
C PRO A 24 -8.46 3.16 -11.74
N LEU A 25 -7.62 3.61 -12.68
CA LEU A 25 -6.16 3.67 -12.52
C LEU A 25 -5.78 4.54 -11.30
N GLU A 26 -6.37 5.75 -11.22
CA GLU A 26 -6.08 6.73 -10.16
C GLU A 26 -6.44 6.18 -8.75
N ALA A 27 -7.47 5.32 -8.70
CA ALA A 27 -7.93 4.69 -7.43
C ALA A 27 -6.89 3.73 -6.86
N ILE A 28 -6.16 3.04 -7.77
CA ILE A 28 -5.16 2.02 -7.41
C ILE A 28 -3.72 2.58 -7.57
N GLN A 29 -3.63 3.88 -7.88
CA GLN A 29 -2.39 4.52 -8.34
C GLN A 29 -1.39 4.63 -7.18
N CYS A 30 -0.13 4.30 -7.47
CA CYS A 30 0.99 4.51 -6.54
C CYS A 30 1.27 6.02 -6.42
N PRO A 31 1.10 6.66 -5.21
CA PRO A 31 1.36 8.09 -5.02
C PRO A 31 2.85 8.46 -5.18
N ILE A 32 3.72 7.44 -5.05
CA ILE A 32 5.17 7.59 -5.18
C ILE A 32 5.55 7.80 -6.67
N THR A 33 5.03 6.91 -7.54
CA THR A 33 5.38 6.86 -8.97
C THR A 33 4.32 7.56 -9.86
N LEU A 34 3.26 8.13 -9.22
CA LEU A 34 2.09 8.80 -9.88
C LEU A 34 1.49 7.99 -11.07
N GLU A 35 1.64 6.66 -11.02
CA GLU A 35 1.20 5.76 -12.12
C GLU A 35 0.82 4.39 -11.55
N GLN A 36 0.34 3.49 -12.44
CA GLN A 36 -0.05 2.12 -12.09
C GLN A 36 1.16 1.38 -11.48
N PRO A 37 1.03 0.82 -10.24
CA PRO A 37 2.06 -0.06 -9.68
C PRO A 37 2.42 -1.25 -10.60
N GLU A 38 1.39 -1.99 -11.13
CA GLU A 38 1.56 -3.25 -11.91
C GLU A 38 1.90 -4.42 -10.96
N LYS A 39 2.83 -4.14 -10.05
CA LYS A 39 3.16 -4.93 -8.88
C LYS A 39 3.26 -3.93 -7.72
N GLY A 40 2.33 -4.00 -6.76
CA GLY A 40 2.32 -3.10 -5.62
C GLY A 40 1.73 -3.73 -4.39
N ILE A 41 1.60 -2.94 -3.31
CA ILE A 41 1.24 -3.46 -1.99
C ILE A 41 0.37 -2.46 -1.22
N PHE A 42 -0.64 -3.00 -0.51
CA PHE A 42 -1.50 -2.25 0.40
C PHE A 42 -0.73 -1.93 1.71
N VAL A 43 -0.42 -0.65 1.92
CA VAL A 43 0.22 -0.15 3.16
C VAL A 43 -0.56 1.09 3.65
N LYS A 44 -0.82 1.13 4.96
CA LYS A 44 -1.56 2.22 5.63
C LYS A 44 -0.86 3.59 5.50
N ASN A 45 -1.68 4.62 5.20
CA ASN A 45 -1.26 6.04 5.21
C ASN A 45 -1.29 6.60 6.67
N SER A 46 -1.68 5.75 7.62
CA SER A 46 -1.66 6.05 9.05
C SER A 46 -2.01 4.78 9.82
N ASP A 47 -1.40 4.60 11.01
CA ASP A 47 -1.72 3.45 11.87
C ASP A 47 -3.11 3.64 12.48
N GLY A 48 -3.29 4.76 13.20
CA GLY A 48 -4.51 5.04 13.99
C GLY A 48 -5.79 5.18 13.16
N SER A 49 -5.66 5.46 11.84
CA SER A 49 -6.82 5.59 10.92
C SER A 49 -6.78 4.47 9.88
N ASP A 50 -7.97 4.01 9.44
CA ASP A 50 -8.13 2.81 8.56
C ASP A 50 -7.92 3.13 7.07
N VAL A 51 -7.20 4.23 6.75
CA VAL A 51 -6.89 4.60 5.38
C VAL A 51 -5.74 3.73 4.84
N CYS A 52 -6.11 2.75 4.02
CA CYS A 52 -5.17 1.90 3.29
C CYS A 52 -4.89 2.54 1.93
N THR A 53 -3.60 2.59 1.57
CA THR A 53 -3.14 3.16 0.31
C THR A 53 -2.34 2.13 -0.47
N LEU A 54 -2.61 2.03 -1.78
CA LEU A 54 -1.92 1.11 -2.66
C LEU A 54 -0.70 1.82 -3.28
N PHE A 55 0.48 1.27 -2.99
CA PHE A 55 1.76 1.79 -3.46
C PHE A 55 2.33 0.83 -4.50
N ASP A 56 3.47 1.22 -5.09
CA ASP A 56 4.28 0.33 -5.94
C ASP A 56 5.20 -0.51 -5.04
N ALA A 57 5.36 -1.79 -5.36
CA ALA A 57 6.11 -2.75 -4.54
C ALA A 57 7.59 -2.38 -4.50
N ALA A 58 8.16 -2.09 -5.69
CA ALA A 58 9.60 -1.81 -5.84
C ALA A 58 9.95 -0.43 -5.27
N ALA A 59 9.05 0.54 -5.49
CA ALA A 59 9.24 1.94 -5.08
C ALA A 59 9.16 2.08 -3.57
N PHE A 60 8.14 1.45 -2.96
CA PHE A 60 7.92 1.51 -1.51
C PHE A 60 9.00 0.69 -0.78
N SER A 61 9.39 -0.48 -1.35
CA SER A 61 10.39 -1.37 -0.74
C SER A 61 11.79 -0.73 -0.72
N ARG A 62 12.19 -0.07 -1.84
CA ARG A 62 13.50 0.60 -1.90
C ARG A 62 13.52 1.78 -0.92
N LEU A 63 12.36 2.47 -0.77
CA LEU A 63 12.15 3.59 0.17
C LEU A 63 12.42 3.12 1.63
N VAL A 64 11.87 1.93 1.94
CA VAL A 64 12.06 1.27 3.25
C VAL A 64 13.54 0.89 3.46
N GLY A 65 14.16 0.39 2.37
CA GLY A 65 15.56 0.00 2.37
C GLY A 65 16.51 1.18 2.58
N GLU A 66 16.06 2.38 2.15
CA GLU A 66 16.81 3.64 2.35
C GLU A 66 16.77 4.08 3.83
N GLY A 67 15.61 3.89 4.47
CA GLY A 67 15.40 4.35 5.84
C GLY A 67 14.87 5.77 5.89
N LEU A 68 13.87 6.03 5.04
CA LEU A 68 13.18 7.34 4.93
C LEU A 68 11.76 7.23 5.54
N PRO A 69 11.18 8.36 6.10
CA PRO A 69 9.79 8.37 6.64
C PRO A 69 8.73 8.05 5.56
N HIS A 70 7.47 7.83 5.98
CA HIS A 70 6.36 7.49 5.08
C HIS A 70 6.19 8.57 3.97
N PRO A 71 6.07 8.17 2.66
CA PRO A 71 6.01 9.12 1.51
C PRO A 71 4.88 10.15 1.61
N LEU A 72 3.76 9.75 2.25
CA LEU A 72 2.57 10.60 2.37
C LEU A 72 2.53 11.39 3.69
N THR A 73 2.56 10.66 4.82
CA THR A 73 2.27 11.24 6.16
C THR A 73 3.55 11.45 6.99
N ARG A 74 4.64 10.76 6.58
CA ARG A 74 5.95 10.78 7.26
C ARG A 74 5.88 10.15 8.67
N GLU A 75 4.97 9.17 8.82
CA GLU A 75 4.90 8.28 10.00
C GLU A 75 5.99 7.20 9.93
N PRO A 76 6.40 6.58 11.09
CA PRO A 76 7.36 5.46 11.10
C PRO A 76 6.83 4.27 10.26
N ILE A 77 7.44 4.05 9.06
CA ILE A 77 7.15 2.87 8.25
C ILE A 77 7.52 1.61 9.03
N THR A 78 6.52 0.78 9.28
CA THR A 78 6.65 -0.45 10.05
C THR A 78 5.86 -1.56 9.37
N ALA A 79 6.27 -2.80 9.66
CA ALA A 79 5.57 -4.02 9.23
C ALA A 79 4.12 -4.04 9.75
N SER A 80 3.91 -3.34 10.88
CA SER A 80 2.60 -3.17 11.53
C SER A 80 1.58 -2.42 10.62
N ILE A 81 2.02 -1.31 9.96
CA ILE A 81 1.11 -0.54 9.06
C ILE A 81 0.97 -1.23 7.69
N ILE A 82 1.85 -2.17 7.38
CA ILE A 82 1.67 -3.00 6.18
C ILE A 82 0.52 -3.99 6.41
N VAL A 83 -0.50 -3.92 5.53
CA VAL A 83 -1.71 -4.75 5.63
C VAL A 83 -1.79 -5.71 4.44
N LYS A 84 -2.62 -6.75 4.59
CA LYS A 84 -2.83 -7.79 3.57
C LYS A 84 -3.86 -7.35 2.50
N HIS A 85 -4.12 -8.24 1.54
CA HIS A 85 -4.96 -7.97 0.37
C HIS A 85 -6.45 -7.84 0.75
N GLU A 86 -6.91 -8.79 1.60
CA GLU A 86 -8.32 -8.89 2.02
C GLU A 86 -8.72 -7.70 2.91
N GLU A 87 -7.74 -7.13 3.64
CA GLU A 87 -7.91 -5.93 4.48
C GLU A 87 -8.49 -4.78 3.64
N CYS A 88 -7.76 -4.41 2.58
CA CYS A 88 -8.02 -3.18 1.83
C CYS A 88 -9.03 -3.44 0.72
N ILE A 89 -10.21 -2.82 0.87
CA ILE A 89 -11.36 -2.99 -0.01
C ILE A 89 -11.74 -1.61 -0.56
N TYR A 90 -11.62 -1.40 -1.89
CA TYR A 90 -11.94 -0.10 -2.49
C TYR A 90 -13.45 0.16 -2.38
N ASP A 91 -13.81 1.08 -1.47
CA ASP A 91 -15.18 1.54 -1.29
C ASP A 91 -15.40 2.74 -2.21
N ASP A 92 -16.45 2.64 -3.05
CA ASP A 92 -16.82 3.65 -4.06
C ASP A 92 -17.24 4.97 -3.39
N THR A 93 -18.08 4.86 -2.35
CA THR A 93 -18.67 6.01 -1.65
C THR A 93 -17.62 6.75 -0.78
N ARG A 94 -16.63 6.01 -0.25
CA ARG A 94 -15.50 6.58 0.50
C ARG A 94 -14.39 7.06 -0.46
N GLY A 95 -14.34 6.45 -1.66
CA GLY A 95 -13.33 6.76 -2.67
C GLY A 95 -11.92 6.31 -2.27
N ASN A 96 -11.83 5.25 -1.44
CA ASN A 96 -10.53 4.73 -0.92
C ASN A 96 -10.70 3.33 -0.30
N PHE A 97 -9.56 2.61 -0.15
CA PHE A 97 -9.50 1.27 0.46
C PHE A 97 -9.73 1.34 1.99
N ILE A 98 -10.75 0.60 2.46
CA ILE A 98 -11.12 0.51 3.90
C ILE A 98 -10.55 -0.82 4.43
N ILE A 99 -10.33 -0.95 5.75
CA ILE A 99 -9.76 -2.18 6.34
C ILE A 99 -10.88 -3.18 6.74
N LYS A 100 -10.63 -4.47 6.43
CA LYS A 100 -11.55 -5.59 6.65
C LYS A 100 -10.67 -6.83 6.96
N GLY A 101 -10.50 -7.13 8.25
CA GLY A 101 -9.64 -8.25 8.68
C GLY A 101 -10.06 -8.83 10.01
N ASN A 102 -9.74 -8.09 11.10
CA ASN A 102 -10.05 -8.51 12.47
C ASN A 102 -10.48 -7.25 13.26
N SER A 1 13.85 -2.49 11.98
CA SER A 1 14.01 -3.83 11.39
C SER A 1 13.49 -3.85 9.94
N GLN A 2 14.35 -3.38 9.02
CA GLN A 2 14.00 -3.19 7.60
C GLN A 2 13.83 -4.53 6.87
N GLU A 3 14.66 -5.54 7.21
CA GLU A 3 14.66 -6.84 6.50
C GLU A 3 13.28 -7.54 6.57
N SER A 4 12.58 -7.35 7.70
CA SER A 4 11.23 -7.92 7.92
C SER A 4 10.21 -7.20 7.04
N ILE A 5 10.35 -5.87 6.99
CA ILE A 5 9.46 -4.98 6.22
C ILE A 5 9.59 -5.28 4.71
N GLN A 6 10.85 -5.45 4.24
CA GLN A 6 11.18 -5.76 2.83
C GLN A 6 10.63 -7.15 2.43
N ASN A 7 10.79 -8.13 3.35
CA ASN A 7 10.24 -9.50 3.18
C ASN A 7 8.72 -9.45 3.01
N LYS A 8 8.08 -8.57 3.80
CA LYS A 8 6.62 -8.33 3.73
C LYS A 8 6.28 -7.80 2.34
N ILE A 9 6.96 -6.74 1.93
CA ILE A 9 6.71 -6.07 0.62
C ILE A 9 6.99 -7.04 -0.56
N SER A 10 7.75 -8.11 -0.29
CA SER A 10 8.19 -9.09 -1.30
C SER A 10 7.13 -10.19 -1.55
N GLN A 11 6.50 -10.69 -0.47
CA GLN A 11 5.50 -11.80 -0.56
C GLN A 11 4.05 -11.30 -0.36
N CYS A 12 3.87 -10.29 0.50
CA CYS A 12 2.54 -9.70 0.82
C CYS A 12 2.01 -8.85 -0.36
N LYS A 13 2.90 -8.53 -1.33
CA LYS A 13 2.52 -7.84 -2.58
C LYS A 13 1.56 -8.69 -3.44
N PHE A 14 1.05 -8.08 -4.50
CA PHE A 14 0.10 -8.71 -5.43
C PHE A 14 0.12 -7.98 -6.79
N SER A 15 -0.42 -8.64 -7.83
CA SER A 15 -0.54 -8.08 -9.18
C SER A 15 -1.58 -6.93 -9.21
N VAL A 16 -1.07 -5.68 -9.24
CA VAL A 16 -1.91 -4.49 -9.30
C VAL A 16 -2.23 -4.09 -10.75
N CYS A 17 -3.40 -4.51 -11.20
CA CYS A 17 -3.96 -4.12 -12.51
C CYS A 17 -5.40 -3.65 -12.27
N PRO A 18 -5.93 -2.66 -13.06
CA PRO A 18 -7.34 -2.19 -12.91
C PRO A 18 -8.36 -3.31 -13.23
N GLU A 19 -7.87 -4.36 -13.93
CA GLU A 19 -8.63 -5.58 -14.23
C GLU A 19 -8.69 -6.50 -12.99
N ARG A 20 -7.54 -6.62 -12.29
CA ARG A 20 -7.40 -7.51 -11.12
C ARG A 20 -8.23 -6.98 -9.94
N LEU A 21 -8.00 -5.70 -9.57
CA LEU A 21 -8.74 -5.05 -8.46
C LEU A 21 -10.16 -4.64 -8.86
N GLN A 22 -10.43 -4.60 -10.20
CA GLN A 22 -11.74 -4.19 -10.78
C GLN A 22 -12.08 -2.71 -10.46
N CYS A 23 -11.06 -1.97 -10.04
CA CYS A 23 -11.15 -0.53 -9.71
C CYS A 23 -10.40 0.27 -10.79
N PRO A 24 -10.80 1.55 -11.09
CA PRO A 24 -10.09 2.42 -12.06
C PRO A 24 -8.59 2.61 -11.71
N LEU A 25 -7.78 3.00 -12.71
CA LEU A 25 -6.31 3.12 -12.60
C LEU A 25 -5.93 4.14 -11.51
N GLU A 26 -6.56 5.32 -11.54
CA GLU A 26 -6.33 6.40 -10.56
C GLU A 26 -6.63 5.94 -9.11
N ALA A 27 -7.65 5.06 -8.98
CA ALA A 27 -8.10 4.52 -7.69
C ALA A 27 -7.08 3.54 -7.07
N ILE A 28 -6.28 2.89 -7.93
CA ILE A 28 -5.24 1.92 -7.50
C ILE A 28 -3.83 2.50 -7.70
N GLN A 29 -3.77 3.79 -8.08
CA GLN A 29 -2.53 4.45 -8.54
C GLN A 29 -1.56 4.64 -7.37
N CYS A 30 -0.30 4.25 -7.57
CA CYS A 30 0.77 4.44 -6.59
C CYS A 30 1.04 5.94 -6.41
N PRO A 31 0.84 6.51 -5.17
CA PRO A 31 1.12 7.93 -4.87
C PRO A 31 2.60 8.31 -5.07
N ILE A 32 3.47 7.30 -4.93
CA ILE A 32 4.93 7.45 -5.02
C ILE A 32 5.35 7.70 -6.47
N THR A 33 4.90 6.82 -7.38
CA THR A 33 5.32 6.81 -8.80
C THR A 33 4.28 7.47 -9.73
N LEU A 34 3.17 7.99 -9.14
CA LEU A 34 2.01 8.63 -9.86
C LEU A 34 1.49 7.79 -11.06
N GLU A 35 1.67 6.47 -10.98
CA GLU A 35 1.30 5.54 -12.07
C GLU A 35 0.86 4.20 -11.50
N GLN A 36 0.42 3.27 -12.37
CA GLN A 36 0.07 1.90 -11.97
C GLN A 36 1.28 1.20 -11.33
N PRO A 37 1.13 0.61 -10.12
CA PRO A 37 2.14 -0.30 -9.54
C PRO A 37 2.51 -1.51 -10.45
N GLU A 38 1.48 -2.24 -10.96
CA GLU A 38 1.61 -3.54 -11.70
C GLU A 38 1.88 -4.69 -10.70
N LYS A 39 2.82 -4.44 -9.80
CA LYS A 39 3.13 -5.25 -8.63
C LYS A 39 3.24 -4.28 -7.46
N GLY A 40 2.22 -4.23 -6.60
CA GLY A 40 2.19 -3.32 -5.46
C GLY A 40 1.69 -4.00 -4.23
N ILE A 41 1.51 -3.22 -3.16
CA ILE A 41 1.17 -3.77 -1.84
C ILE A 41 0.31 -2.76 -1.07
N PHE A 42 -0.72 -3.28 -0.39
CA PHE A 42 -1.59 -2.49 0.50
C PHE A 42 -0.85 -2.19 1.80
N VAL A 43 -0.74 -0.89 2.10
CA VAL A 43 -0.16 -0.38 3.34
C VAL A 43 -1.04 0.75 3.87
N LYS A 44 -1.27 0.78 5.19
CA LYS A 44 -1.96 1.88 5.89
C LYS A 44 -1.30 3.23 5.58
N ASN A 45 -2.14 4.28 5.43
CA ASN A 45 -1.65 5.66 5.45
C ASN A 45 -1.13 5.96 6.86
N SER A 46 -1.91 5.60 7.90
CA SER A 46 -1.49 5.67 9.30
C SER A 46 -1.96 4.41 10.05
N ASP A 47 -1.18 4.03 11.08
CA ASP A 47 -1.29 2.73 11.76
C ASP A 47 -2.66 2.53 12.44
N GLY A 48 -3.00 3.44 13.37
CA GLY A 48 -4.22 3.31 14.18
C GLY A 48 -5.42 4.03 13.58
N SER A 49 -5.65 3.80 12.28
CA SER A 49 -6.78 4.41 11.53
C SER A 49 -7.46 3.38 10.61
N ASP A 50 -8.55 3.82 9.94
CA ASP A 50 -9.32 2.98 9.00
C ASP A 50 -8.87 3.24 7.55
N VAL A 51 -7.83 4.07 7.36
CA VAL A 51 -7.37 4.49 6.03
C VAL A 51 -6.19 3.63 5.54
N CYS A 52 -6.42 2.91 4.43
CA CYS A 52 -5.38 2.18 3.71
C CYS A 52 -5.12 2.85 2.35
N THR A 53 -3.95 2.56 1.77
CA THR A 53 -3.53 3.11 0.48
C THR A 53 -2.65 2.08 -0.25
N LEU A 54 -2.79 2.01 -1.58
CA LEU A 54 -2.03 1.10 -2.42
C LEU A 54 -0.81 1.81 -3.00
N PHE A 55 0.37 1.24 -2.77
CA PHE A 55 1.65 1.76 -3.23
C PHE A 55 2.29 0.75 -4.21
N ASP A 56 3.29 1.21 -4.96
CA ASP A 56 4.12 0.33 -5.79
C ASP A 56 5.06 -0.45 -4.86
N ALA A 57 5.19 -1.77 -5.09
CA ALA A 57 5.99 -2.66 -4.22
C ALA A 57 7.47 -2.26 -4.22
N ALA A 58 8.03 -2.04 -5.42
CA ALA A 58 9.48 -1.79 -5.59
C ALA A 58 9.85 -0.36 -5.14
N ALA A 59 8.89 0.56 -5.29
CA ALA A 59 9.05 1.99 -4.93
C ALA A 59 8.93 2.18 -3.41
N PHE A 60 8.01 1.41 -2.80
CA PHE A 60 7.78 1.44 -1.35
C PHE A 60 8.91 0.67 -0.64
N SER A 61 9.44 -0.37 -1.29
CA SER A 61 10.52 -1.20 -0.73
C SER A 61 11.85 -0.43 -0.71
N ARG A 62 12.19 0.26 -1.81
CA ARG A 62 13.41 1.09 -1.87
C ARG A 62 13.33 2.24 -0.85
N LEU A 63 12.11 2.80 -0.71
CA LEU A 63 11.79 3.88 0.24
C LEU A 63 12.20 3.48 1.67
N VAL A 64 11.69 2.34 2.14
CA VAL A 64 11.97 1.82 3.50
C VAL A 64 13.44 1.36 3.63
N GLY A 65 13.97 0.77 2.54
CA GLY A 65 15.35 0.25 2.51
C GLY A 65 16.40 1.35 2.65
N GLU A 66 16.06 2.56 2.19
CA GLU A 66 16.86 3.77 2.39
C GLU A 66 16.64 4.37 3.80
N GLY A 67 15.47 4.08 4.38
CA GLY A 67 15.10 4.56 5.73
C GLY A 67 14.34 5.87 5.71
N LEU A 68 13.59 6.08 4.62
CA LEU A 68 12.76 7.27 4.41
C LEU A 68 11.41 7.06 5.12
N PRO A 69 10.75 8.14 5.66
CA PRO A 69 9.44 8.01 6.33
C PRO A 69 8.28 7.85 5.32
N HIS A 70 7.06 7.65 5.84
CA HIS A 70 5.87 7.37 5.04
C HIS A 70 5.61 8.51 4.04
N PRO A 71 5.41 8.20 2.72
CA PRO A 71 5.28 9.24 1.66
C PRO A 71 4.17 10.28 1.97
N LEU A 72 3.05 9.78 2.53
CA LEU A 72 1.84 10.58 2.74
C LEU A 72 1.90 11.37 4.07
N THR A 73 1.98 10.64 5.21
CA THR A 73 1.83 11.23 6.56
C THR A 73 3.19 11.47 7.26
N ARG A 74 4.27 10.87 6.71
CA ARG A 74 5.66 10.99 7.23
C ARG A 74 5.87 10.26 8.58
N GLU A 75 5.06 9.23 8.82
CA GLU A 75 5.21 8.31 9.97
C GLU A 75 6.35 7.30 9.75
N PRO A 76 6.93 6.71 10.84
CA PRO A 76 7.96 5.65 10.71
C PRO A 76 7.32 4.36 10.17
N ILE A 77 7.68 4.00 8.91
CA ILE A 77 7.17 2.80 8.26
C ILE A 77 7.60 1.53 9.00
N THR A 78 6.62 0.67 9.23
CA THR A 78 6.74 -0.52 10.05
C THR A 78 5.99 -1.67 9.37
N ALA A 79 6.33 -2.90 9.77
CA ALA A 79 5.61 -4.10 9.38
C ALA A 79 4.13 -4.06 9.85
N SER A 80 3.90 -3.29 10.93
CA SER A 80 2.57 -3.12 11.54
C SER A 80 1.57 -2.39 10.61
N ILE A 81 2.05 -1.38 9.84
CA ILE A 81 1.17 -0.63 8.90
C ILE A 81 0.94 -1.42 7.61
N ILE A 82 1.87 -2.34 7.27
CA ILE A 82 1.72 -3.23 6.10
C ILE A 82 0.52 -4.17 6.32
N VAL A 83 -0.50 -4.04 5.45
CA VAL A 83 -1.77 -4.78 5.59
C VAL A 83 -2.05 -5.68 4.37
N LYS A 84 -3.05 -6.56 4.54
CA LYS A 84 -3.39 -7.64 3.59
C LYS A 84 -4.20 -7.15 2.38
N HIS A 85 -4.43 -8.07 1.42
CA HIS A 85 -5.25 -7.82 0.23
C HIS A 85 -6.74 -7.69 0.60
N GLU A 86 -7.15 -8.47 1.60
CA GLU A 86 -8.53 -8.51 2.10
C GLU A 86 -8.88 -7.21 2.87
N GLU A 87 -7.87 -6.66 3.60
CA GLU A 87 -7.97 -5.40 4.38
C GLU A 87 -8.49 -4.24 3.52
N CYS A 88 -7.71 -3.83 2.52
CA CYS A 88 -7.94 -2.58 1.82
C CYS A 88 -8.83 -2.79 0.59
N ILE A 89 -10.04 -2.19 0.62
CA ILE A 89 -11.04 -2.35 -0.45
C ILE A 89 -11.47 -0.95 -0.93
N TYR A 90 -11.24 -0.66 -2.23
CA TYR A 90 -11.56 0.67 -2.80
C TYR A 90 -13.07 0.93 -2.76
N ASP A 91 -13.45 1.89 -1.92
CA ASP A 91 -14.82 2.40 -1.85
C ASP A 91 -14.90 3.70 -2.64
N ASP A 92 -15.81 3.72 -3.64
CA ASP A 92 -16.03 4.87 -4.53
C ASP A 92 -16.55 6.10 -3.78
N THR A 93 -17.42 5.88 -2.77
CA THR A 93 -18.04 6.97 -2.00
C THR A 93 -16.97 7.77 -1.24
N ARG A 94 -16.04 7.04 -0.57
CA ARG A 94 -14.95 7.66 0.22
C ARG A 94 -13.81 8.11 -0.70
N GLY A 95 -13.65 7.41 -1.83
CA GLY A 95 -12.59 7.67 -2.80
C GLY A 95 -11.24 7.11 -2.39
N ASN A 96 -11.24 5.97 -1.66
CA ASN A 96 -9.99 5.33 -1.16
C ASN A 96 -10.28 3.93 -0.59
N PHE A 97 -9.22 3.15 -0.35
CA PHE A 97 -9.27 1.81 0.25
C PHE A 97 -9.62 1.90 1.75
N ILE A 98 -10.70 1.19 2.13
CA ILE A 98 -11.24 1.13 3.50
C ILE A 98 -10.86 -0.25 4.09
N ILE A 99 -10.84 -0.37 5.43
CA ILE A 99 -10.39 -1.61 6.10
C ILE A 99 -11.52 -2.65 6.22
N LYS A 100 -11.12 -3.91 5.98
CA LYS A 100 -12.00 -5.09 5.95
C LYS A 100 -11.15 -6.27 6.45
N GLY A 101 -11.08 -6.40 7.78
CA GLY A 101 -10.30 -7.47 8.42
C GLY A 101 -11.19 -8.52 9.05
N ASN A 102 -11.09 -8.64 10.38
CA ASN A 102 -11.87 -9.59 11.17
C ASN A 102 -13.01 -8.82 11.86
N SER A 1 14.48 -2.90 11.58
CA SER A 1 13.09 -2.51 11.23
C SER A 1 12.82 -2.76 9.74
N GLN A 2 13.81 -2.41 8.88
CA GLN A 2 13.71 -2.57 7.41
C GLN A 2 13.50 -4.05 7.01
N GLU A 3 14.33 -4.96 7.58
CA GLU A 3 14.42 -6.38 7.14
C GLU A 3 13.03 -7.06 7.08
N SER A 4 12.24 -6.87 8.14
CA SER A 4 10.88 -7.44 8.25
C SER A 4 9.97 -6.91 7.13
N ILE A 5 10.14 -5.62 6.84
CA ILE A 5 9.31 -4.87 5.89
C ILE A 5 9.67 -5.29 4.45
N GLN A 6 10.98 -5.38 4.16
CA GLN A 6 11.49 -5.75 2.83
C GLN A 6 11.02 -7.17 2.45
N ASN A 7 11.12 -8.12 3.41
CA ASN A 7 10.59 -9.48 3.24
C ASN A 7 9.09 -9.43 2.97
N LYS A 8 8.37 -8.66 3.81
CA LYS A 8 6.91 -8.52 3.76
C LYS A 8 6.48 -8.11 2.38
N ILE A 9 7.06 -7.01 1.89
CA ILE A 9 6.69 -6.41 0.60
C ILE A 9 6.93 -7.41 -0.55
N SER A 10 7.98 -8.23 -0.42
CA SER A 10 8.35 -9.24 -1.44
C SER A 10 7.28 -10.35 -1.60
N GLN A 11 6.70 -10.79 -0.47
CA GLN A 11 5.73 -11.93 -0.43
C GLN A 11 4.25 -11.48 -0.27
N CYS A 12 4.05 -10.27 0.25
CA CYS A 12 2.71 -9.68 0.51
C CYS A 12 2.25 -8.76 -0.64
N LYS A 13 3.14 -8.50 -1.62
CA LYS A 13 2.77 -7.79 -2.86
C LYS A 13 1.81 -8.63 -3.73
N PHE A 14 1.39 -8.04 -4.86
CA PHE A 14 0.45 -8.68 -5.79
C PHE A 14 0.43 -7.91 -7.12
N SER A 15 -0.14 -8.55 -8.15
CA SER A 15 -0.31 -7.96 -9.49
C SER A 15 -1.39 -6.87 -9.47
N VAL A 16 -0.95 -5.61 -9.32
CA VAL A 16 -1.81 -4.43 -9.33
C VAL A 16 -2.17 -4.05 -10.77
N CYS A 17 -3.30 -4.59 -11.22
CA CYS A 17 -3.89 -4.27 -12.52
C CYS A 17 -5.37 -3.92 -12.29
N PRO A 18 -5.94 -2.86 -12.96
CA PRO A 18 -7.33 -2.41 -12.73
C PRO A 18 -8.37 -3.47 -13.13
N GLU A 19 -7.97 -4.41 -14.01
CA GLU A 19 -8.80 -5.57 -14.41
C GLU A 19 -9.00 -6.56 -13.24
N ARG A 20 -7.94 -6.74 -12.43
CA ARG A 20 -7.93 -7.72 -11.32
C ARG A 20 -8.76 -7.18 -10.14
N LEU A 21 -8.36 -5.98 -9.71
CA LEU A 21 -8.95 -5.26 -8.57
C LEU A 21 -10.37 -4.72 -8.90
N GLN A 22 -10.67 -4.61 -10.21
CA GLN A 22 -11.97 -4.10 -10.73
C GLN A 22 -12.27 -2.67 -10.22
N CYS A 23 -11.17 -1.93 -10.00
CA CYS A 23 -11.19 -0.53 -9.54
C CYS A 23 -10.40 0.35 -10.54
N PRO A 24 -10.75 1.68 -10.68
CA PRO A 24 -10.06 2.61 -11.61
C PRO A 24 -8.55 2.76 -11.29
N LEU A 25 -7.80 3.21 -12.30
CA LEU A 25 -6.34 3.38 -12.22
C LEU A 25 -5.99 4.34 -11.06
N GLU A 26 -6.68 5.50 -11.01
CA GLU A 26 -6.53 6.51 -9.94
C GLU A 26 -6.66 5.91 -8.52
N ALA A 27 -7.65 5.00 -8.36
CA ALA A 27 -7.95 4.35 -7.07
C ALA A 27 -6.76 3.51 -6.58
N ILE A 28 -6.16 2.78 -7.54
CA ILE A 28 -5.10 1.79 -7.26
C ILE A 28 -3.71 2.40 -7.48
N GLN A 29 -3.67 3.71 -7.79
CA GLN A 29 -2.45 4.38 -8.28
C GLN A 29 -1.45 4.57 -7.15
N CYS A 30 -0.19 4.21 -7.41
CA CYS A 30 0.92 4.47 -6.50
C CYS A 30 1.18 5.98 -6.41
N PRO A 31 1.04 6.60 -5.20
CA PRO A 31 1.36 8.04 -4.98
C PRO A 31 2.84 8.37 -5.26
N ILE A 32 3.71 7.37 -5.06
CA ILE A 32 5.18 7.52 -5.17
C ILE A 32 5.60 7.70 -6.64
N THR A 33 5.06 6.82 -7.51
CA THR A 33 5.41 6.78 -8.95
C THR A 33 4.30 7.43 -9.81
N LEU A 34 3.26 7.99 -9.15
CA LEU A 34 2.03 8.59 -9.79
C LEU A 34 1.48 7.76 -10.98
N GLU A 35 1.65 6.43 -10.91
CA GLU A 35 1.27 5.52 -12.01
C GLU A 35 0.74 4.20 -11.43
N GLN A 36 0.30 3.30 -12.33
CA GLN A 36 -0.10 1.93 -11.96
C GLN A 36 1.11 1.19 -11.38
N PRO A 37 1.04 0.69 -10.11
CA PRO A 37 2.10 -0.16 -9.54
C PRO A 37 2.52 -1.34 -10.44
N GLU A 38 1.51 -2.04 -11.06
CA GLU A 38 1.69 -3.29 -11.86
C GLU A 38 1.92 -4.48 -10.91
N LYS A 39 2.84 -4.28 -9.99
CA LYS A 39 3.09 -5.07 -8.80
C LYS A 39 3.19 -4.08 -7.64
N GLY A 40 2.29 -4.18 -6.67
CA GLY A 40 2.32 -3.32 -5.50
C GLY A 40 1.76 -4.01 -4.29
N ILE A 41 1.56 -3.25 -3.22
CA ILE A 41 1.20 -3.81 -1.90
C ILE A 41 0.30 -2.83 -1.14
N PHE A 42 -0.75 -3.39 -0.51
CA PHE A 42 -1.67 -2.64 0.36
C PHE A 42 -0.97 -2.31 1.69
N VAL A 43 -0.73 -1.02 1.90
CA VAL A 43 -0.10 -0.49 3.12
C VAL A 43 -0.95 0.67 3.65
N LYS A 44 -1.16 0.69 4.97
CA LYS A 44 -1.87 1.77 5.66
C LYS A 44 -1.13 3.11 5.48
N ASN A 45 -1.92 4.18 5.25
CA ASN A 45 -1.41 5.55 5.31
C ASN A 45 -0.87 5.81 6.73
N SER A 46 -1.70 5.48 7.72
CA SER A 46 -1.37 5.62 9.14
C SER A 46 -2.03 4.47 9.91
N ASP A 47 -1.27 3.85 10.83
CA ASP A 47 -1.66 2.66 11.59
C ASP A 47 -2.97 2.85 12.36
N GLY A 48 -3.07 3.98 13.10
CA GLY A 48 -4.23 4.26 13.96
C GLY A 48 -5.43 4.87 13.23
N SER A 49 -5.66 4.43 11.98
CA SER A 49 -6.79 4.88 11.16
C SER A 49 -7.42 3.68 10.43
N ASP A 50 -8.38 3.93 9.51
CA ASP A 50 -8.98 2.89 8.62
C ASP A 50 -8.52 3.08 7.17
N VAL A 51 -7.73 4.15 6.92
CA VAL A 51 -7.34 4.53 5.56
C VAL A 51 -6.07 3.76 5.12
N CYS A 52 -6.28 2.88 4.15
CA CYS A 52 -5.23 2.14 3.45
C CYS A 52 -5.01 2.80 2.08
N THR A 53 -3.79 2.65 1.55
CA THR A 53 -3.39 3.20 0.26
C THR A 53 -2.51 2.17 -0.47
N LEU A 54 -2.68 2.08 -1.79
CA LEU A 54 -1.95 1.11 -2.61
C LEU A 54 -0.71 1.78 -3.22
N PHE A 55 0.46 1.20 -2.94
CA PHE A 55 1.77 1.72 -3.37
C PHE A 55 2.41 0.74 -4.35
N ASP A 56 3.42 1.25 -5.10
CA ASP A 56 4.27 0.43 -5.98
C ASP A 56 5.23 -0.39 -5.11
N ALA A 57 5.32 -1.70 -5.39
CA ALA A 57 6.11 -2.64 -4.56
C ALA A 57 7.60 -2.25 -4.54
N ALA A 58 8.13 -1.91 -5.72
CA ALA A 58 9.54 -1.57 -5.87
C ALA A 58 9.85 -0.21 -5.22
N ALA A 59 8.93 0.76 -5.43
CA ALA A 59 9.09 2.16 -4.99
C ALA A 59 8.98 2.27 -3.47
N PHE A 60 8.04 1.51 -2.88
CA PHE A 60 7.79 1.54 -1.44
C PHE A 60 8.91 0.78 -0.70
N SER A 61 9.35 -0.36 -1.26
CA SER A 61 10.42 -1.19 -0.65
C SER A 61 11.76 -0.42 -0.61
N ARG A 62 12.11 0.26 -1.71
CA ARG A 62 13.36 1.05 -1.78
C ARG A 62 13.27 2.31 -0.89
N LEU A 63 12.05 2.88 -0.77
CA LEU A 63 11.76 4.01 0.14
C LEU A 63 12.12 3.62 1.59
N VAL A 64 11.60 2.46 2.01
CA VAL A 64 11.83 1.90 3.35
C VAL A 64 13.31 1.55 3.55
N GLY A 65 13.91 0.90 2.52
CA GLY A 65 15.29 0.41 2.56
C GLY A 65 16.31 1.51 2.80
N GLU A 66 16.02 2.71 2.24
CA GLU A 66 16.82 3.93 2.48
C GLU A 66 16.70 4.37 3.95
N GLY A 67 15.51 4.18 4.53
CA GLY A 67 15.20 4.63 5.90
C GLY A 67 14.43 5.94 5.88
N LEU A 68 13.58 6.10 4.85
CA LEU A 68 12.76 7.32 4.65
C LEU A 68 11.38 7.15 5.32
N PRO A 69 10.74 8.29 5.79
CA PRO A 69 9.39 8.25 6.40
C PRO A 69 8.28 7.99 5.36
N HIS A 70 7.05 7.72 5.85
CA HIS A 70 5.89 7.38 5.01
C HIS A 70 5.63 8.49 3.95
N PRO A 71 5.47 8.13 2.63
CA PRO A 71 5.37 9.12 1.52
C PRO A 71 4.21 10.12 1.70
N LEU A 72 3.11 9.66 2.34
CA LEU A 72 1.91 10.49 2.55
C LEU A 72 2.02 11.30 3.85
N THR A 73 2.00 10.61 5.00
CA THR A 73 1.79 11.25 6.32
C THR A 73 3.09 11.31 7.15
N ARG A 74 4.14 10.60 6.67
CA ARG A 74 5.49 10.58 7.28
C ARG A 74 5.51 9.88 8.65
N GLU A 75 4.62 8.88 8.79
CA GLU A 75 4.65 7.94 9.93
C GLU A 75 5.86 6.98 9.83
N PRO A 76 6.33 6.43 10.99
CA PRO A 76 7.38 5.37 11.00
C PRO A 76 6.86 4.08 10.34
N ILE A 77 7.31 3.83 9.09
CA ILE A 77 6.91 2.64 8.32
C ILE A 77 7.36 1.36 9.05
N THR A 78 6.39 0.48 9.30
CA THR A 78 6.59 -0.75 10.07
C THR A 78 5.80 -1.90 9.40
N ALA A 79 6.08 -3.14 9.84
CA ALA A 79 5.33 -4.33 9.40
C ALA A 79 3.85 -4.25 9.85
N SER A 80 3.61 -3.50 10.94
CA SER A 80 2.26 -3.31 11.52
C SER A 80 1.29 -2.56 10.57
N ILE A 81 1.81 -1.59 9.78
CA ILE A 81 0.96 -0.84 8.80
C ILE A 81 0.74 -1.66 7.52
N ILE A 82 1.63 -2.63 7.24
CA ILE A 82 1.51 -3.52 6.08
C ILE A 82 0.34 -4.50 6.28
N VAL A 83 -0.67 -4.43 5.39
CA VAL A 83 -1.92 -5.19 5.51
C VAL A 83 -2.23 -5.97 4.19
N LYS A 84 -3.26 -6.84 4.22
CA LYS A 84 -3.64 -7.72 3.08
C LYS A 84 -4.80 -7.13 2.25
N HIS A 85 -5.30 -7.95 1.29
CA HIS A 85 -6.37 -7.56 0.35
C HIS A 85 -7.73 -7.42 1.04
N GLU A 86 -8.00 -8.33 1.99
CA GLU A 86 -9.29 -8.37 2.73
C GLU A 86 -9.43 -7.08 3.53
N GLU A 87 -8.30 -6.64 4.14
CA GLU A 87 -8.16 -5.34 4.81
C GLU A 87 -8.58 -4.19 3.87
N CYS A 88 -7.77 -3.92 2.85
CA CYS A 88 -7.93 -2.71 2.02
C CYS A 88 -8.89 -2.98 0.86
N ILE A 89 -10.07 -2.35 0.92
CA ILE A 89 -11.15 -2.50 -0.07
C ILE A 89 -11.50 -1.12 -0.64
N TYR A 90 -11.46 -0.95 -1.99
CA TYR A 90 -11.74 0.37 -2.59
C TYR A 90 -13.20 0.78 -2.35
N ASP A 91 -13.39 1.76 -1.49
CA ASP A 91 -14.67 2.43 -1.29
C ASP A 91 -14.69 3.64 -2.23
N ASP A 92 -15.58 3.59 -3.22
CA ASP A 92 -15.74 4.66 -4.24
C ASP A 92 -16.14 6.00 -3.60
N THR A 93 -17.01 5.94 -2.58
CA THR A 93 -17.56 7.15 -1.91
C THR A 93 -16.45 7.88 -1.13
N ARG A 94 -15.50 7.12 -0.54
CA ARG A 94 -14.34 7.67 0.18
C ARG A 94 -13.20 8.00 -0.80
N GLY A 95 -13.19 7.29 -1.94
CA GLY A 95 -12.16 7.45 -2.97
C GLY A 95 -10.83 6.81 -2.61
N ASN A 96 -10.87 5.85 -1.66
CA ASN A 96 -9.67 5.23 -1.05
C ASN A 96 -9.99 3.79 -0.61
N PHE A 97 -8.93 3.02 -0.31
CA PHE A 97 -9.05 1.67 0.27
C PHE A 97 -9.29 1.80 1.79
N ILE A 98 -10.34 1.12 2.29
CA ILE A 98 -10.75 1.18 3.71
C ILE A 98 -10.57 -0.21 4.33
N ILE A 99 -10.29 -0.28 5.64
CA ILE A 99 -9.98 -1.56 6.32
C ILE A 99 -11.24 -2.39 6.62
N LYS A 100 -11.10 -3.71 6.46
CA LYS A 100 -12.14 -4.71 6.64
C LYS A 100 -11.45 -5.99 7.15
N GLY A 101 -11.59 -6.26 8.45
CA GLY A 101 -10.97 -7.42 9.09
C GLY A 101 -11.87 -8.64 9.03
N ASN A 102 -12.93 -8.61 9.84
CA ASN A 102 -13.94 -9.66 9.90
C ASN A 102 -14.82 -9.59 8.62
N SER A 1 11.47 -3.76 12.38
CA SER A 1 12.63 -4.37 11.71
C SER A 1 12.51 -4.14 10.19
N GLN A 2 13.48 -3.40 9.60
CA GLN A 2 13.48 -3.05 8.15
C GLN A 2 13.41 -4.30 7.27
N GLU A 3 14.14 -5.37 7.67
CA GLU A 3 14.16 -6.66 6.94
C GLU A 3 12.76 -7.28 6.88
N SER A 4 12.00 -7.17 7.99
CA SER A 4 10.65 -7.76 8.10
C SER A 4 9.66 -6.98 7.21
N ILE A 5 9.88 -5.65 7.12
CA ILE A 5 9.06 -4.75 6.29
C ILE A 5 9.28 -5.11 4.80
N GLN A 6 10.56 -5.23 4.41
CA GLN A 6 10.97 -5.62 3.05
C GLN A 6 10.40 -7.00 2.67
N ASN A 7 10.51 -7.97 3.61
CA ASN A 7 9.96 -9.33 3.45
C ASN A 7 8.44 -9.27 3.22
N LYS A 8 7.75 -8.39 3.97
CA LYS A 8 6.31 -8.17 3.80
C LYS A 8 6.01 -7.64 2.40
N ILE A 9 6.78 -6.64 1.98
CA ILE A 9 6.64 -6.03 0.65
C ILE A 9 6.88 -7.08 -0.47
N SER A 10 7.59 -8.16 -0.13
CA SER A 10 7.98 -9.23 -1.07
C SER A 10 6.86 -10.28 -1.26
N GLN A 11 6.27 -10.76 -0.15
CA GLN A 11 5.27 -11.87 -0.15
C GLN A 11 3.82 -11.36 -0.07
N CYS A 12 3.63 -10.20 0.56
CA CYS A 12 2.29 -9.59 0.77
C CYS A 12 1.83 -8.80 -0.48
N LYS A 13 2.78 -8.53 -1.42
CA LYS A 13 2.48 -7.85 -2.69
C LYS A 13 1.55 -8.70 -3.60
N PHE A 14 1.12 -8.10 -4.72
CA PHE A 14 0.19 -8.72 -5.68
C PHE A 14 0.22 -7.98 -7.03
N SER A 15 -0.43 -8.59 -8.04
CA SER A 15 -0.62 -7.99 -9.37
C SER A 15 -1.62 -6.80 -9.30
N VAL A 16 -1.08 -5.56 -9.26
CA VAL A 16 -1.91 -4.35 -9.30
C VAL A 16 -2.23 -3.96 -10.75
N CYS A 17 -3.33 -4.52 -11.23
CA CYS A 17 -3.85 -4.26 -12.57
C CYS A 17 -5.37 -4.00 -12.45
N PRO A 18 -5.95 -3.00 -13.18
CA PRO A 18 -7.38 -2.60 -13.02
C PRO A 18 -8.36 -3.73 -13.43
N GLU A 19 -7.86 -4.66 -14.27
CA GLU A 19 -8.56 -5.92 -14.59
C GLU A 19 -8.78 -6.78 -13.32
N ARG A 20 -7.73 -6.90 -12.49
CA ARG A 20 -7.72 -7.80 -11.32
C ARG A 20 -8.52 -7.20 -10.16
N LEU A 21 -8.16 -5.96 -9.76
CA LEU A 21 -8.82 -5.27 -8.62
C LEU A 21 -10.24 -4.82 -8.97
N GLN A 22 -10.55 -4.78 -10.29
CA GLN A 22 -11.86 -4.32 -10.85
C GLN A 22 -12.05 -2.79 -10.66
N CYS A 23 -11.05 -2.12 -10.07
CA CYS A 23 -11.06 -0.69 -9.74
C CYS A 23 -10.34 0.09 -10.87
N PRO A 24 -10.69 1.39 -11.12
CA PRO A 24 -10.00 2.23 -12.14
C PRO A 24 -8.51 2.44 -11.83
N LEU A 25 -7.76 2.91 -12.85
CA LEU A 25 -6.30 3.13 -12.76
C LEU A 25 -6.01 4.12 -11.62
N GLU A 26 -6.72 5.25 -11.63
CA GLU A 26 -6.65 6.32 -10.60
C GLU A 26 -6.74 5.75 -9.16
N ALA A 27 -7.71 4.83 -8.96
CA ALA A 27 -8.02 4.23 -7.65
C ALA A 27 -6.83 3.42 -7.10
N ILE A 28 -6.18 2.68 -8.01
CA ILE A 28 -5.13 1.72 -7.65
C ILE A 28 -3.73 2.33 -7.86
N GLN A 29 -3.70 3.62 -8.24
CA GLN A 29 -2.48 4.29 -8.70
C GLN A 29 -1.53 4.51 -7.51
N CYS A 30 -0.24 4.20 -7.70
CA CYS A 30 0.80 4.41 -6.69
C CYS A 30 1.03 5.92 -6.47
N PRO A 31 0.78 6.47 -5.24
CA PRO A 31 1.03 7.91 -4.91
C PRO A 31 2.53 8.29 -4.99
N ILE A 32 3.40 7.26 -4.94
CA ILE A 32 4.86 7.42 -4.99
C ILE A 32 5.30 7.68 -6.46
N THR A 33 4.85 6.80 -7.37
CA THR A 33 5.30 6.80 -8.79
C THR A 33 4.25 7.39 -9.75
N LEU A 34 3.16 7.95 -9.19
CA LEU A 34 2.02 8.60 -9.93
C LEU A 34 1.51 7.80 -11.15
N GLU A 35 1.67 6.48 -11.12
CA GLU A 35 1.29 5.59 -12.23
C GLU A 35 0.85 4.24 -11.66
N GLN A 36 0.37 3.33 -12.54
CA GLN A 36 -0.03 1.97 -12.15
C GLN A 36 1.18 1.23 -11.56
N PRO A 37 1.09 0.69 -10.32
CA PRO A 37 2.13 -0.20 -9.77
C PRO A 37 2.45 -1.39 -10.68
N GLU A 38 1.40 -2.10 -11.17
CA GLU A 38 1.48 -3.39 -11.90
C GLU A 38 1.75 -4.55 -10.91
N LYS A 39 2.69 -4.29 -10.00
CA LYS A 39 3.04 -5.13 -8.87
C LYS A 39 3.22 -4.19 -7.68
N GLY A 40 2.27 -4.21 -6.75
CA GLY A 40 2.30 -3.34 -5.57
C GLY A 40 1.73 -4.01 -4.35
N ILE A 41 1.55 -3.24 -3.29
CA ILE A 41 1.18 -3.77 -1.96
C ILE A 41 0.33 -2.74 -1.20
N PHE A 42 -0.73 -3.25 -0.53
CA PHE A 42 -1.57 -2.46 0.37
C PHE A 42 -0.84 -2.19 1.70
N VAL A 43 -0.61 -0.91 1.99
CA VAL A 43 -0.04 -0.46 3.27
C VAL A 43 -0.91 0.68 3.82
N LYS A 44 -1.12 0.68 5.14
CA LYS A 44 -1.84 1.72 5.87
C LYS A 44 -1.14 3.07 5.76
N ASN A 45 -1.95 4.15 5.73
CA ASN A 45 -1.46 5.52 5.91
C ASN A 45 -0.84 5.66 7.32
N SER A 46 -1.61 5.17 8.31
CA SER A 46 -1.23 5.22 9.73
C SER A 46 -1.80 3.99 10.47
N ASP A 47 -1.24 3.69 11.65
CA ASP A 47 -1.57 2.49 12.42
C ASP A 47 -2.94 2.64 13.11
N GLY A 48 -3.13 3.79 13.80
CA GLY A 48 -4.34 4.06 14.59
C GLY A 48 -5.45 4.76 13.82
N SER A 49 -5.59 4.41 12.53
CA SER A 49 -6.62 4.93 11.62
C SER A 49 -6.81 3.87 10.54
N ASP A 50 -8.05 3.33 10.35
CA ASP A 50 -8.32 2.20 9.41
C ASP A 50 -8.39 2.64 7.92
N VAL A 51 -7.49 3.55 7.53
CA VAL A 51 -7.39 4.06 6.16
C VAL A 51 -6.15 3.41 5.48
N CYS A 52 -6.43 2.54 4.51
CA CYS A 52 -5.43 1.82 3.72
C CYS A 52 -5.19 2.56 2.38
N THR A 53 -4.01 2.38 1.80
CA THR A 53 -3.63 3.00 0.50
C THR A 53 -2.73 2.02 -0.27
N LEU A 54 -2.87 1.99 -1.60
CA LEU A 54 -2.11 1.09 -2.47
C LEU A 54 -0.89 1.80 -3.04
N PHE A 55 0.28 1.20 -2.81
CA PHE A 55 1.58 1.70 -3.28
C PHE A 55 2.20 0.70 -4.26
N ASP A 56 3.26 1.13 -4.96
CA ASP A 56 4.06 0.25 -5.82
C ASP A 56 5.05 -0.54 -4.95
N ALA A 57 5.27 -1.82 -5.28
CA ALA A 57 6.13 -2.73 -4.50
C ALA A 57 7.59 -2.29 -4.54
N ALA A 58 8.10 -1.97 -5.73
CA ALA A 58 9.52 -1.59 -5.94
C ALA A 58 9.81 -0.22 -5.31
N ALA A 59 8.81 0.67 -5.38
CA ALA A 59 8.91 2.06 -4.92
C ALA A 59 8.83 2.15 -3.40
N PHE A 60 7.93 1.37 -2.79
CA PHE A 60 7.75 1.35 -1.34
C PHE A 60 8.90 0.58 -0.68
N SER A 61 9.42 -0.46 -1.37
CA SER A 61 10.56 -1.26 -0.87
C SER A 61 11.84 -0.43 -0.81
N ARG A 62 12.12 0.35 -1.88
CA ARG A 62 13.31 1.22 -1.91
C ARG A 62 13.19 2.34 -0.89
N LEU A 63 11.96 2.89 -0.75
CA LEU A 63 11.63 3.96 0.21
C LEU A 63 11.98 3.55 1.65
N VAL A 64 11.49 2.35 2.05
CA VAL A 64 11.79 1.77 3.37
C VAL A 64 13.28 1.39 3.50
N GLY A 65 13.85 0.88 2.41
CA GLY A 65 15.24 0.42 2.39
C GLY A 65 16.25 1.56 2.63
N GLU A 66 15.90 2.77 2.15
CA GLU A 66 16.66 4.01 2.41
C GLU A 66 16.45 4.46 3.87
N GLY A 67 15.24 4.20 4.39
CA GLY A 67 14.82 4.67 5.71
C GLY A 67 14.13 6.02 5.61
N LEU A 68 13.36 6.21 4.53
CA LEU A 68 12.56 7.43 4.30
C LEU A 68 11.21 7.30 5.04
N PRO A 69 10.62 8.43 5.55
CA PRO A 69 9.29 8.43 6.21
C PRO A 69 8.14 8.16 5.20
N HIS A 70 6.93 7.90 5.75
CA HIS A 70 5.75 7.49 4.96
C HIS A 70 5.45 8.47 3.79
N PRO A 71 5.29 7.95 2.53
CA PRO A 71 5.11 8.79 1.31
C PRO A 71 3.92 9.76 1.40
N LEU A 72 2.89 9.36 2.17
CA LEU A 72 1.73 10.22 2.45
C LEU A 72 1.99 11.14 3.65
N THR A 73 1.86 10.57 4.85
CA THR A 73 1.68 11.33 6.10
C THR A 73 3.01 11.54 6.88
N ARG A 74 4.10 10.96 6.35
CA ARG A 74 5.47 11.07 6.94
C ARG A 74 5.60 10.38 8.30
N GLU A 75 4.68 9.45 8.61
CA GLU A 75 4.76 8.61 9.82
C GLU A 75 5.91 7.60 9.70
N PRO A 76 6.48 7.12 10.85
CA PRO A 76 7.51 6.06 10.85
C PRO A 76 6.92 4.75 10.26
N ILE A 77 7.36 4.39 9.04
CA ILE A 77 6.96 3.14 8.38
C ILE A 77 7.38 1.93 9.20
N THR A 78 6.44 1.02 9.40
CA THR A 78 6.65 -0.22 10.14
C THR A 78 5.96 -1.37 9.41
N ALA A 79 6.37 -2.61 9.73
CA ALA A 79 5.72 -3.81 9.23
C ALA A 79 4.29 -3.93 9.80
N SER A 80 4.09 -3.31 11.00
CA SER A 80 2.81 -3.28 11.71
C SER A 80 1.70 -2.55 10.92
N ILE A 81 2.07 -1.59 10.03
CA ILE A 81 1.08 -0.87 9.17
C ILE A 81 0.90 -1.57 7.81
N ILE A 82 1.68 -2.61 7.51
CA ILE A 82 1.50 -3.35 6.26
C ILE A 82 0.33 -4.34 6.41
N VAL A 83 -0.62 -4.25 5.46
CA VAL A 83 -1.83 -5.08 5.43
C VAL A 83 -1.85 -5.94 4.15
N LYS A 84 -2.77 -6.90 4.11
CA LYS A 84 -2.87 -7.90 3.03
C LYS A 84 -3.79 -7.40 1.90
N HIS A 85 -4.01 -8.28 0.92
CA HIS A 85 -4.79 -7.96 -0.29
C HIS A 85 -6.28 -7.70 0.04
N GLU A 86 -6.92 -8.65 0.72
CA GLU A 86 -8.36 -8.60 1.05
C GLU A 86 -8.66 -7.48 2.09
N GLU A 87 -7.62 -7.14 2.88
CA GLU A 87 -7.69 -6.12 3.94
C GLU A 87 -8.05 -4.72 3.43
N CYS A 88 -7.93 -4.47 2.13
CA CYS A 88 -8.21 -3.12 1.59
C CYS A 88 -9.15 -3.22 0.39
N ILE A 89 -10.25 -2.45 0.44
CA ILE A 89 -11.27 -2.39 -0.62
C ILE A 89 -11.50 -0.92 -0.99
N TYR A 90 -11.41 -0.59 -2.29
CA TYR A 90 -11.57 0.80 -2.75
C TYR A 90 -13.00 1.28 -2.51
N ASP A 91 -13.11 2.36 -1.73
CA ASP A 91 -14.36 3.05 -1.45
C ASP A 91 -14.28 4.40 -2.16
N ASP A 92 -15.05 4.53 -3.25
CA ASP A 92 -15.07 5.74 -4.09
C ASP A 92 -15.62 6.98 -3.35
N THR A 93 -16.51 6.76 -2.35
CA THR A 93 -17.07 7.84 -1.53
C THR A 93 -15.96 8.51 -0.67
N ARG A 94 -15.07 7.68 -0.09
CA ARG A 94 -13.92 8.18 0.72
C ARG A 94 -12.77 8.63 -0.21
N GLY A 95 -12.63 7.92 -1.34
CA GLY A 95 -11.47 8.04 -2.23
C GLY A 95 -10.27 7.27 -1.68
N ASN A 96 -10.56 6.30 -0.78
CA ASN A 96 -9.54 5.58 0.01
C ASN A 96 -9.93 4.10 0.09
N PHE A 97 -8.94 3.23 0.38
CA PHE A 97 -9.18 1.81 0.64
C PHE A 97 -9.54 1.62 2.12
N ILE A 98 -10.56 0.80 2.38
CA ILE A 98 -11.13 0.58 3.73
C ILE A 98 -10.72 -0.81 4.21
N ILE A 99 -10.50 -0.96 5.53
CA ILE A 99 -10.09 -2.22 6.13
C ILE A 99 -11.24 -3.24 6.11
N LYS A 100 -10.94 -4.45 5.58
CA LYS A 100 -11.92 -5.51 5.35
C LYS A 100 -11.27 -6.88 5.63
N GLY A 101 -11.55 -7.43 6.82
CA GLY A 101 -11.04 -8.74 7.23
C GLY A 101 -12.09 -9.53 8.01
N ASN A 102 -13.35 -9.34 7.60
CA ASN A 102 -14.53 -10.00 8.19
C ASN A 102 -15.72 -9.81 7.22
N SER A 1 13.81 -3.90 12.36
CA SER A 1 12.85 -4.83 11.73
C SER A 1 12.86 -4.67 10.20
N GLN A 2 13.95 -4.08 9.65
CA GLN A 2 14.01 -3.64 8.24
C GLN A 2 13.76 -4.80 7.26
N GLU A 3 14.45 -5.94 7.45
CA GLU A 3 14.33 -7.11 6.55
C GLU A 3 12.93 -7.74 6.68
N SER A 4 12.30 -7.59 7.86
CA SER A 4 10.97 -8.16 8.17
C SER A 4 9.91 -7.36 7.39
N ILE A 5 10.11 -6.04 7.33
CA ILE A 5 9.30 -5.09 6.56
C ILE A 5 9.39 -5.44 5.06
N GLN A 6 10.64 -5.65 4.60
CA GLN A 6 10.95 -6.03 3.21
C GLN A 6 10.31 -7.39 2.85
N ASN A 7 10.27 -8.34 3.83
CA ASN A 7 9.60 -9.65 3.65
C ASN A 7 8.12 -9.44 3.32
N LYS A 8 7.48 -8.51 4.05
CA LYS A 8 6.06 -8.18 3.83
C LYS A 8 5.86 -7.62 2.43
N ILE A 9 6.72 -6.67 2.06
CA ILE A 9 6.65 -6.03 0.73
C ILE A 9 6.96 -7.05 -0.41
N SER A 10 7.56 -8.18 -0.02
CA SER A 10 8.01 -9.24 -0.96
C SER A 10 6.88 -10.25 -1.23
N GLN A 11 6.18 -10.68 -0.17
CA GLN A 11 5.11 -11.72 -0.25
C GLN A 11 3.70 -11.11 -0.33
N CYS A 12 3.47 -10.04 0.46
CA CYS A 12 2.14 -9.40 0.59
C CYS A 12 1.77 -8.59 -0.65
N LYS A 13 2.79 -8.33 -1.51
CA LYS A 13 2.59 -7.68 -2.81
C LYS A 13 1.69 -8.55 -3.73
N PHE A 14 1.23 -7.97 -4.84
CA PHE A 14 0.32 -8.63 -5.77
C PHE A 14 0.31 -7.89 -7.12
N SER A 15 -0.24 -8.55 -8.14
CA SER A 15 -0.40 -7.99 -9.48
C SER A 15 -1.47 -6.89 -9.49
N VAL A 16 -1.01 -5.63 -9.35
CA VAL A 16 -1.88 -4.45 -9.34
C VAL A 16 -2.27 -4.04 -10.77
N CYS A 17 -3.48 -4.44 -11.17
CA CYS A 17 -4.04 -4.14 -12.47
C CYS A 17 -5.54 -3.75 -12.32
N PRO A 18 -6.04 -2.75 -13.12
CA PRO A 18 -7.32 -2.05 -12.84
C PRO A 18 -8.57 -2.94 -13.00
N GLU A 19 -8.59 -3.81 -14.03
CA GLU A 19 -9.75 -4.69 -14.31
C GLU A 19 -9.79 -5.87 -13.31
N ARG A 20 -8.61 -6.31 -12.84
CA ARG A 20 -8.49 -7.39 -11.83
C ARG A 20 -9.09 -6.91 -10.48
N LEU A 21 -8.58 -5.75 -10.03
CA LEU A 21 -9.04 -5.06 -8.80
C LEU A 21 -10.44 -4.42 -8.96
N GLN A 22 -10.92 -4.31 -10.23
CA GLN A 22 -12.24 -3.74 -10.59
C GLN A 22 -12.35 -2.24 -10.25
N CYS A 23 -11.19 -1.57 -10.14
CA CYS A 23 -11.09 -0.15 -9.74
C CYS A 23 -10.53 0.68 -10.92
N PRO A 24 -10.77 2.03 -10.97
CA PRO A 24 -10.07 2.92 -11.91
C PRO A 24 -8.55 3.00 -11.60
N LEU A 25 -7.75 3.40 -12.60
CA LEU A 25 -6.28 3.48 -12.47
C LEU A 25 -5.88 4.39 -11.31
N GLU A 26 -6.49 5.59 -11.27
CA GLU A 26 -6.25 6.60 -10.23
C GLU A 26 -6.51 6.05 -8.80
N ALA A 27 -7.48 5.15 -8.67
CA ALA A 27 -7.85 4.54 -7.38
C ALA A 27 -6.73 3.63 -6.85
N ILE A 28 -6.11 2.88 -7.77
CA ILE A 28 -5.06 1.89 -7.44
C ILE A 28 -3.65 2.50 -7.62
N GLN A 29 -3.60 3.80 -7.95
CA GLN A 29 -2.39 4.47 -8.43
C GLN A 29 -1.37 4.61 -7.28
N CYS A 30 -0.13 4.20 -7.55
CA CYS A 30 0.99 4.39 -6.61
C CYS A 30 1.27 5.90 -6.45
N PRO A 31 1.04 6.50 -5.24
CA PRO A 31 1.29 7.93 -4.98
C PRO A 31 2.76 8.34 -5.22
N ILE A 32 3.67 7.37 -5.03
CA ILE A 32 5.12 7.56 -5.19
C ILE A 32 5.48 7.79 -6.67
N THR A 33 4.94 6.93 -7.55
CA THR A 33 5.31 6.92 -8.99
C THR A 33 4.19 7.50 -9.89
N LEU A 34 3.10 8.02 -9.27
CA LEU A 34 1.88 8.58 -9.94
C LEU A 34 1.36 7.73 -11.13
N GLU A 35 1.56 6.41 -11.06
CA GLU A 35 1.20 5.48 -12.14
C GLU A 35 0.71 4.15 -11.55
N GLN A 36 0.28 3.22 -12.43
CA GLN A 36 -0.12 1.86 -12.03
C GLN A 36 1.11 1.14 -11.43
N PRO A 37 1.03 0.63 -10.16
CA PRO A 37 2.08 -0.23 -9.59
C PRO A 37 2.45 -1.42 -10.50
N GLU A 38 1.43 -2.14 -11.06
CA GLU A 38 1.60 -3.38 -11.85
C GLU A 38 1.89 -4.57 -10.92
N LYS A 39 2.82 -4.33 -10.01
CA LYS A 39 3.12 -5.16 -8.85
C LYS A 39 3.29 -4.21 -7.67
N GLY A 40 2.33 -4.20 -6.75
CA GLY A 40 2.34 -3.31 -5.59
C GLY A 40 1.80 -3.94 -4.35
N ILE A 41 1.68 -3.16 -3.27
CA ILE A 41 1.33 -3.69 -1.94
C ILE A 41 0.44 -2.67 -1.19
N PHE A 42 -0.59 -3.21 -0.52
CA PHE A 42 -1.45 -2.41 0.38
C PHE A 42 -0.71 -2.14 1.72
N VAL A 43 -0.38 -0.86 1.94
CA VAL A 43 0.24 -0.38 3.19
C VAL A 43 -0.56 0.83 3.70
N LYS A 44 -0.86 0.84 5.01
CA LYS A 44 -1.62 1.91 5.68
C LYS A 44 -0.89 3.25 5.62
N ASN A 45 -1.68 4.33 5.61
CA ASN A 45 -1.20 5.69 5.79
C ASN A 45 -0.93 5.93 7.28
N SER A 46 -1.91 5.56 8.13
CA SER A 46 -1.79 5.61 9.60
C SER A 46 -2.42 4.36 10.22
N ASP A 47 -1.93 3.95 11.39
CA ASP A 47 -2.35 2.71 12.07
C ASP A 47 -3.78 2.83 12.64
N GLY A 48 -4.06 3.98 13.28
CA GLY A 48 -5.33 4.22 13.98
C GLY A 48 -6.52 4.32 13.05
N SER A 49 -6.39 5.15 12.01
CA SER A 49 -7.42 5.31 10.96
C SER A 49 -7.40 4.11 10.01
N ASP A 50 -8.53 3.81 9.35
CA ASP A 50 -8.66 2.64 8.45
C ASP A 50 -8.31 3.00 6.99
N VAL A 51 -7.40 3.97 6.84
CA VAL A 51 -6.98 4.49 5.53
C VAL A 51 -5.78 3.68 5.01
N CYS A 52 -6.06 2.78 4.08
CA CYS A 52 -5.06 1.97 3.40
C CYS A 52 -4.72 2.60 2.05
N THR A 53 -3.46 2.47 1.64
CA THR A 53 -2.95 3.07 0.40
C THR A 53 -2.20 2.02 -0.41
N LEU A 54 -2.47 1.97 -1.71
CA LEU A 54 -1.78 1.05 -2.62
C LEU A 54 -0.59 1.75 -3.25
N PHE A 55 0.60 1.21 -2.98
CA PHE A 55 1.88 1.73 -3.48
C PHE A 55 2.45 0.72 -4.47
N ASP A 56 3.52 1.13 -5.16
CA ASP A 56 4.33 0.22 -5.98
C ASP A 56 5.26 -0.57 -5.04
N ALA A 57 5.38 -1.88 -5.26
CA ALA A 57 6.13 -2.78 -4.37
C ALA A 57 7.62 -2.42 -4.34
N ALA A 58 8.21 -2.20 -5.53
CA ALA A 58 9.66 -1.97 -5.67
C ALA A 58 10.03 -0.55 -5.20
N ALA A 59 9.15 0.42 -5.51
CA ALA A 59 9.35 1.85 -5.19
C ALA A 59 9.20 2.10 -3.68
N PHE A 60 8.24 1.38 -3.06
CA PHE A 60 8.00 1.47 -1.62
C PHE A 60 9.13 0.73 -0.86
N SER A 61 9.52 -0.46 -1.36
CA SER A 61 10.54 -1.30 -0.71
C SER A 61 11.90 -0.60 -0.64
N ARG A 62 12.29 0.07 -1.74
CA ARG A 62 13.54 0.83 -1.80
C ARG A 62 13.47 2.08 -0.90
N LEU A 63 12.27 2.70 -0.83
CA LEU A 63 12.00 3.88 0.03
C LEU A 63 12.28 3.55 1.52
N VAL A 64 11.74 2.42 1.97
CA VAL A 64 11.95 1.91 3.36
C VAL A 64 13.43 1.57 3.57
N GLY A 65 14.01 0.90 2.54
CA GLY A 65 15.41 0.48 2.56
C GLY A 65 16.41 1.64 2.53
N GLU A 66 15.96 2.83 2.11
CA GLU A 66 16.73 4.08 2.25
C GLU A 66 16.69 4.58 3.69
N GLY A 67 15.55 4.35 4.36
CA GLY A 67 15.30 4.84 5.71
C GLY A 67 14.56 6.17 5.71
N LEU A 68 13.57 6.28 4.80
CA LEU A 68 12.72 7.46 4.66
C LEU A 68 11.37 7.23 5.39
N PRO A 69 10.70 8.33 5.88
CA PRO A 69 9.35 8.23 6.48
C PRO A 69 8.25 7.97 5.42
N HIS A 70 6.99 7.88 5.88
CA HIS A 70 5.84 7.62 4.99
C HIS A 70 5.69 8.75 3.93
N PRO A 71 5.62 8.39 2.60
CA PRO A 71 5.63 9.38 1.49
C PRO A 71 4.45 10.37 1.55
N LEU A 72 3.34 9.92 2.16
CA LEU A 72 2.13 10.76 2.34
C LEU A 72 2.23 11.64 3.60
N THR A 73 2.23 10.97 4.77
CA THR A 73 1.95 11.62 6.08
C THR A 73 3.19 11.64 7.01
N ARG A 74 4.27 10.96 6.59
CA ARG A 74 5.57 10.90 7.31
C ARG A 74 5.45 10.15 8.65
N GLU A 75 4.54 9.16 8.67
CA GLU A 75 4.45 8.16 9.76
C GLU A 75 5.65 7.18 9.70
N PRO A 76 6.03 6.52 10.85
CA PRO A 76 7.09 5.50 10.86
C PRO A 76 6.69 4.24 10.08
N ILE A 77 7.27 4.07 8.86
CA ILE A 77 7.06 2.88 8.04
C ILE A 77 7.65 1.64 8.73
N THR A 78 6.76 0.69 9.04
CA THR A 78 7.13 -0.58 9.65
C THR A 78 6.06 -1.62 9.33
N ALA A 79 6.30 -2.86 9.78
CA ALA A 79 5.38 -4.00 9.58
C ALA A 79 3.97 -3.73 10.15
N SER A 80 3.90 -2.90 11.21
CA SER A 80 2.64 -2.57 11.91
C SER A 80 1.59 -1.95 10.97
N ILE A 81 2.03 -1.07 10.03
CA ILE A 81 1.10 -0.43 9.08
C ILE A 81 0.96 -1.26 7.79
N ILE A 82 1.90 -2.17 7.50
CA ILE A 82 1.76 -3.05 6.32
C ILE A 82 0.63 -4.06 6.55
N VAL A 83 -0.36 -4.08 5.64
CA VAL A 83 -1.55 -4.94 5.73
C VAL A 83 -1.67 -5.85 4.50
N LYS A 84 -2.54 -6.86 4.61
CA LYS A 84 -2.79 -7.88 3.56
C LYS A 84 -3.77 -7.35 2.48
N HIS A 85 -4.01 -8.18 1.45
CA HIS A 85 -4.87 -7.82 0.31
C HIS A 85 -6.35 -7.67 0.74
N GLU A 86 -6.81 -8.63 1.56
CA GLU A 86 -8.24 -8.73 1.96
C GLU A 86 -8.62 -7.56 2.89
N GLU A 87 -7.63 -7.05 3.64
CA GLU A 87 -7.78 -5.88 4.50
C GLU A 87 -8.30 -4.68 3.68
N CYS A 88 -7.53 -4.30 2.65
CA CYS A 88 -7.78 -3.07 1.91
C CYS A 88 -8.73 -3.33 0.74
N ILE A 89 -9.94 -2.77 0.84
CA ILE A 89 -11.03 -2.97 -0.13
C ILE A 89 -11.40 -1.60 -0.71
N TYR A 90 -11.55 -1.52 -2.04
CA TYR A 90 -11.87 -0.25 -2.72
C TYR A 90 -13.27 0.23 -2.35
N ASP A 91 -13.35 1.46 -1.84
CA ASP A 91 -14.62 2.11 -1.50
C ASP A 91 -14.74 3.41 -2.30
N ASP A 92 -15.75 3.45 -3.19
CA ASP A 92 -16.01 4.60 -4.07
C ASP A 92 -16.47 5.84 -3.28
N THR A 93 -17.32 5.63 -2.25
CA THR A 93 -17.88 6.73 -1.42
C THR A 93 -16.76 7.56 -0.75
N ARG A 94 -15.75 6.85 -0.19
CA ARG A 94 -14.58 7.49 0.44
C ARG A 94 -13.56 7.90 -0.64
N GLY A 95 -13.51 7.09 -1.71
CA GLY A 95 -12.50 7.23 -2.76
C GLY A 95 -11.13 6.73 -2.31
N ASN A 96 -11.14 5.66 -1.49
CA ASN A 96 -9.89 5.09 -0.90
C ASN A 96 -10.15 3.65 -0.41
N PHE A 97 -9.06 2.89 -0.16
CA PHE A 97 -9.13 1.51 0.36
C PHE A 97 -9.36 1.52 1.88
N ILE A 98 -10.38 0.77 2.34
CA ILE A 98 -10.79 0.70 3.76
C ILE A 98 -10.39 -0.67 4.31
N ILE A 99 -10.24 -0.81 5.64
CA ILE A 99 -9.76 -2.07 6.25
C ILE A 99 -10.92 -3.04 6.56
N LYS A 100 -10.67 -4.32 6.23
CA LYS A 100 -11.61 -5.43 6.33
C LYS A 100 -10.83 -6.69 6.73
N GLY A 101 -10.76 -6.90 8.04
CA GLY A 101 -10.18 -8.10 8.62
C GLY A 101 -10.93 -8.58 9.85
N ASN A 102 -12.01 -7.86 10.19
CA ASN A 102 -12.90 -8.16 11.32
C ASN A 102 -14.36 -8.11 10.82
N SER A 1 11.78 -5.51 12.51
CA SER A 1 12.80 -4.55 12.01
C SER A 1 12.68 -4.41 10.48
N GLN A 2 13.63 -3.68 9.86
CA GLN A 2 13.64 -3.39 8.41
C GLN A 2 13.54 -4.66 7.57
N GLU A 3 14.27 -5.70 7.99
CA GLU A 3 14.31 -7.01 7.31
C GLU A 3 12.89 -7.59 7.10
N SER A 4 12.04 -7.49 8.13
CA SER A 4 10.69 -8.07 8.10
C SER A 4 9.79 -7.28 7.13
N ILE A 5 10.00 -5.95 7.12
CA ILE A 5 9.26 -5.01 6.26
C ILE A 5 9.55 -5.31 4.78
N GLN A 6 10.85 -5.44 4.46
CA GLN A 6 11.33 -5.73 3.10
C GLN A 6 10.80 -7.08 2.61
N ASN A 7 10.89 -8.11 3.48
CA ASN A 7 10.35 -9.45 3.20
C ASN A 7 8.85 -9.40 2.93
N LYS A 8 8.14 -8.54 3.69
CA LYS A 8 6.69 -8.33 3.51
C LYS A 8 6.39 -7.88 2.09
N ILE A 9 7.07 -6.82 1.68
CA ILE A 9 6.83 -6.18 0.37
C ILE A 9 7.27 -7.10 -0.81
N SER A 10 8.08 -8.13 -0.47
CA SER A 10 8.50 -9.18 -1.42
C SER A 10 7.41 -10.26 -1.63
N GLN A 11 6.81 -10.75 -0.54
CA GLN A 11 5.81 -11.87 -0.61
C GLN A 11 4.37 -11.33 -0.65
N CYS A 12 4.05 -10.40 0.25
CA CYS A 12 2.70 -9.81 0.44
C CYS A 12 2.26 -8.90 -0.72
N LYS A 13 3.20 -8.58 -1.65
CA LYS A 13 2.87 -7.86 -2.90
C LYS A 13 1.93 -8.73 -3.79
N PHE A 14 1.35 -8.10 -4.82
CA PHE A 14 0.41 -8.76 -5.75
C PHE A 14 0.40 -8.01 -7.09
N SER A 15 -0.15 -8.66 -8.12
CA SER A 15 -0.30 -8.07 -9.45
C SER A 15 -1.40 -6.98 -9.47
N VAL A 16 -0.96 -5.71 -9.33
CA VAL A 16 -1.84 -4.55 -9.33
C VAL A 16 -2.27 -4.19 -10.77
N CYS A 17 -3.48 -4.60 -11.11
CA CYS A 17 -4.10 -4.34 -12.41
C CYS A 17 -5.56 -3.92 -12.18
N PRO A 18 -6.10 -2.91 -12.94
CA PRO A 18 -7.48 -2.38 -12.74
C PRO A 18 -8.58 -3.42 -13.08
N GLU A 19 -8.23 -4.36 -13.97
CA GLU A 19 -9.09 -5.50 -14.35
C GLU A 19 -9.27 -6.50 -13.18
N ARG A 20 -8.27 -6.57 -12.29
CA ARG A 20 -8.24 -7.53 -11.16
C ARG A 20 -8.91 -6.94 -9.92
N LEU A 21 -8.44 -5.75 -9.53
CA LEU A 21 -8.96 -5.01 -8.36
C LEU A 21 -10.36 -4.42 -8.62
N GLN A 22 -10.74 -4.33 -9.92
CA GLN A 22 -12.05 -3.79 -10.37
C GLN A 22 -12.17 -2.27 -10.12
N CYS A 23 -11.05 -1.63 -9.76
CA CYS A 23 -10.98 -0.21 -9.42
C CYS A 23 -10.29 0.54 -10.57
N PRO A 24 -10.65 1.85 -10.85
CA PRO A 24 -10.00 2.64 -11.93
C PRO A 24 -8.49 2.87 -11.65
N LEU A 25 -7.75 3.34 -12.70
CA LEU A 25 -6.29 3.51 -12.64
C LEU A 25 -5.92 4.46 -11.47
N GLU A 26 -6.57 5.64 -11.42
CA GLU A 26 -6.39 6.65 -10.34
C GLU A 26 -6.52 6.03 -8.93
N ALA A 27 -7.51 5.12 -8.78
CA ALA A 27 -7.84 4.50 -7.48
C ALA A 27 -6.71 3.59 -6.98
N ILE A 28 -6.09 2.87 -7.92
CA ILE A 28 -5.03 1.88 -7.60
C ILE A 28 -3.64 2.50 -7.76
N GLN A 29 -3.60 3.79 -8.13
CA GLN A 29 -2.37 4.47 -8.58
C GLN A 29 -1.39 4.64 -7.42
N CYS A 30 -0.14 4.20 -7.62
CA CYS A 30 0.93 4.37 -6.65
C CYS A 30 1.24 5.87 -6.48
N PRO A 31 0.98 6.46 -5.27
CA PRO A 31 1.24 7.91 -5.00
C PRO A 31 2.73 8.28 -5.11
N ILE A 32 3.61 7.26 -5.00
CA ILE A 32 5.06 7.41 -5.06
C ILE A 32 5.50 7.67 -6.52
N THR A 33 5.05 6.80 -7.43
CA THR A 33 5.47 6.81 -8.85
C THR A 33 4.40 7.43 -9.78
N LEU A 34 3.33 7.99 -9.17
CA LEU A 34 2.14 8.61 -9.85
C LEU A 34 1.61 7.78 -11.05
N GLU A 35 1.74 6.46 -10.98
CA GLU A 35 1.37 5.55 -12.08
C GLU A 35 0.83 4.21 -11.51
N GLN A 36 0.35 3.32 -12.40
CA GLN A 36 -0.09 1.96 -12.02
C GLN A 36 1.12 1.19 -11.44
N PRO A 37 1.04 0.65 -10.19
CA PRO A 37 2.08 -0.24 -9.64
C PRO A 37 2.44 -1.43 -10.58
N GLU A 38 1.40 -2.16 -11.08
CA GLU A 38 1.56 -3.44 -11.85
C GLU A 38 1.89 -4.59 -10.88
N LYS A 39 2.86 -4.33 -9.99
CA LYS A 39 3.17 -5.14 -8.82
C LYS A 39 3.27 -4.16 -7.64
N GLY A 40 2.31 -4.23 -6.71
CA GLY A 40 2.30 -3.35 -5.54
C GLY A 40 1.76 -4.04 -4.31
N ILE A 41 1.53 -3.27 -3.24
CA ILE A 41 1.17 -3.82 -1.93
C ILE A 41 0.31 -2.82 -1.15
N PHE A 42 -0.76 -3.33 -0.52
CA PHE A 42 -1.66 -2.54 0.34
C PHE A 42 -1.01 -2.28 1.71
N VAL A 43 -0.68 -1.00 1.97
CA VAL A 43 -0.09 -0.55 3.24
C VAL A 43 -0.89 0.65 3.78
N LYS A 44 -1.08 0.67 5.11
CA LYS A 44 -1.81 1.75 5.83
C LYS A 44 -1.10 3.10 5.70
N ASN A 45 -1.93 4.14 5.50
CA ASN A 45 -1.50 5.53 5.66
C ASN A 45 -1.21 5.80 7.16
N SER A 46 -2.15 5.37 8.01
CA SER A 46 -2.01 5.42 9.48
C SER A 46 -2.53 4.10 10.08
N ASP A 47 -1.81 3.58 11.08
CA ASP A 47 -2.07 2.26 11.70
C ASP A 47 -3.47 2.20 12.37
N GLY A 48 -3.77 3.24 13.16
CA GLY A 48 -5.00 3.31 13.96
C GLY A 48 -6.26 3.54 13.14
N SER A 49 -6.23 4.54 12.23
CA SER A 49 -7.41 4.89 11.39
C SER A 49 -7.55 3.87 10.26
N ASP A 50 -8.79 3.64 9.75
CA ASP A 50 -9.06 2.62 8.69
C ASP A 50 -8.73 3.15 7.27
N VAL A 51 -7.58 3.81 7.12
CA VAL A 51 -7.12 4.36 5.82
C VAL A 51 -5.89 3.59 5.31
N CYS A 52 -6.15 2.73 4.34
CA CYS A 52 -5.12 1.97 3.61
C CYS A 52 -4.94 2.59 2.23
N THR A 53 -3.76 2.42 1.64
CA THR A 53 -3.43 2.97 0.32
C THR A 53 -2.51 1.98 -0.42
N LEU A 54 -2.68 1.91 -1.75
CA LEU A 54 -1.94 1.00 -2.60
C LEU A 54 -0.70 1.70 -3.18
N PHE A 55 0.46 1.12 -2.92
CA PHE A 55 1.76 1.62 -3.38
C PHE A 55 2.38 0.63 -4.35
N ASP A 56 3.43 1.06 -5.05
CA ASP A 56 4.25 0.17 -5.90
C ASP A 56 5.21 -0.61 -5.00
N ALA A 57 5.39 -1.90 -5.26
CA ALA A 57 6.18 -2.80 -4.42
C ALA A 57 7.68 -2.43 -4.43
N ALA A 58 8.19 -2.11 -5.63
CA ALA A 58 9.61 -1.78 -5.81
C ALA A 58 9.92 -0.40 -5.19
N ALA A 59 9.01 0.56 -5.43
CA ALA A 59 9.16 1.96 -5.01
C ALA A 59 9.01 2.10 -3.49
N PHE A 60 8.06 1.34 -2.91
CA PHE A 60 7.79 1.39 -1.47
C PHE A 60 8.92 0.69 -0.70
N SER A 61 9.35 -0.51 -1.18
CA SER A 61 10.41 -1.29 -0.53
C SER A 61 11.72 -0.50 -0.45
N ARG A 62 12.09 0.17 -1.56
CA ARG A 62 13.32 0.97 -1.61
C ARG A 62 13.19 2.23 -0.74
N LEU A 63 11.96 2.80 -0.68
CA LEU A 63 11.64 3.98 0.15
C LEU A 63 11.92 3.69 1.64
N VAL A 64 11.36 2.56 2.13
CA VAL A 64 11.55 2.10 3.52
C VAL A 64 13.03 1.77 3.75
N GLY A 65 13.63 1.07 2.77
CA GLY A 65 15.03 0.64 2.83
C GLY A 65 16.03 1.80 2.90
N GLU A 66 15.67 2.93 2.28
CA GLU A 66 16.45 4.19 2.33
C GLU A 66 16.31 4.89 3.70
N GLY A 67 15.22 4.56 4.42
CA GLY A 67 14.92 5.17 5.71
C GLY A 67 14.08 6.42 5.58
N LEU A 68 13.45 6.59 4.41
CA LEU A 68 12.56 7.71 4.12
C LEU A 68 11.22 7.51 4.86
N PRO A 69 10.61 8.61 5.40
CA PRO A 69 9.30 8.53 6.10
C PRO A 69 8.15 8.23 5.10
N HIS A 70 6.95 7.96 5.64
CA HIS A 70 5.79 7.53 4.84
C HIS A 70 5.47 8.54 3.71
N PRO A 71 5.34 8.07 2.42
CA PRO A 71 5.14 8.95 1.22
C PRO A 71 3.98 9.93 1.39
N LEU A 72 2.94 9.51 2.12
CA LEU A 72 1.73 10.31 2.36
C LEU A 72 1.87 11.23 3.59
N THR A 73 1.92 10.61 4.79
CA THR A 73 1.73 11.33 6.08
C THR A 73 3.04 11.45 6.90
N ARG A 74 4.13 10.85 6.37
CA ARG A 74 5.50 10.93 6.95
C ARG A 74 5.59 10.19 8.30
N GLU A 75 4.73 9.17 8.46
CA GLU A 75 4.80 8.21 9.59
C GLU A 75 6.05 7.30 9.48
N PRO A 76 6.57 6.78 10.63
CA PRO A 76 7.64 5.74 10.60
C PRO A 76 7.11 4.42 10.02
N ILE A 77 7.53 4.09 8.79
CA ILE A 77 7.05 2.89 8.08
C ILE A 77 7.58 1.63 8.78
N THR A 78 6.65 0.70 9.02
CA THR A 78 6.92 -0.54 9.73
C THR A 78 6.08 -1.67 9.12
N ALA A 79 6.35 -2.91 9.57
CA ALA A 79 5.63 -4.11 9.11
C ALA A 79 4.18 -4.13 9.63
N SER A 80 3.95 -3.46 10.78
CA SER A 80 2.62 -3.37 11.43
C SER A 80 1.59 -2.63 10.53
N ILE A 81 2.00 -1.52 9.88
CA ILE A 81 1.11 -0.77 8.98
C ILE A 81 0.88 -1.53 7.65
N ILE A 82 1.83 -2.41 7.27
CA ILE A 82 1.63 -3.28 6.09
C ILE A 82 0.52 -4.31 6.39
N VAL A 83 -0.59 -4.23 5.64
CA VAL A 83 -1.81 -5.02 5.90
C VAL A 83 -2.18 -5.89 4.69
N LYS A 84 -3.09 -6.86 4.93
CA LYS A 84 -3.54 -7.86 3.93
C LYS A 84 -4.26 -7.21 2.74
N HIS A 85 -4.32 -7.97 1.64
CA HIS A 85 -5.12 -7.60 0.45
C HIS A 85 -6.61 -7.53 0.81
N GLU A 86 -7.02 -8.43 1.73
CA GLU A 86 -8.40 -8.58 2.19
C GLU A 86 -8.84 -7.32 2.95
N GLU A 87 -7.93 -6.85 3.84
CA GLU A 87 -8.16 -5.64 4.67
C GLU A 87 -8.58 -4.44 3.80
N CYS A 88 -7.76 -4.10 2.81
CA CYS A 88 -7.94 -2.86 2.05
C CYS A 88 -8.90 -3.09 0.87
N ILE A 89 -10.09 -2.46 0.98
CA ILE A 89 -11.17 -2.57 0.00
C ILE A 89 -11.42 -1.18 -0.59
N TYR A 90 -11.60 -1.09 -1.92
CA TYR A 90 -11.83 0.20 -2.57
C TYR A 90 -13.24 0.72 -2.26
N ASP A 91 -13.30 1.97 -1.81
CA ASP A 91 -14.54 2.69 -1.59
C ASP A 91 -14.46 4.02 -2.36
N ASP A 92 -15.27 4.11 -3.43
CA ASP A 92 -15.34 5.29 -4.30
C ASP A 92 -15.84 6.56 -3.55
N THR A 93 -16.76 6.37 -2.58
CA THR A 93 -17.34 7.48 -1.79
C THR A 93 -16.26 8.15 -0.91
N ARG A 94 -15.34 7.34 -0.35
CA ARG A 94 -14.21 7.84 0.45
C ARG A 94 -13.05 8.24 -0.47
N GLY A 95 -12.97 7.58 -1.64
CA GLY A 95 -11.90 7.80 -2.62
C GLY A 95 -10.59 7.18 -2.19
N ASN A 96 -10.67 6.09 -1.42
CA ASN A 96 -9.49 5.42 -0.83
C ASN A 96 -9.86 4.00 -0.38
N PHE A 97 -8.88 3.24 0.15
CA PHE A 97 -9.09 1.87 0.62
C PHE A 97 -9.39 1.86 2.14
N ILE A 98 -10.43 1.09 2.51
CA ILE A 98 -10.95 0.99 3.88
C ILE A 98 -10.60 -0.40 4.42
N ILE A 99 -10.53 -0.58 5.75
CA ILE A 99 -10.13 -1.87 6.36
C ILE A 99 -11.34 -2.77 6.65
N LYS A 100 -11.18 -4.06 6.26
CA LYS A 100 -12.23 -5.08 6.26
C LYS A 100 -11.59 -6.49 6.29
N GLY A 101 -11.71 -7.17 7.44
CA GLY A 101 -11.21 -8.54 7.59
C GLY A 101 -10.97 -8.86 9.05
N ASN A 102 -9.90 -8.27 9.61
CA ASN A 102 -9.49 -8.39 11.02
C ASN A 102 -9.08 -9.85 11.35
N SER A 1 11.89 -5.34 12.59
CA SER A 1 13.16 -5.13 11.86
C SER A 1 12.87 -4.62 10.44
N GLN A 2 13.85 -3.89 9.87
CA GLN A 2 13.78 -3.38 8.49
C GLN A 2 13.71 -4.56 7.49
N GLU A 3 14.38 -5.67 7.87
CA GLU A 3 14.36 -6.95 7.12
C GLU A 3 12.93 -7.50 7.00
N SER A 4 12.17 -7.40 8.10
CA SER A 4 10.81 -7.96 8.19
C SER A 4 9.86 -7.17 7.29
N ILE A 5 10.06 -5.84 7.28
CA ILE A 5 9.26 -4.90 6.47
C ILE A 5 9.49 -5.17 4.97
N GLN A 6 10.77 -5.32 4.58
CA GLN A 6 11.17 -5.63 3.20
C GLN A 6 10.58 -6.97 2.73
N ASN A 7 10.71 -8.00 3.57
CA ASN A 7 10.16 -9.35 3.29
C ASN A 7 8.64 -9.28 3.12
N LYS A 8 7.99 -8.43 3.94
CA LYS A 8 6.54 -8.20 3.85
C LYS A 8 6.17 -7.66 2.47
N ILE A 9 6.88 -6.62 2.04
CA ILE A 9 6.63 -5.96 0.74
C ILE A 9 6.92 -6.94 -0.44
N SER A 10 7.69 -8.02 -0.15
CA SER A 10 8.09 -9.03 -1.17
C SER A 10 6.97 -10.07 -1.42
N GLN A 11 6.32 -10.53 -0.35
CA GLN A 11 5.32 -11.63 -0.40
C GLN A 11 3.87 -11.10 -0.24
N CYS A 12 3.71 -10.04 0.55
CA CYS A 12 2.39 -9.42 0.86
C CYS A 12 1.93 -8.46 -0.26
N LYS A 13 2.81 -8.25 -1.26
CA LYS A 13 2.43 -7.55 -2.51
C LYS A 13 1.38 -8.36 -3.33
N PHE A 14 0.96 -7.80 -4.47
CA PHE A 14 0.00 -8.44 -5.38
C PHE A 14 0.05 -7.74 -6.75
N SER A 15 -0.47 -8.43 -7.77
CA SER A 15 -0.54 -7.91 -9.14
C SER A 15 -1.60 -6.80 -9.25
N VAL A 16 -1.13 -5.54 -9.20
CA VAL A 16 -1.96 -4.34 -9.26
C VAL A 16 -2.28 -3.95 -10.72
N CYS A 17 -3.47 -4.33 -11.17
CA CYS A 17 -3.96 -4.00 -12.51
C CYS A 17 -5.46 -3.62 -12.39
N PRO A 18 -5.93 -2.53 -13.09
CA PRO A 18 -7.25 -1.89 -12.85
C PRO A 18 -8.45 -2.84 -13.08
N GLU A 19 -8.49 -3.48 -14.26
CA GLU A 19 -9.58 -4.40 -14.67
C GLU A 19 -9.60 -5.67 -13.80
N ARG A 20 -8.43 -6.09 -13.29
CA ARG A 20 -8.31 -7.23 -12.36
C ARG A 20 -8.96 -6.87 -11.02
N LEU A 21 -8.49 -5.75 -10.45
CA LEU A 21 -8.98 -5.17 -9.18
C LEU A 21 -10.41 -4.58 -9.29
N GLN A 22 -10.95 -4.49 -10.53
CA GLN A 22 -12.30 -3.95 -10.84
C GLN A 22 -12.39 -2.42 -10.63
N CYS A 23 -11.25 -1.78 -10.30
CA CYS A 23 -11.18 -0.35 -9.93
C CYS A 23 -10.59 0.46 -11.10
N PRO A 24 -10.77 1.82 -11.14
CA PRO A 24 -10.05 2.69 -12.10
C PRO A 24 -8.56 2.84 -11.71
N LEU A 25 -7.73 3.30 -12.68
CA LEU A 25 -6.27 3.45 -12.53
C LEU A 25 -5.96 4.37 -11.35
N GLU A 26 -6.59 5.55 -11.30
CA GLU A 26 -6.37 6.57 -10.26
C GLU A 26 -6.62 6.04 -8.84
N ALA A 27 -7.63 5.14 -8.71
CA ALA A 27 -8.01 4.54 -7.42
C ALA A 27 -6.87 3.69 -6.84
N ILE A 28 -6.16 2.99 -7.75
CA ILE A 28 -5.09 2.04 -7.39
C ILE A 28 -3.69 2.65 -7.64
N GLN A 29 -3.66 3.93 -8.07
CA GLN A 29 -2.45 4.57 -8.60
C GLN A 29 -1.46 4.86 -7.46
N CYS A 30 -0.21 4.40 -7.66
CA CYS A 30 0.87 4.57 -6.69
C CYS A 30 1.20 6.06 -6.51
N PRO A 31 1.06 6.63 -5.27
CA PRO A 31 1.41 8.05 -4.97
C PRO A 31 2.92 8.35 -5.16
N ILE A 32 3.75 7.30 -5.12
CA ILE A 32 5.21 7.41 -5.19
C ILE A 32 5.63 7.58 -6.67
N THR A 33 5.17 6.67 -7.53
CA THR A 33 5.59 6.61 -8.95
C THR A 33 4.52 7.22 -9.90
N LEU A 34 3.47 7.86 -9.32
CA LEU A 34 2.33 8.52 -10.05
C LEU A 34 1.78 7.69 -11.23
N GLU A 35 1.74 6.35 -11.07
CA GLU A 35 1.35 5.44 -12.16
C GLU A 35 0.81 4.12 -11.58
N GLN A 36 0.38 3.21 -12.48
CA GLN A 36 -0.02 1.84 -12.08
C GLN A 36 1.19 1.10 -11.48
N PRO A 37 1.10 0.62 -10.21
CA PRO A 37 2.12 -0.25 -9.61
C PRO A 37 2.49 -1.48 -10.48
N GLU A 38 1.45 -2.20 -11.00
CA GLU A 38 1.57 -3.50 -11.72
C GLU A 38 1.81 -4.64 -10.72
N LYS A 39 2.75 -4.40 -9.80
CA LYS A 39 3.00 -5.17 -8.59
C LYS A 39 3.17 -4.15 -7.46
N GLY A 40 2.20 -4.11 -6.55
CA GLY A 40 2.21 -3.18 -5.41
C GLY A 40 1.64 -3.81 -4.17
N ILE A 41 1.51 -3.02 -3.10
CA ILE A 41 1.16 -3.54 -1.77
C ILE A 41 0.28 -2.53 -1.02
N PHE A 42 -0.74 -3.07 -0.32
CA PHE A 42 -1.61 -2.29 0.57
C PHE A 42 -0.86 -1.98 1.88
N VAL A 43 -0.58 -0.69 2.08
CA VAL A 43 0.05 -0.18 3.30
C VAL A 43 -0.80 1.01 3.80
N LYS A 44 -1.03 1.04 5.12
CA LYS A 44 -1.75 2.12 5.81
C LYS A 44 -1.09 3.49 5.61
N ASN A 45 -1.92 4.51 5.38
CA ASN A 45 -1.48 5.91 5.44
C ASN A 45 -1.00 6.22 6.86
N SER A 46 -1.85 5.87 7.84
CA SER A 46 -1.60 6.09 9.26
C SER A 46 -2.06 4.86 10.06
N ASP A 47 -1.21 4.41 10.99
CA ASP A 47 -1.36 3.14 11.73
C ASP A 47 -2.69 3.09 12.53
N GLY A 48 -2.91 4.11 13.37
CA GLY A 48 -4.08 4.18 14.26
C GLY A 48 -5.31 4.82 13.58
N SER A 49 -5.50 4.51 12.30
CA SER A 49 -6.66 4.94 11.50
C SER A 49 -7.24 3.74 10.72
N ASP A 50 -8.22 3.98 9.84
CA ASP A 50 -8.85 2.92 9.01
C ASP A 50 -8.53 3.12 7.52
N VAL A 51 -7.61 4.07 7.21
CA VAL A 51 -7.28 4.46 5.83
C VAL A 51 -6.07 3.65 5.32
N CYS A 52 -6.32 2.85 4.29
CA CYS A 52 -5.31 2.06 3.58
C CYS A 52 -5.04 2.71 2.21
N THR A 53 -3.81 2.57 1.70
CA THR A 53 -3.40 3.16 0.41
C THR A 53 -2.52 2.17 -0.35
N LEU A 54 -2.69 2.11 -1.66
CA LEU A 54 -1.95 1.21 -2.53
C LEU A 54 -0.73 1.93 -3.13
N PHE A 55 0.43 1.33 -2.88
CA PHE A 55 1.72 1.84 -3.36
C PHE A 55 2.32 0.84 -4.34
N ASP A 56 3.39 1.24 -5.03
CA ASP A 56 4.20 0.33 -5.85
C ASP A 56 5.11 -0.46 -4.92
N ALA A 57 5.25 -1.78 -5.18
CA ALA A 57 6.02 -2.68 -4.32
C ALA A 57 7.51 -2.33 -4.35
N ALA A 58 8.05 -2.13 -5.55
CA ALA A 58 9.50 -1.88 -5.75
C ALA A 58 9.90 -0.49 -5.21
N ALA A 59 8.97 0.48 -5.36
CA ALA A 59 9.19 1.88 -4.98
C ALA A 59 9.08 2.05 -3.45
N PHE A 60 8.09 1.35 -2.85
CA PHE A 60 7.88 1.42 -1.39
C PHE A 60 8.97 0.62 -0.66
N SER A 61 9.44 -0.48 -1.29
CA SER A 61 10.50 -1.33 -0.73
C SER A 61 11.84 -0.56 -0.67
N ARG A 62 12.24 0.07 -1.79
CA ARG A 62 13.49 0.86 -1.82
C ARG A 62 13.41 2.00 -0.80
N LEU A 63 12.23 2.63 -0.71
CA LEU A 63 11.93 3.78 0.17
C LEU A 63 12.30 3.45 1.63
N VAL A 64 11.78 2.30 2.11
CA VAL A 64 12.07 1.78 3.46
C VAL A 64 13.57 1.51 3.62
N GLY A 65 14.15 0.87 2.59
CA GLY A 65 15.56 0.47 2.58
C GLY A 65 16.53 1.65 2.56
N GLU A 66 16.07 2.83 2.05
CA GLU A 66 16.85 4.09 2.08
C GLU A 66 16.85 4.68 3.50
N GLY A 67 15.80 4.32 4.27
CA GLY A 67 15.59 4.83 5.63
C GLY A 67 14.75 6.09 5.63
N LEU A 68 13.84 6.19 4.65
CA LEU A 68 12.94 7.34 4.48
C LEU A 68 11.59 7.07 5.18
N PRO A 69 10.86 8.14 5.62
CA PRO A 69 9.54 8.01 6.29
C PRO A 69 8.41 7.74 5.28
N HIS A 70 7.17 7.58 5.79
CA HIS A 70 6.01 7.26 4.95
C HIS A 70 5.75 8.37 3.90
N PRO A 71 5.64 8.02 2.58
CA PRO A 71 5.51 9.00 1.47
C PRO A 71 4.36 10.00 1.65
N LEU A 72 3.26 9.56 2.28
CA LEU A 72 2.06 10.40 2.46
C LEU A 72 2.21 11.36 3.65
N THR A 73 2.29 10.79 4.86
CA THR A 73 2.09 11.54 6.12
C THR A 73 3.34 11.51 7.03
N ARG A 74 4.34 10.71 6.62
CA ARG A 74 5.64 10.56 7.31
C ARG A 74 5.51 9.77 8.63
N GLU A 75 4.67 8.71 8.59
CA GLU A 75 4.65 7.66 9.62
C GLU A 75 5.99 6.92 9.65
N PRO A 76 6.41 6.42 10.84
CA PRO A 76 7.53 5.48 10.95
C PRO A 76 7.10 4.11 10.33
N ILE A 77 7.54 3.86 9.08
CA ILE A 77 7.15 2.66 8.31
C ILE A 77 7.54 1.37 9.07
N THR A 78 6.54 0.51 9.24
CA THR A 78 6.62 -0.68 10.08
C THR A 78 5.79 -1.82 9.47
N ALA A 79 6.00 -3.03 9.97
CA ALA A 79 5.21 -4.22 9.61
C ALA A 79 3.74 -4.07 10.07
N SER A 80 3.56 -3.25 11.12
CA SER A 80 2.25 -2.96 11.73
C SER A 80 1.31 -2.20 10.76
N ILE A 81 1.87 -1.28 9.93
CA ILE A 81 1.06 -0.53 8.93
C ILE A 81 0.85 -1.36 7.66
N ILE A 82 1.73 -2.33 7.41
CA ILE A 82 1.60 -3.24 6.25
C ILE A 82 0.44 -4.22 6.49
N VAL A 83 -0.51 -4.25 5.56
CA VAL A 83 -1.70 -5.13 5.63
C VAL A 83 -1.82 -5.94 4.31
N LYS A 84 -2.75 -6.92 4.31
CA LYS A 84 -2.95 -7.85 3.17
C LYS A 84 -3.97 -7.29 2.16
N HIS A 85 -4.21 -8.08 1.10
CA HIS A 85 -5.11 -7.70 -0.01
C HIS A 85 -6.57 -7.52 0.47
N GLU A 86 -7.02 -8.47 1.30
CA GLU A 86 -8.40 -8.50 1.81
C GLU A 86 -8.62 -7.39 2.83
N GLU A 87 -7.57 -7.10 3.60
CA GLU A 87 -7.54 -6.06 4.64
C GLU A 87 -7.67 -4.62 4.09
N CYS A 88 -7.78 -4.43 2.76
CA CYS A 88 -8.05 -3.12 2.18
C CYS A 88 -8.97 -3.30 0.97
N ILE A 89 -10.13 -2.62 0.99
CA ILE A 89 -11.14 -2.75 -0.07
C ILE A 89 -11.49 -1.35 -0.60
N TYR A 90 -11.42 -1.17 -1.93
CA TYR A 90 -11.81 0.09 -2.58
C TYR A 90 -13.31 0.35 -2.32
N ASP A 91 -13.58 1.33 -1.48
CA ASP A 91 -14.93 1.87 -1.29
C ASP A 91 -15.06 3.07 -2.23
N ASP A 92 -16.03 2.99 -3.14
CA ASP A 92 -16.29 4.01 -4.17
C ASP A 92 -16.75 5.35 -3.54
N THR A 93 -17.58 5.26 -2.50
CA THR A 93 -18.15 6.45 -1.81
C THR A 93 -17.05 7.23 -1.06
N ARG A 94 -16.04 6.50 -0.55
CA ARG A 94 -14.86 7.10 0.11
C ARG A 94 -13.81 7.51 -0.94
N GLY A 95 -13.77 6.75 -2.06
CA GLY A 95 -12.79 6.93 -3.13
C GLY A 95 -11.40 6.40 -2.78
N ASN A 96 -11.33 5.43 -1.83
CA ASN A 96 -10.05 4.89 -1.33
C ASN A 96 -10.28 3.51 -0.66
N PHE A 97 -9.18 2.80 -0.38
CA PHE A 97 -9.18 1.50 0.28
C PHE A 97 -9.38 1.66 1.80
N ILE A 98 -10.39 0.96 2.33
CA ILE A 98 -10.76 0.98 3.76
C ILE A 98 -10.46 -0.41 4.34
N ILE A 99 -10.11 -0.49 5.63
CA ILE A 99 -9.71 -1.75 6.26
C ILE A 99 -10.89 -2.74 6.38
N LYS A 100 -10.66 -3.95 5.84
CA LYS A 100 -11.58 -5.09 5.95
C LYS A 100 -10.74 -6.26 6.48
N GLY A 101 -10.44 -6.21 7.78
CA GLY A 101 -9.74 -7.28 8.48
C GLY A 101 -10.70 -8.20 9.22
N ASN A 102 -11.96 -7.77 9.36
CA ASN A 102 -12.99 -8.48 10.14
C ASN A 102 -14.16 -8.91 9.21
#